data_1PKV
# 
_entry.id   1PKV 
# 
_audit_conform.dict_name       mmcif_pdbx.dic 
_audit_conform.dict_version    5.376 
_audit_conform.dict_location   http://mmcif.pdb.org/dictionaries/ascii/mmcif_pdbx.dic 
# 
loop_
_database_2.database_id 
_database_2.database_code 
_database_2.pdbx_database_accession 
_database_2.pdbx_DOI 
PDB   1PKV         pdb_00001pkv 10.2210/pdb1pkv/pdb 
RCSB  RCSB019397   ?            ?                   
WWPDB D_1000019397 ?            ?                   
# 
loop_
_pdbx_database_related.db_name 
_pdbx_database_related.db_id 
_pdbx_database_related.details 
_pdbx_database_related.content_type 
PDB 1HZE 'Solution Structure Of The N-Terminal Domain Of Riboflavin Synthase From E. Coli' unspecified 
PDB 1I8D 'Crystal Structure Of Riboflavin Synthase'                                        unspecified 
PDB 1KZL 'Riboflavin Synthase From S. Pombe Bound To Carboxyethyllumazine'                 unspecified 
# 
_pdbx_database_status.status_code                     REL 
_pdbx_database_status.entry_id                        1PKV 
_pdbx_database_status.recvd_initial_deposition_date   2003-06-06 
_pdbx_database_status.deposit_site                    RCSB 
_pdbx_database_status.process_site                    RCSB 
_pdbx_database_status.status_code_sf                  REL 
_pdbx_database_status.SG_entry                        . 
_pdbx_database_status.pdb_format_compatible           Y 
_pdbx_database_status.status_code_mr                  ? 
_pdbx_database_status.status_code_cs                  ? 
_pdbx_database_status.status_code_nmr_data            ? 
_pdbx_database_status.methods_development_category    ? 
# 
loop_
_audit_author.name 
_audit_author.pdbx_ordinal 
'Meining, W.'    1 
'Eberhardt, S.'  2 
'Bacher, A.'     3 
'Ladenstein, R.' 4 
# 
loop_
_citation.id 
_citation.title 
_citation.journal_abbrev 
_citation.journal_volume 
_citation.page_first 
_citation.page_last 
_citation.year 
_citation.journal_id_ASTM 
_citation.country 
_citation.journal_id_ISSN 
_citation.journal_id_CSD 
_citation.book_publisher 
_citation.pdbx_database_id_PubMed 
_citation.pdbx_database_id_DOI 
primary 'The structure of the N-terminal domain of riboflavin synthase in complex with riboflavin at 2.6A resolution.' J.Mol.Biol. 
331 1053  1063  2003 JMOBAK UK 0022-2836 0070 ? 12927541 '10.1016/S0022-2836(03)00844-1'  
1       'Domain structure of riboflavin synthase' Eur.J.Biochem. 268 4315  4323  2001 EJBCAI IX 0014-2956 0262 ? ?        
10.1046/j.1432-1327.2001.02351.x 
2       
'Riboflavin Synthase of Escherichia coli. Effect of single amino acid substitutions on reaction rate and ligand binding properties' 
J.Biol.Chem.   276 11524 11530 2001 JBCHA3 US 0021-9258 0071 ? ?        10.1074/jbc.M008931200           
# 
loop_
_citation_author.citation_id 
_citation_author.name 
_citation_author.ordinal 
_citation_author.identifier_ORCID 
primary 'Meining, W.'    1  ? 
primary 'Eberhardt, S.'  2  ? 
primary 'Bacher, A.'     3  ? 
primary 'Ladenstein, R.' 4  ? 
1       'Eberhardt, S.'  5  ? 
1       'Zingler, N.'    6  ? 
1       'Kemter, K.'     7  ? 
1       'Richter, G.'    8  ? 
1       'Cushman, M.'    9  ? 
1       'Bacher, A.'     10 ? 
2       'Illarionov, B.' 11 ? 
2       'Kemter, K.'     12 ? 
2       'Eberhardt, S.'  13 ? 
2       'Richter, G.'    14 ? 
2       'Cushman, M.'    15 ? 
2       'Bacher, A.'     16 ? 
# 
_cell.entry_id           1PKV 
_cell.length_a           50.161 
_cell.length_b           104.383 
_cell.length_c           85.113 
_cell.angle_alpha        90.00 
_cell.angle_beta         90.00 
_cell.angle_gamma        90.00 
_cell.Z_PDB              16 
_cell.pdbx_unique_axis   ? 
# 
_symmetry.entry_id                         1PKV 
_symmetry.space_group_name_H-M             'C 2 2 21' 
_symmetry.pdbx_full_space_group_name_H-M   ? 
_symmetry.cell_setting                     ? 
_symmetry.Int_Tables_number                20 
# 
loop_
_entity.id 
_entity.type 
_entity.src_method 
_entity.pdbx_description 
_entity.formula_weight 
_entity.pdbx_number_of_molecules 
_entity.pdbx_ec 
_entity.pdbx_mutation 
_entity.pdbx_fragment 
_entity.details 
1 polymer     man 'Riboflavin synthase alpha chain' 10575.960 2  2.5.1.9 ? 'N-terminal domain' ? 
2 non-polymer syn RIBOFLAVIN                        376.364   2  ?       ? ?                   ? 
3 water       nat water                             18.015    37 ?       ? ?                   ? 
# 
_entity_poly.entity_id                      1 
_entity_poly.type                           'polypeptide(L)' 
_entity_poly.nstd_linkage                   no 
_entity_poly.nstd_monomer                   no 
_entity_poly.pdbx_seq_one_letter_code       
;MFTGIVQGTAKLVSIDEKPNFRTHVVELPDHMLDGLETGASVAHNGCCLTVTEINGNHVSFDLMKETLRITNLGDLKVGD
WVNVERAAKFSDEIGGH
;
_entity_poly.pdbx_seq_one_letter_code_can   
;MFTGIVQGTAKLVSIDEKPNFRTHVVELPDHMLDGLETGASVAHNGCCLTVTEINGNHVSFDLMKETLRITNLGDLKVGD
WVNVERAAKFSDEIGGH
;
_entity_poly.pdbx_strand_id                 A,B 
_entity_poly.pdbx_target_identifier         ? 
# 
loop_
_entity_poly_seq.entity_id 
_entity_poly_seq.num 
_entity_poly_seq.mon_id 
_entity_poly_seq.hetero 
1 1  MET n 
1 2  PHE n 
1 3  THR n 
1 4  GLY n 
1 5  ILE n 
1 6  VAL n 
1 7  GLN n 
1 8  GLY n 
1 9  THR n 
1 10 ALA n 
1 11 LYS n 
1 12 LEU n 
1 13 VAL n 
1 14 SER n 
1 15 ILE n 
1 16 ASP n 
1 17 GLU n 
1 18 LYS n 
1 19 PRO n 
1 20 ASN n 
1 21 PHE n 
1 22 ARG n 
1 23 THR n 
1 24 HIS n 
1 25 VAL n 
1 26 VAL n 
1 27 GLU n 
1 28 LEU n 
1 29 PRO n 
1 30 ASP n 
1 31 HIS n 
1 32 MET n 
1 33 LEU n 
1 34 ASP n 
1 35 GLY n 
1 36 LEU n 
1 37 GLU n 
1 38 THR n 
1 39 GLY n 
1 40 ALA n 
1 41 SER n 
1 42 VAL n 
1 43 ALA n 
1 44 HIS n 
1 45 ASN n 
1 46 GLY n 
1 47 CYS n 
1 48 CYS n 
1 49 LEU n 
1 50 THR n 
1 51 VAL n 
1 52 THR n 
1 53 GLU n 
1 54 ILE n 
1 55 ASN n 
1 56 GLY n 
1 57 ASN n 
1 58 HIS n 
1 59 VAL n 
1 60 SER n 
1 61 PHE n 
1 62 ASP n 
1 63 LEU n 
1 64 MET n 
1 65 LYS n 
1 66 GLU n 
1 67 THR n 
1 68 LEU n 
1 69 ARG n 
1 70 ILE n 
1 71 THR n 
1 72 ASN n 
1 73 LEU n 
1 74 GLY n 
1 75 ASP n 
1 76 LEU n 
1 77 LYS n 
1 78 VAL n 
1 79 GLY n 
1 80 ASP n 
1 81 TRP n 
1 82 VAL n 
1 83 ASN n 
1 84 VAL n 
1 85 GLU n 
1 86 ARG n 
1 87 ALA n 
1 88 ALA n 
1 89 LYS n 
1 90 PHE n 
1 91 SER n 
1 92 ASP n 
1 93 GLU n 
1 94 ILE n 
1 95 GLY n 
1 96 GLY n 
1 97 HIS n 
# 
_entity_src_gen.entity_id                          1 
_entity_src_gen.pdbx_src_id                        1 
_entity_src_gen.pdbx_alt_source_flag               sample 
_entity_src_gen.pdbx_seq_type                      ? 
_entity_src_gen.pdbx_beg_seq_num                   ? 
_entity_src_gen.pdbx_end_seq_num                   ? 
_entity_src_gen.gene_src_common_name               ? 
_entity_src_gen.gene_src_genus                     Escherichia 
_entity_src_gen.pdbx_gene_src_gene                 'RIBE OR RIBC OR B1662 OR SF1690' 
_entity_src_gen.gene_src_species                   ? 
_entity_src_gen.gene_src_strain                    ? 
_entity_src_gen.gene_src_tissue                    ? 
_entity_src_gen.gene_src_tissue_fraction           ? 
_entity_src_gen.gene_src_details                   ? 
_entity_src_gen.pdbx_gene_src_fragment             ? 
_entity_src_gen.pdbx_gene_src_scientific_name      'Escherichia coli' 
_entity_src_gen.pdbx_gene_src_ncbi_taxonomy_id     562 
_entity_src_gen.pdbx_gene_src_variant              ? 
_entity_src_gen.pdbx_gene_src_cell_line            ? 
_entity_src_gen.pdbx_gene_src_atcc                 ? 
_entity_src_gen.pdbx_gene_src_organ                ? 
_entity_src_gen.pdbx_gene_src_organelle            ? 
_entity_src_gen.pdbx_gene_src_cell                 ? 
_entity_src_gen.pdbx_gene_src_cellular_location    ? 
_entity_src_gen.host_org_common_name               ? 
_entity_src_gen.pdbx_host_org_scientific_name      'Escherichia coli' 
_entity_src_gen.pdbx_host_org_ncbi_taxonomy_id     562 
_entity_src_gen.host_org_genus                     Escherichia 
_entity_src_gen.pdbx_host_org_gene                 ? 
_entity_src_gen.pdbx_host_org_organ                ? 
_entity_src_gen.host_org_species                   ? 
_entity_src_gen.pdbx_host_org_tissue               ? 
_entity_src_gen.pdbx_host_org_tissue_fraction      ? 
_entity_src_gen.pdbx_host_org_strain               ? 
_entity_src_gen.pdbx_host_org_variant              ? 
_entity_src_gen.pdbx_host_org_cell_line            'XL1-Blue cells' 
_entity_src_gen.pdbx_host_org_atcc                 ? 
_entity_src_gen.pdbx_host_org_culture_collection   ? 
_entity_src_gen.pdbx_host_org_cell                 ? 
_entity_src_gen.pdbx_host_org_organelle            ? 
_entity_src_gen.pdbx_host_org_cellular_location    ? 
_entity_src_gen.pdbx_host_org_vector_type          ? 
_entity_src_gen.pdbx_host_org_vector               pNCO113 
_entity_src_gen.host_org_details                   ? 
_entity_src_gen.expression_system_id               ? 
_entity_src_gen.plasmid_name                       ? 
_entity_src_gen.plasmid_details                    ? 
_entity_src_gen.pdbx_description                   ? 
# 
_struct_ref.id                         1 
_struct_ref.db_name                    UNP 
_struct_ref.db_code                    RISA_ECOLI 
_struct_ref.pdbx_db_accession          P29015 
_struct_ref.entity_id                  1 
_struct_ref.pdbx_seq_one_letter_code   
;MFTGIVQGTAKLVSIDEKPNFRTHVVELPDHMLDGLETGASVAHNGCCLTVTEINGNHVSFDLMKETLRITNLGDLKVGD
WVNVERAAKFSDEIGGH
;
_struct_ref.pdbx_align_begin           1 
_struct_ref.pdbx_db_isoform            ? 
# 
loop_
_struct_ref_seq.align_id 
_struct_ref_seq.ref_id 
_struct_ref_seq.pdbx_PDB_id_code 
_struct_ref_seq.pdbx_strand_id 
_struct_ref_seq.seq_align_beg 
_struct_ref_seq.pdbx_seq_align_beg_ins_code 
_struct_ref_seq.seq_align_end 
_struct_ref_seq.pdbx_seq_align_end_ins_code 
_struct_ref_seq.pdbx_db_accession 
_struct_ref_seq.db_align_beg 
_struct_ref_seq.pdbx_db_align_beg_ins_code 
_struct_ref_seq.db_align_end 
_struct_ref_seq.pdbx_db_align_end_ins_code 
_struct_ref_seq.pdbx_auth_seq_align_beg 
_struct_ref_seq.pdbx_auth_seq_align_end 
1 1 1PKV A 1 ? 97 ? P29015 1 ? 97 ? 1 97 
2 1 1PKV B 1 ? 97 ? P29015 1 ? 97 ? 1 97 
# 
loop_
_chem_comp.id 
_chem_comp.type 
_chem_comp.mon_nstd_flag 
_chem_comp.name 
_chem_comp.pdbx_synonyms 
_chem_comp.formula 
_chem_comp.formula_weight 
ALA 'L-peptide linking' y ALANINE         ?                         'C3 H7 N O2'     89.093  
ARG 'L-peptide linking' y ARGININE        ?                         'C6 H15 N4 O2 1' 175.209 
ASN 'L-peptide linking' y ASPARAGINE      ?                         'C4 H8 N2 O3'    132.118 
ASP 'L-peptide linking' y 'ASPARTIC ACID' ?                         'C4 H7 N O4'     133.103 
CYS 'L-peptide linking' y CYSTEINE        ?                         'C3 H7 N O2 S'   121.158 
GLN 'L-peptide linking' y GLUTAMINE       ?                         'C5 H10 N2 O3'   146.144 
GLU 'L-peptide linking' y 'GLUTAMIC ACID' ?                         'C5 H9 N O4'     147.129 
GLY 'peptide linking'   y GLYCINE         ?                         'C2 H5 N O2'     75.067  
HIS 'L-peptide linking' y HISTIDINE       ?                         'C6 H10 N3 O2 1' 156.162 
HOH non-polymer         . WATER           ?                         'H2 O'           18.015  
ILE 'L-peptide linking' y ISOLEUCINE      ?                         'C6 H13 N O2'    131.173 
LEU 'L-peptide linking' y LEUCINE         ?                         'C6 H13 N O2'    131.173 
LYS 'L-peptide linking' y LYSINE          ?                         'C6 H15 N2 O2 1' 147.195 
MET 'L-peptide linking' y METHIONINE      ?                         'C5 H11 N O2 S'  149.211 
PHE 'L-peptide linking' y PHENYLALANINE   ?                         'C9 H11 N O2'    165.189 
PRO 'L-peptide linking' y PROLINE         ?                         'C5 H9 N O2'     115.130 
RBF non-polymer         . RIBOFLAVIN      'RIBOFLAVINE; VITAMIN B2' 'C17 H20 N4 O6'  376.364 
SER 'L-peptide linking' y SERINE          ?                         'C3 H7 N O3'     105.093 
THR 'L-peptide linking' y THREONINE       ?                         'C4 H9 N O3'     119.119 
TRP 'L-peptide linking' y TRYPTOPHAN      ?                         'C11 H12 N2 O2'  204.225 
VAL 'L-peptide linking' y VALINE          ?                         'C5 H11 N O2'    117.146 
# 
_exptl.entry_id          1PKV 
_exptl.method            'X-RAY DIFFRACTION' 
_exptl.crystals_number   1 
# 
_exptl_crystal.id                    1 
_exptl_crystal.density_meas          ? 
_exptl_crystal.density_Matthews      2.63 
_exptl_crystal.density_percent_sol   53.29 
_exptl_crystal.description           ? 
# 
_exptl_crystal_grow.crystal_id      1 
_exptl_crystal_grow.method          'VAPOR DIFFUSION, SITTING DROP' 
_exptl_crystal_grow.temp            295 
_exptl_crystal_grow.temp_details    ? 
_exptl_crystal_grow.pH              7.0 
_exptl_crystal_grow.pdbx_details    
'70 mM sodium potassium phosphate, pH 7.0, 100 mM sodium chloride, VAPOR DIFFUSION, SITTING DROP, temperature 295K' 
_exptl_crystal_grow.pdbx_pH_range   . 
# 
_diffrn.id                     1 
_diffrn.ambient_temp           110 
_diffrn.ambient_temp_details   ? 
_diffrn.crystal_id             1 
# 
_diffrn_detector.diffrn_id              1 
_diffrn_detector.detector               'IMAGE PLATE' 
_diffrn_detector.type                   MARRESEARCH 
_diffrn_detector.pdbx_collection_date   2000-03-17 
_diffrn_detector.details                ? 
# 
_diffrn_radiation.diffrn_id                        1 
_diffrn_radiation.wavelength_id                    1 
_diffrn_radiation.pdbx_monochromatic_or_laue_m_l   M 
_diffrn_radiation.monochromator                    ? 
_diffrn_radiation.pdbx_diffrn_protocol             'SINGLE WAVELENGTH' 
_diffrn_radiation.pdbx_scattering_type             x-ray 
# 
_diffrn_radiation_wavelength.id           1 
_diffrn_radiation_wavelength.wavelength   0.8424 
_diffrn_radiation_wavelength.wt           1.0 
# 
_diffrn_source.diffrn_id                   1 
_diffrn_source.source                      SYNCHROTRON 
_diffrn_source.type                        'EMBL/DESY, HAMBURG BEAMLINE X11' 
_diffrn_source.pdbx_synchrotron_site       'EMBL/DESY, HAMBURG' 
_diffrn_source.pdbx_synchrotron_beamline   X11 
_diffrn_source.pdbx_wavelength             ? 
_diffrn_source.pdbx_wavelength_list        0.8424 
# 
_reflns.entry_id                     1PKV 
_reflns.observed_criterion_sigma_F   0 
_reflns.observed_criterion_sigma_I   0 
_reflns.d_resolution_high            2.6 
_reflns.d_resolution_low             20 
_reflns.number_all                   7171 
_reflns.number_obs                   7131 
_reflns.percent_possible_obs         99.4 
_reflns.pdbx_Rmerge_I_obs            ? 
_reflns.pdbx_Rsym_value              ? 
_reflns.pdbx_netI_over_sigmaI        ? 
_reflns.B_iso_Wilson_estimate        ? 
_reflns.pdbx_redundancy              ? 
_reflns.R_free_details               ? 
_reflns.limit_h_max                  ? 
_reflns.limit_h_min                  ? 
_reflns.limit_k_max                  ? 
_reflns.limit_k_min                  ? 
_reflns.limit_l_max                  ? 
_reflns.limit_l_min                  ? 
_reflns.observed_criterion_F_max     ? 
_reflns.observed_criterion_F_min     ? 
_reflns.pdbx_ordinal                 1 
_reflns.pdbx_diffrn_id               1 
# 
_reflns_shell.d_res_high             2.60 
_reflns_shell.d_res_low              2.63 
_reflns_shell.percent_possible_all   100 
_reflns_shell.Rmerge_I_obs           ? 
_reflns_shell.pdbx_Rsym_value        ? 
_reflns_shell.meanI_over_sigI_obs    ? 
_reflns_shell.pdbx_redundancy        ? 
_reflns_shell.percent_possible_obs   ? 
_reflns_shell.number_unique_all      ? 
_reflns_shell.pdbx_ordinal           1 
_reflns_shell.pdbx_diffrn_id         1 
# 
_refine.entry_id                                 1PKV 
_refine.ls_number_reflns_obs                     6793 
_refine.ls_number_reflns_all                     7131 
_refine.pdbx_ls_sigma_I                          ? 
_refine.pdbx_ls_sigma_F                          0 
_refine.pdbx_data_cutoff_high_absF               ? 
_refine.pdbx_data_cutoff_low_absF                ? 
_refine.pdbx_data_cutoff_high_rms_absF           ? 
_refine.ls_d_res_low                             19.70 
_refine.ls_d_res_high                            2.60 
_refine.ls_percent_reflns_obs                    99.46 
_refine.ls_R_factor_obs                          0.17699 
_refine.ls_R_factor_all                          0.17699 
_refine.ls_R_factor_R_work                       0.17409 
_refine.ls_R_factor_R_free                       0.23469 
_refine.ls_R_factor_R_free_error                 ? 
_refine.ls_R_factor_R_free_error_details         ? 
_refine.ls_percent_reflns_R_free                 4.7 
_refine.ls_number_reflns_R_free                  337 
_refine.ls_number_parameters                     ? 
_refine.ls_number_restraints                     ? 
_refine.occupancy_min                            ? 
_refine.occupancy_max                            ? 
_refine.correlation_coeff_Fo_to_Fc               0.949 
_refine.correlation_coeff_Fo_to_Fc_free          0.906 
_refine.B_iso_mean                               38.393 
_refine.aniso_B[1][1]                            -1.58 
_refine.aniso_B[2][2]                            2.17 
_refine.aniso_B[3][3]                            -0.59 
_refine.aniso_B[1][2]                            0.00 
_refine.aniso_B[1][3]                            0.00 
_refine.aniso_B[2][3]                            0.00 
_refine.solvent_model_details                    'BABINET MODEL WITH MASK' 
_refine.solvent_model_param_ksol                 ? 
_refine.solvent_model_param_bsol                 ? 
_refine.pdbx_solvent_vdw_probe_radii             1.40 
_refine.pdbx_solvent_ion_probe_radii             0.80 
_refine.pdbx_solvent_shrinkage_radii             0.80 
_refine.pdbx_ls_cross_valid_method               THROUGHOUT 
_refine.details                                  
;Chains C and D in ncs group 2 correspond to the residues  
100 and 101 in the coordinates; chain E in ncs group 3 
corresponds to water molecules 1-17, 32, 34, 36, 37  
and chain F in ncs group 3 corresponds to water molecules 
18-31, 33, 35 in the coordinates
;
_refine.pdbx_starting_model                      'PDB entry 1I8D' 
_refine.pdbx_method_to_determine_struct          'MOLECULAR REPLACEMENT' 
_refine.pdbx_isotropic_thermal_model             ? 
_refine.pdbx_stereochemistry_target_values       'MAXIMUM LIKELIHOOD' 
_refine.pdbx_stereochem_target_val_spec_case     ? 
_refine.pdbx_R_Free_selection_details            RANDOM 
_refine.pdbx_overall_ESU_R                       0.485 
_refine.pdbx_overall_ESU_R_Free                  0.281 
_refine.overall_SU_ML                            0.188 
_refine.overall_SU_B                             8.765 
_refine.ls_redundancy_reflns_obs                 ? 
_refine.B_iso_min                                ? 
_refine.B_iso_max                                ? 
_refine.overall_SU_R_Cruickshank_DPI             ? 
_refine.overall_SU_R_free                        ? 
_refine.pdbx_refine_id                           'X-RAY DIFFRACTION' 
_refine.pdbx_diffrn_id                           1 
_refine.pdbx_TLS_residual_ADP_flag               ? 
_refine.pdbx_overall_phase_error                 ? 
_refine.pdbx_overall_SU_R_free_Cruickshank_DPI   ? 
_refine.pdbx_overall_SU_R_Blow_DPI               ? 
_refine.pdbx_overall_SU_R_free_Blow_DPI          ? 
# 
_refine_hist.pdbx_refine_id                   'X-RAY DIFFRACTION' 
_refine_hist.cycle_id                         LAST 
_refine_hist.pdbx_number_atoms_protein        1330 
_refine_hist.pdbx_number_atoms_nucleic_acid   0 
_refine_hist.pdbx_number_atoms_ligand         54 
_refine_hist.number_atoms_solvent             37 
_refine_hist.number_atoms_total               1421 
_refine_hist.d_res_high                       2.60 
_refine_hist.d_res_low                        19.70 
# 
loop_
_refine_ls_restr.type 
_refine_ls_restr.dev_ideal 
_refine_ls_restr.dev_ideal_target 
_refine_ls_restr.weight 
_refine_ls_restr.number 
_refine_ls_restr.pdbx_refine_id 
_refine_ls_restr.pdbx_restraint_function 
r_bond_refined_d       0.020 0.021 ? 1372 'X-RAY DIFFRACTION' ? 
r_angle_refined_deg    1.798 1.985 ? 1869 'X-RAY DIFFRACTION' ? 
r_dihedral_angle_1_deg 6.087 5.000 ? 170  'X-RAY DIFFRACTION' ? 
r_chiral_restr         0.112 0.200 ? 225  'X-RAY DIFFRACTION' ? 
r_gen_planes_refined   0.007 0.020 ? 997  'X-RAY DIFFRACTION' ? 
r_nbd_refined          0.219 0.200 ? 544  'X-RAY DIFFRACTION' ? 
r_xyhbond_nbd_refined  0.183 0.200 ? 65   'X-RAY DIFFRACTION' ? 
r_symmetry_vdw_refined 0.318 0.200 ? 44   'X-RAY DIFFRACTION' ? 
r_mcbond_it            1.068 1.500 ? 848  'X-RAY DIFFRACTION' ? 
r_mcangle_it           2.151 2.000 ? 1373 'X-RAY DIFFRACTION' ? 
r_scbond_it            3.216 3.000 ? 524  'X-RAY DIFFRACTION' ? 
r_scangle_it           5.286 4.500 ? 496  'X-RAY DIFFRACTION' ? 
# 
loop_
_refine_ls_restr_ncs.dom_id 
_refine_ls_restr_ncs.pdbx_type 
_refine_ls_restr_ncs.pdbx_auth_asym_id 
_refine_ls_restr_ncs.pdbx_number 
_refine_ls_restr_ncs.rms_dev_position 
_refine_ls_restr_ncs.weight_position 
_refine_ls_restr_ncs.pdbx_ens_id 
_refine_ls_restr_ncs.pdbx_refine_id 
_refine_ls_restr_ncs.pdbx_ordinal 
_refine_ls_restr_ncs.ncs_model_details 
_refine_ls_restr_ncs.rms_dev_B_iso 
_refine_ls_restr_ncs.weight_B_iso 
_refine_ls_restr_ncs.pdbx_asym_id 
_refine_ls_restr_ncs.pdbx_rms 
_refine_ls_restr_ncs.pdbx_weight 
1 'tight positional'  A 551 0.08 0.05  1 'X-RAY DIFFRACTION' 1  ? ? ? ? ? ? 
2 'tight positional'  B 27  0.04 0.05  2 'X-RAY DIFFRACTION' 2  ? ? ? ? ? ? 
3 'tight positional'  A 7   0.13 0.05  3 'X-RAY DIFFRACTION' 3  ? ? ? ? ? ? 
1 'medium positional' A 16  0.21 0.50  1 'X-RAY DIFFRACTION' 4  ? ? ? ? ? ? 
1 'loose positional'  A 63  0.89 5.00  1 'X-RAY DIFFRACTION' 5  ? ? ? ? ? ? 
1 'tight thermal'     A 551 0.22 0.50  1 'X-RAY DIFFRACTION' 6  ? ? ? ? ? ? 
2 'tight thermal'     B 27  0.31 0.50  2 'X-RAY DIFFRACTION' 7  ? ? ? ? ? ? 
3 'tight thermal'     A 7   0.55 0.50  3 'X-RAY DIFFRACTION' 8  ? ? ? ? ? ? 
1 'medium thermal'    A 16  0.98 2.00  1 'X-RAY DIFFRACTION' 9  ? ? ? ? ? ? 
1 'loose thermal'     A 63  4.04 10.00 1 'X-RAY DIFFRACTION' 10 ? ? ? ? ? ? 
# 
_refine_ls_shell.pdbx_total_number_of_bins_used   20 
_refine_ls_shell.d_res_high                       2.600 
_refine_ls_shell.d_res_low                        2.668 
_refine_ls_shell.number_reflns_R_work             475 
_refine_ls_shell.R_factor_R_work                  0.242 
_refine_ls_shell.percent_reflns_obs               ? 
_refine_ls_shell.R_factor_R_free                  0.318 
_refine_ls_shell.R_factor_R_free_error            ? 
_refine_ls_shell.percent_reflns_R_free            ? 
_refine_ls_shell.number_reflns_R_free             31 
_refine_ls_shell.number_reflns_obs                ? 
_refine_ls_shell.redundancy_reflns_obs            ? 
_refine_ls_shell.number_reflns_all                ? 
_refine_ls_shell.pdbx_refine_id                   'X-RAY DIFFRACTION' 
_refine_ls_shell.R_factor_all                     ? 
# 
loop_
_struct_ncs_dom.pdbx_ens_id 
_struct_ncs_dom.id 
_struct_ncs_dom.details 
1 1  A 
1 2  B 
1 3  A 
1 4  B 
1 5  A 
1 6  B 
1 7  A 
1 8  B 
1 9  A 
1 10 B 
1 11 A 
1 12 B 
1 13 A 
1 14 B 
1 15 A 
1 16 B 
1 17 A 
1 18 B 
1 19 A 
1 20 B 
1 21 A 
1 22 B 
1 23 A 
1 24 B 
1 25 A 
1 26 B 
1 27 A 
1 28 B 
1 29 A 
1 30 B 
1 31 A 
1 32 B 
1 33 A 
1 34 B 
1 35 A 
1 36 B 
2 1  A 
2 2  B 
3 1  A 
3 2  B 
# 
loop_
_struct_ncs_dom_lim.pdbx_ens_id 
_struct_ncs_dom_lim.dom_id 
_struct_ncs_dom_lim.pdbx_component_id 
_struct_ncs_dom_lim.beg_label_asym_id 
_struct_ncs_dom_lim.beg_label_comp_id 
_struct_ncs_dom_lim.beg_label_seq_id 
_struct_ncs_dom_lim.beg_label_alt_id 
_struct_ncs_dom_lim.end_label_asym_id 
_struct_ncs_dom_lim.end_label_comp_id 
_struct_ncs_dom_lim.end_label_seq_id 
_struct_ncs_dom_lim.end_label_alt_id 
_struct_ncs_dom_lim.beg_auth_asym_id 
_struct_ncs_dom_lim.beg_auth_comp_id 
_struct_ncs_dom_lim.beg_auth_seq_id 
_struct_ncs_dom_lim.end_auth_asym_id 
_struct_ncs_dom_lim.end_auth_comp_id 
_struct_ncs_dom_lim.end_auth_seq_id 
_struct_ncs_dom_lim.pdbx_refine_code 
_struct_ncs_dom_lim.selection_details 
1 1  1  A PHE 2  . A ILE 15 . A PHE 2   A ILE 15  1 ? 
1 2  1  B PHE 2  . B ILE 15 . B PHE 2   B ILE 15  1 ? 
1 3  2  A ASP 16 . A GLU 17 . A ASP 16  A GLU 17  3 ? 
1 4  2  B ASP 16 . B GLU 17 . B ASP 16  B GLU 17  3 ? 
1 5  3  A PHE 21 . A PHE 21 . A PHE 21  A PHE 21  1 ? 
1 6  3  B PHE 21 . B PHE 21 . B PHE 21  B PHE 21  1 ? 
1 7  4  A ARG 22 . A ARG 22 . A ARG 22  A ARG 22  3 ? 
1 8  4  B ARG 22 . B ARG 22 . B ARG 22  B ARG 22  3 ? 
1 9  5  A THR 23 . A MET 32 . A THR 23  A MET 32  1 ? 
1 10 5  B THR 23 . B MET 32 . B THR 23  B MET 32  1 ? 
1 11 6  A THR 67 . A LEU 68 . A THR 67  A LEU 68  1 ? 
1 12 6  B THR 67 . B LEU 68 . B THR 67  B LEU 68  1 ? 
1 13 7  A ILE 70 . A LEU 76 . A ILE 70  A LEU 76  1 ? 
1 14 7  B ILE 70 . B LEU 76 . B ILE 70  B LEU 76  1 ? 
1 15 8  A LYS 18 . A ASN 20 . A LYS 18  A ASN 20  6 ? 
1 16 8  B LYS 18 . B ASN 20 . B LYS 18  B ASN 20  6 ? 
1 17 9  A MET 64 . A GLU 66 . A MET 64  A GLU 66  5 ? 
1 18 9  B MET 64 . B GLU 66 . B MET 64  B GLU 66  5 ? 
1 19 10 A ASN 55 . A ASN 57 . A ASN 55  A ASN 57  3 ? 
1 20 10 B ASN 55 . B ASN 57 . B ASN 55  B ASN 57  3 ? 
1 21 11 A HIS 58 . A LEU 63 . A HIS 58  A LEU 63  1 ? 
1 22 11 B HIS 58 . B LEU 63 . B HIS 58  B LEU 63  1 ? 
1 23 12 A ARG 69 . A ARG 69 . A ARG 69  A ARG 69  5 ? 
1 24 12 B ARG 69 . B ARG 69 . B ARG 69  B ARG 69  5 ? 
1 25 13 A LEU 33 . A ASP 34 . A LEU 33  A ASP 34  3 ? 
1 26 13 B LEU 33 . B ASP 34 . B LEU 33  B ASP 34  3 ? 
1 27 14 A GLY 35 . A LEU 36 . A GLY 35  A LEU 36  1 ? 
1 28 14 B GLY 35 . B LEU 36 . B GLY 35  B LEU 36  1 ? 
1 29 15 A GLU 37 . A GLU 37 . A GLU 37  A GLU 37  3 ? 
1 30 15 B GLU 37 . B GLU 37 . B GLU 37  B GLU 37  3 ? 
1 31 16 A THR 38 . A ILE 54 . A THR 38  A ILE 54  1 ? 
1 32 16 B THR 38 . B ILE 54 . B THR 38  B ILE 54  1 ? 
1 33 17 A LYS 77 . A LYS 77 . A LYS 77  A LYS 77  3 ? 
1 34 17 B LYS 77 . B LYS 77 . B LYS 77  B LYS 77  3 ? 
1 35 18 A VAL 78 . A ALA 87 . A VAL 78  A ALA 87  1 ? 
1 36 18 B VAL 78 . B ALA 87 . B VAL 78  B ALA 87  1 ? 
2 1  1  C RBF .  . C RBF .  . A RBF 100 A RBF 100 1 ? 
2 2  1  D RBF .  . D RBF .  . B RBF 101 B RBF 101 1 ? 
3 1  1  E HOH .  . E HOH .  . A HOH 101 A HOH 116 1 ? 
3 2  1  F HOH .  . F HOH .  . B HOH 103 B HOH 116 1 ? 
# 
loop_
_struct_ncs_ens.id 
_struct_ncs_ens.details 
_struct_ncs_ens.point_group 
1 ? ? 
2 ? ? 
3 ? ? 
# 
_struct.entry_id                  1PKV 
_struct.title                     'The N-terminal domain of riboflavin synthase in complex with riboflavin' 
_struct.pdbx_model_details        ? 
_struct.pdbx_CASP_flag            ? 
_struct.pdbx_model_type_details   ? 
# 
_struct_keywords.entry_id        1PKV 
_struct_keywords.pdbx_keywords   TRANSFERASE 
_struct_keywords.text            'dimer, beta-barrel, greek key motif, TRANSFERASE' 
# 
loop_
_struct_asym.id 
_struct_asym.pdbx_blank_PDB_chainid_flag 
_struct_asym.pdbx_modified 
_struct_asym.entity_id 
_struct_asym.details 
A N N 1 ? 
B N N 1 ? 
C N N 2 ? 
D N N 2 ? 
E N N 3 ? 
F N N 3 ? 
# 
_struct_biol.id                    1 
_struct_biol.details               'the asymmetric unit contains the dimer, which is also found in solution' 
_struct_biol.pdbx_parent_biol_id   ? 
# 
loop_
_struct_conf.conf_type_id 
_struct_conf.id 
_struct_conf.pdbx_PDB_helix_id 
_struct_conf.beg_label_comp_id 
_struct_conf.beg_label_asym_id 
_struct_conf.beg_label_seq_id 
_struct_conf.pdbx_beg_PDB_ins_code 
_struct_conf.end_label_comp_id 
_struct_conf.end_label_asym_id 
_struct_conf.end_label_seq_id 
_struct_conf.pdbx_end_PDB_ins_code 
_struct_conf.beg_auth_comp_id 
_struct_conf.beg_auth_asym_id 
_struct_conf.beg_auth_seq_id 
_struct_conf.end_auth_comp_id 
_struct_conf.end_auth_asym_id 
_struct_conf.end_auth_seq_id 
_struct_conf.pdbx_PDB_helix_class 
_struct_conf.details 
_struct_conf.pdbx_PDB_helix_length 
HELX_P HELX_P1 1 PRO A 29 ? LEU A 33 ? PRO A 29 LEU A 33 5 ? 5 
HELX_P HELX_P2 2 LYS A 65 ? THR A 71 ? LYS A 65 THR A 71 1 ? 7 
HELX_P HELX_P3 3 ASN A 72 ? LEU A 76 ? ASN A 72 LEU A 76 5 ? 5 
HELX_P HELX_P4 4 PRO B 29 ? LEU B 33 ? PRO B 29 LEU B 33 5 ? 5 
HELX_P HELX_P5 5 MET B 64 ? THR B 71 ? MET B 64 THR B 71 1 ? 8 
HELX_P HELX_P6 6 ASN B 72 ? LEU B 76 ? ASN B 72 LEU B 76 5 ? 5 
# 
_struct_conf_type.id          HELX_P 
_struct_conf_type.criteria    ? 
_struct_conf_type.reference   ? 
# 
loop_
_struct_sheet.id 
_struct_sheet.type 
_struct_sheet.number_strands 
_struct_sheet.details 
A ? 7 ? 
B ? 7 ? 
# 
loop_
_struct_sheet_order.sheet_id 
_struct_sheet_order.range_id_1 
_struct_sheet_order.range_id_2 
_struct_sheet_order.offset 
_struct_sheet_order.sense 
A 1 2 ? anti-parallel 
A 2 3 ? anti-parallel 
A 3 4 ? anti-parallel 
A 4 5 ? anti-parallel 
A 5 6 ? anti-parallel 
A 6 7 ? anti-parallel 
B 1 2 ? anti-parallel 
B 2 3 ? anti-parallel 
B 3 4 ? anti-parallel 
B 4 5 ? anti-parallel 
B 5 6 ? anti-parallel 
B 6 7 ? anti-parallel 
# 
loop_
_struct_sheet_range.sheet_id 
_struct_sheet_range.id 
_struct_sheet_range.beg_label_comp_id 
_struct_sheet_range.beg_label_asym_id 
_struct_sheet_range.beg_label_seq_id 
_struct_sheet_range.pdbx_beg_PDB_ins_code 
_struct_sheet_range.end_label_comp_id 
_struct_sheet_range.end_label_asym_id 
_struct_sheet_range.end_label_seq_id 
_struct_sheet_range.pdbx_end_PDB_ins_code 
_struct_sheet_range.beg_auth_comp_id 
_struct_sheet_range.beg_auth_asym_id 
_struct_sheet_range.beg_auth_seq_id 
_struct_sheet_range.end_auth_comp_id 
_struct_sheet_range.end_auth_asym_id 
_struct_sheet_range.end_auth_seq_id 
A 1 GLY A 8  ? GLU A 17 ? GLY A 8  GLU A 17 
A 2 PHE A 21 ? GLU A 27 ? PHE A 21 GLU A 27 
A 3 HIS A 58 ? MET A 64 ? HIS A 58 MET A 64 
A 4 CYS A 47 ? ASN A 55 ? CYS A 47 ASN A 55 
A 5 SER A 41 ? HIS A 44 ? SER A 41 HIS A 44 
A 6 TRP A 81 ? ARG A 86 ? TRP A 81 ARG A 86 
A 7 GLY A 8  ? GLU A 17 ? GLY A 8  GLU A 17 
B 1 GLY B 8  ? GLU B 17 ? GLY B 8  GLU B 17 
B 2 ARG B 22 ? GLU B 27 ? ARG B 22 GLU B 27 
B 3 HIS B 58 ? LEU B 63 ? HIS B 58 LEU B 63 
B 4 CYS B 47 ? ASN B 55 ? CYS B 47 ASN B 55 
B 5 SER B 41 ? HIS B 44 ? SER B 41 HIS B 44 
B 6 TRP B 81 ? ARG B 86 ? TRP B 81 ARG B 86 
B 7 GLY B 8  ? GLU B 17 ? GLY B 8  GLU B 17 
# 
loop_
_pdbx_struct_sheet_hbond.sheet_id 
_pdbx_struct_sheet_hbond.range_id_1 
_pdbx_struct_sheet_hbond.range_id_2 
_pdbx_struct_sheet_hbond.range_1_label_atom_id 
_pdbx_struct_sheet_hbond.range_1_label_comp_id 
_pdbx_struct_sheet_hbond.range_1_label_asym_id 
_pdbx_struct_sheet_hbond.range_1_label_seq_id 
_pdbx_struct_sheet_hbond.range_1_PDB_ins_code 
_pdbx_struct_sheet_hbond.range_1_auth_atom_id 
_pdbx_struct_sheet_hbond.range_1_auth_comp_id 
_pdbx_struct_sheet_hbond.range_1_auth_asym_id 
_pdbx_struct_sheet_hbond.range_1_auth_seq_id 
_pdbx_struct_sheet_hbond.range_2_label_atom_id 
_pdbx_struct_sheet_hbond.range_2_label_comp_id 
_pdbx_struct_sheet_hbond.range_2_label_asym_id 
_pdbx_struct_sheet_hbond.range_2_label_seq_id 
_pdbx_struct_sheet_hbond.range_2_PDB_ins_code 
_pdbx_struct_sheet_hbond.range_2_auth_atom_id 
_pdbx_struct_sheet_hbond.range_2_auth_comp_id 
_pdbx_struct_sheet_hbond.range_2_auth_asym_id 
_pdbx_struct_sheet_hbond.range_2_auth_seq_id 
A 1 2 N SER A 14 ? N SER A 14 O VAL A 25 ? O VAL A 25 
A 2 3 N ARG A 22 ? N ARG A 22 O LEU A 63 ? O LEU A 63 
A 3 4 O SER A 60 ? O SER A 60 N GLU A 53 ? N GLU A 53 
A 4 5 O CYS A 47 ? O CYS A 47 N HIS A 44 ? N HIS A 44 
A 5 6 N ALA A 43 ? N ALA A 43 O GLU A 85 ? O GLU A 85 
A 6 7 O VAL A 82 ? O VAL A 82 N ALA A 10 ? N ALA A 10 
B 1 2 N SER B 14 ? N SER B 14 O VAL B 25 ? O VAL B 25 
B 2 3 N ARG B 22 ? N ARG B 22 O LEU B 63 ? O LEU B 63 
B 3 4 O SER B 60 ? O SER B 60 N GLU B 53 ? N GLU B 53 
B 4 5 O CYS B 47 ? O CYS B 47 N HIS B 44 ? N HIS B 44 
B 5 6 N ALA B 43 ? N ALA B 43 O GLU B 85 ? O GLU B 85 
B 6 7 O VAL B 84 ? O VAL B 84 N GLY B 8  ? N GLY B 8  
# 
loop_
_struct_site.id 
_struct_site.pdbx_evidence_code 
_struct_site.pdbx_auth_asym_id 
_struct_site.pdbx_auth_comp_id 
_struct_site.pdbx_auth_seq_id 
_struct_site.pdbx_auth_ins_code 
_struct_site.pdbx_num_residues 
_struct_site.details 
AC1 Software A RBF 100 ? 16 'BINDING SITE FOR RESIDUE RBF A 100' 
AC2 Software B RBF 101 ? 18 'BINDING SITE FOR RESIDUE RBF B 101' 
# 
loop_
_struct_site_gen.id 
_struct_site_gen.site_id 
_struct_site_gen.pdbx_num_res 
_struct_site_gen.label_comp_id 
_struct_site_gen.label_asym_id 
_struct_site_gen.label_seq_id 
_struct_site_gen.pdbx_auth_ins_code 
_struct_site_gen.auth_comp_id 
_struct_site_gen.auth_asym_id 
_struct_site_gen.auth_seq_id 
_struct_site_gen.label_atom_id 
_struct_site_gen.label_alt_id 
_struct_site_gen.symmetry 
_struct_site_gen.details 
1  AC1 16 CYS A 47 ? CYS A 47  . ? 1_555 ? 
2  AC1 16 CYS A 48 ? CYS A 48  . ? 1_555 ? 
3  AC1 16 LEU A 49 ? LEU A 49  . ? 1_555 ? 
4  AC1 16 THR A 50 ? THR A 50  . ? 1_555 ? 
5  AC1 16 ASP A 62 ? ASP A 62  . ? 1_555 ? 
6  AC1 16 LEU A 63 ? LEU A 63  . ? 1_555 ? 
7  AC1 16 MET A 64 ? MET A 64  . ? 1_555 ? 
8  AC1 16 THR A 67 ? THR A 67  . ? 1_555 ? 
9  AC1 16 HOH E .  ? HOH A 101 . ? 1_555 ? 
10 AC1 16 HOH E .  ? HOH A 114 . ? 1_555 ? 
11 AC1 16 GLY B 4  ? GLY B 4   . ? 1_555 ? 
12 AC1 16 ILE B 5  ? ILE B 5   . ? 1_555 ? 
13 AC1 16 VAL B 6  ? VAL B 6   . ? 1_555 ? 
14 AC1 16 MET B 64 ? MET B 64  . ? 8_556 ? 
15 AC1 16 GLU B 66 ? GLU B 66  . ? 8_556 ? 
16 AC1 16 RBF D .  ? RBF B 101 . ? 8_556 ? 
17 AC2 18 GLY A 4  ? GLY A 4   . ? 1_555 ? 
18 AC2 18 ILE A 5  ? ILE A 5   . ? 1_555 ? 
19 AC2 18 VAL A 6  ? VAL A 6   . ? 1_555 ? 
20 AC2 18 THR A 50 ? THR A 50  . ? 8_456 ? 
21 AC2 18 ASP A 62 ? ASP A 62  . ? 8_456 ? 
22 AC2 18 MET A 64 ? MET A 64  . ? 8_456 ? 
23 AC2 18 RBF C .  ? RBF A 100 . ? 8_456 ? 
24 AC2 18 CYS B 47 ? CYS B 47  . ? 1_555 ? 
25 AC2 18 CYS B 48 ? CYS B 48  . ? 1_555 ? 
26 AC2 18 LEU B 49 ? LEU B 49  . ? 1_555 ? 
27 AC2 18 THR B 50 ? THR B 50  . ? 1_555 ? 
28 AC2 18 ASP B 62 ? ASP B 62  . ? 1_555 ? 
29 AC2 18 LEU B 63 ? LEU B 63  . ? 1_555 ? 
30 AC2 18 MET B 64 ? MET B 64  . ? 1_555 ? 
31 AC2 18 THR B 67 ? THR B 67  . ? 1_555 ? 
32 AC2 18 THR B 71 ? THR B 71  . ? 1_555 ? 
33 AC2 18 HOH F .  ? HOH B 102 . ? 1_555 ? 
34 AC2 18 HOH F .  ? HOH B 103 . ? 1_555 ? 
# 
_atom_sites.entry_id                    1PKV 
_atom_sites.fract_transf_matrix[1][1]   -0.00766550 
_atom_sites.fract_transf_matrix[1][2]   0.01795507 
_atom_sites.fract_transf_matrix[1][3]   0.00403729 
_atom_sites.fract_transf_matrix[2][1]   -0.00135002 
_atom_sites.fract_transf_matrix[2][2]   0.00152838 
_atom_sites.fract_transf_matrix[2][3]   -0.00936044 
_atom_sites.fract_transf_matrix[3][1]   -0.01071865 
_atom_sites.fract_transf_matrix[3][2]   -0.00474931 
_atom_sites.fract_transf_matrix[3][3]   0.00077044 
_atom_sites.fract_transf_vector[1]      0.220349 
_atom_sites.fract_transf_vector[2]      0.198698 
_atom_sites.fract_transf_vector[3]      0.430779 
# 
loop_
_atom_type.symbol 
C 
N 
O 
S 
# 
loop_
_atom_site.group_PDB 
_atom_site.id 
_atom_site.type_symbol 
_atom_site.label_atom_id 
_atom_site.label_alt_id 
_atom_site.label_comp_id 
_atom_site.label_asym_id 
_atom_site.label_entity_id 
_atom_site.label_seq_id 
_atom_site.pdbx_PDB_ins_code 
_atom_site.Cartn_x 
_atom_site.Cartn_y 
_atom_site.Cartn_z 
_atom_site.occupancy 
_atom_site.B_iso_or_equiv 
_atom_site.pdbx_formal_charge 
_atom_site.auth_seq_id 
_atom_site.auth_comp_id 
_atom_site.auth_asym_id 
_atom_site.auth_atom_id 
_atom_site.pdbx_PDB_model_num 
ATOM   1    N N     . MET A 1 1  ? -12.399 -1.737  -7.775  1.00 46.63  ? 1   MET A N     1 
ATOM   2    C CA    . MET A 1 1  ? -11.410 -0.973  -8.555  1.00 46.46  ? 1   MET A CA    1 
ATOM   3    C C     . MET A 1 1  ? -10.073 -1.709  -8.555  1.00 45.13  ? 1   MET A C     1 
ATOM   4    O O     . MET A 1 1  ? -9.423  -1.789  -9.592  1.00 46.15  ? 1   MET A O     1 
ATOM   5    C CB    . MET A 1 1  ? -11.237 0.425   -7.948  1.00 47.84  ? 1   MET A CB    1 
ATOM   6    C CG    . MET A 1 1  ? -11.666 1.610   -8.853  1.00 52.34  ? 1   MET A CG    1 
ATOM   7    S SD    . MET A 1 1  ? -12.881 2.869   -8.121  1.00 61.16  ? 1   MET A SD    1 
ATOM   8    C CE    . MET A 1 1  ? -12.515 2.269   -6.424  0.00 69.05  ? 1   MET A CE    1 
ATOM   9    N N     . PHE A 1 2  ? -9.669  -2.260  -7.406  1.00 43.31  ? 2   PHE A N     1 
ATOM   10   C CA    . PHE A 1 2  ? -8.333  -2.866  -7.234  1.00 40.43  ? 2   PHE A CA    1 
ATOM   11   C C     . PHE A 1 2  ? -8.417  -4.333  -6.767  1.00 39.37  ? 2   PHE A C     1 
ATOM   12   O O     . PHE A 1 2  ? -9.298  -4.673  -5.938  1.00 38.53  ? 2   PHE A O     1 
ATOM   13   C CB    . PHE A 1 2  ? -7.485  -2.021  -6.255  1.00 39.14  ? 2   PHE A CB    1 
ATOM   14   C CG    . PHE A 1 2  ? -7.248  -0.616  -6.720  1.00 37.39  ? 2   PHE A CG    1 
ATOM   15   C CD1   . PHE A 1 2  ? -7.983  0.437   -6.193  1.00 35.86  ? 2   PHE A CD1   1 
ATOM   16   C CD2   . PHE A 1 2  ? -6.311  -0.331  -7.722  1.00 37.06  ? 2   PHE A CD2   1 
ATOM   17   C CE1   . PHE A 1 2  ? -7.789  1.766   -6.638  1.00 34.59  ? 2   PHE A CE1   1 
ATOM   18   C CE2   . PHE A 1 2  ? -6.087  1.012   -8.156  1.00 36.93  ? 2   PHE A CE2   1 
ATOM   19   C CZ    . PHE A 1 2  ? -6.833  2.064   -7.610  1.00 33.17  ? 2   PHE A CZ    1 
ATOM   20   N N     . THR A 1 3  ? -7.519  -5.184  -7.291  1.00 37.86  ? 3   THR A N     1 
ATOM   21   C CA    . THR A 1 3  ? -7.456  -6.594  -6.870  1.00 37.18  ? 3   THR A CA    1 
ATOM   22   C C     . THR A 1 3  ? -6.543  -6.838  -5.631  1.00 37.07  ? 3   THR A C     1 
ATOM   23   O O     . THR A 1 3  ? -6.711  -7.846  -4.924  1.00 37.60  ? 3   THR A O     1 
ATOM   24   C CB    . THR A 1 3  ? -7.018  -7.500  -8.001  1.00 36.73  ? 3   THR A CB    1 
ATOM   25   O OG1   . THR A 1 3  ? -5.661  -7.204  -8.303  1.00 38.28  ? 3   THR A OG1   1 
ATOM   26   C CG2   . THR A 1 3  ? -7.730  -7.187  -9.326  1.00 36.60  ? 3   THR A CG2   1 
ATOM   27   N N     . GLY A 1 4  ? -5.603  -5.934  -5.345  1.00 35.55  ? 4   GLY A N     1 
ATOM   28   C CA    . GLY A 1 4  ? -4.582  -6.246  -4.375  1.00 33.97  ? 4   GLY A CA    1 
ATOM   29   C C     . GLY A 1 4  ? -3.425  -7.042  -4.931  1.00 33.45  ? 4   GLY A C     1 
ATOM   30   O O     . GLY A 1 4  ? -2.497  -7.401  -4.195  1.00 32.68  ? 4   GLY A O     1 
ATOM   31   N N     . ILE A 1 5  ? -3.453  -7.313  -6.238  1.00 33.18  ? 5   ILE A N     1 
ATOM   32   C CA    . ILE A 1 5  ? -2.293  -7.862  -6.865  1.00 33.60  ? 5   ILE A CA    1 
ATOM   33   C C     . ILE A 1 5  ? -1.422  -6.682  -7.324  1.00 33.96  ? 5   ILE A C     1 
ATOM   34   O O     . ILE A 1 5  ? -1.653  -6.061  -8.349  1.00 35.13  ? 5   ILE A O     1 
ATOM   35   C CB    . ILE A 1 5  ? -2.648  -8.905  -7.986  1.00 33.94  ? 5   ILE A CB    1 
ATOM   36   C CG1   . ILE A 1 5  ? -3.324  -10.135 -7.396  1.00 34.74  ? 5   ILE A CG1   1 
ATOM   37   C CG2   . ILE A 1 5  ? -1.393  -9.399  -8.726  1.00 32.62  ? 5   ILE A CG2   1 
ATOM   38   C CD1   . ILE A 1 5  ? -4.617  -10.463 -8.077  1.00 36.63  ? 5   ILE A CD1   1 
ATOM   39   N N     . VAL A 1 6  ? -0.426  -6.359  -6.531  1.00 33.81  ? 6   VAL A N     1 
ATOM   40   C CA    . VAL A 1 6  ? 0.477   -5.260  -6.810  1.00 33.93  ? 6   VAL A CA    1 
ATOM   41   C C     . VAL A 1 6  ? 1.228   -5.630  -8.095  1.00 35.46  ? 6   VAL A C     1 
ATOM   42   O O     . VAL A 1 6  ? 1.598   -6.810  -8.299  1.00 35.26  ? 6   VAL A O     1 
ATOM   43   C CB    . VAL A 1 6  ? 1.422   -5.067  -5.582  1.00 33.49  ? 6   VAL A CB    1 
ATOM   44   C CG1   . VAL A 1 6  ? 2.574   -4.105  -5.838  1.00 30.37  ? 6   VAL A CG1   1 
ATOM   45   C CG2   . VAL A 1 6  ? 0.601   -4.673  -4.330  1.00 32.04  ? 6   VAL A CG2   1 
ATOM   46   N N     . GLN A 1 7  ? 1.427   -4.635  -8.964  1.00 36.14  ? 7   GLN A N     1 
ATOM   47   C CA    . GLN A 1 7  ? 2.126   -4.847  -10.219 1.00 37.16  ? 7   GLN A CA    1 
ATOM   48   C C     . GLN A 1 7  ? 3.572   -4.466  -10.143 1.00 37.40  ? 7   GLN A C     1 
ATOM   49   O O     . GLN A 1 7  ? 4.323   -4.760  -11.053 1.00 38.57  ? 7   GLN A O     1 
ATOM   50   C CB    . GLN A 1 7  ? 1.484   -4.066  -11.350 1.00 37.58  ? 7   GLN A CB    1 
ATOM   51   C CG    . GLN A 1 7  ? 0.014   -4.317  -11.493 1.00 40.69  ? 7   GLN A CG    1 
ATOM   52   C CD    . GLN A 1 7  ? -0.676  -3.226  -12.272 1.00 45.55  ? 7   GLN A CD    1 
ATOM   53   O OE1   . GLN A 1 7  ? -0.062  -2.490  -12.991 1.00 51.92  ? 7   GLN A OE1   1 
ATOM   54   N NE2   . GLN A 1 7  ? -1.960  -3.121  -12.108 1.00 49.45  ? 7   GLN A NE2   1 
ATOM   55   N N     . GLY A 1 8  ? 3.992   -3.795  -9.083  1.00 36.94  ? 8   GLY A N     1 
ATOM   56   C CA    . GLY A 1 8  ? 5.407   -3.567  -8.905  1.00 35.62  ? 8   GLY A CA    1 
ATOM   57   C C     . GLY A 1 8  ? 5.585   -2.466  -7.917  1.00 35.50  ? 8   GLY A C     1 
ATOM   58   O O     . GLY A 1 8  ? 4.619   -2.065  -7.305  1.00 36.35  ? 8   GLY A O     1 
ATOM   59   N N     . THR A 1 9  ? 6.813   -1.995  -7.747  1.00 35.53  ? 9   THR A N     1 
ATOM   60   C CA    . THR A 1 9  ? 7.096   -0.845  -6.901  1.00 35.68  ? 9   THR A CA    1 
ATOM   61   C C     . THR A 1 9  ? 7.553   0.355   -7.737  1.00 35.56  ? 9   THR A C     1 
ATOM   62   O O     . THR A 1 9  ? 8.047   0.204   -8.847  1.00 36.39  ? 9   THR A O     1 
ATOM   63   C CB    . THR A 1 9  ? 8.126   -1.168  -5.775  1.00 35.84  ? 9   THR A CB    1 
ATOM   64   O OG1   . THR A 1 9  ? 9.353   -1.662  -6.361  1.00 36.80  ? 9   THR A OG1   1 
ATOM   65   C CG2   . THR A 1 9  ? 7.582   -2.258  -4.816  1.00 34.45  ? 9   THR A CG2   1 
ATOM   66   N N     . ALA A 1 10 ? 7.347   1.558   -7.203  1.00 34.96  ? 10  ALA A N     1 
ATOM   67   C CA    . ALA A 1 10 ? 7.746   2.784   -7.890  1.00 33.44  ? 10  ALA A CA    1 
ATOM   68   C C     . ALA A 1 10 ? 8.470   3.655   -6.857  1.00 33.66  ? 10  ALA A C     1 
ATOM   69   O O     . ALA A 1 10 ? 8.081   3.682   -5.706  1.00 33.40  ? 10  ALA A O     1 
ATOM   70   C CB    . ALA A 1 10 ? 6.541   3.478   -8.474  1.00 32.11  ? 10  ALA A CB    1 
ATOM   71   N N     . LYS A 1 11 ? 9.545   4.326   -7.270  1.00 34.08  ? 11  LYS A N     1 
ATOM   72   C CA    . LYS A 1 11 ? 10.315  5.211   -6.405  1.00 33.81  ? 11  LYS A CA    1 
ATOM   73   C C     . LYS A 1 11 ? 9.682   6.580   -6.336  1.00 32.80  ? 11  LYS A C     1 
ATOM   74   O O     . LYS A 1 11 ? 9.279   7.129   -7.351  1.00 32.75  ? 11  LYS A O     1 
ATOM   75   C CB    . LYS A 1 11 ? 11.757  5.287   -6.942  1.00 34.37  ? 11  LYS A CB    1 
ATOM   76   C CG    . LYS A 1 11 ? 12.782  5.962   -6.061  1.00 37.76  ? 11  LYS A CG    1 
ATOM   77   C CD    . LYS A 1 11 ? 14.112  6.177   -6.864  1.00 46.45  ? 11  LYS A CD    1 
ATOM   78   C CE    . LYS A 1 11 ? 14.971  6.513   -6.494  0.00 50.07  ? 11  LYS A CE    1 
ATOM   79   N NZ    . LYS A 1 11 ? 15.659  7.528   -5.651  0.00 69.91  ? 11  LYS A NZ    1 
ATOM   80   N N     . LEU A 1 12 ? 9.544   7.107   -5.129  1.00 32.66  ? 12  LEU A N     1 
ATOM   81   C CA    . LEU A 1 12 ? 9.119   8.504   -4.940  1.00 33.61  ? 12  LEU A CA    1 
ATOM   82   C C     . LEU A 1 12 ? 10.273  9.412   -5.302  1.00 34.78  ? 12  LEU A C     1 
ATOM   83   O O     . LEU A 1 12 ? 11.267  9.483   -4.557  1.00 34.13  ? 12  LEU A O     1 
ATOM   84   C CB    . LEU A 1 12 ? 8.768   8.805   -3.494  1.00 32.73  ? 12  LEU A CB    1 
ATOM   85   C CG    . LEU A 1 12 ? 7.457   9.405   -3.092  1.00 32.39  ? 12  LEU A CG    1 
ATOM   86   C CD1   . LEU A 1 12 ? 7.698   9.970   -1.764  1.00 33.57  ? 12  LEU A CD1   1 
ATOM   87   C CD2   . LEU A 1 12 ? 6.941   10.429  -4.052  1.00 31.37  ? 12  LEU A CD2   1 
ATOM   88   N N     . VAL A 1 13 ? 10.169  10.101  -6.438  1.00 36.18  ? 13  VAL A N     1 
ATOM   89   C CA    . VAL A 1 13 ? 11.288  10.915  -6.861  1.00 37.98  ? 13  VAL A CA    1 
ATOM   90   C C     . VAL A 1 13 ? 11.087  12.359  -6.503  1.00 39.69  ? 13  VAL A C     1 
ATOM   91   O O     . VAL A 1 13 ? 11.948  13.181  -6.760  1.00 41.45  ? 13  VAL A O     1 
ATOM   92   C CB    . VAL A 1 13 ? 11.600  10.802  -8.339  1.00 37.86  ? 13  VAL A CB    1 
ATOM   93   C CG1   . VAL A 1 13 ? 12.169  9.402   -8.663  1.00 37.71  ? 13  VAL A CG1   1 
ATOM   94   C CG2   . VAL A 1 13 ? 10.400  11.191  -9.195  1.00 38.58  ? 13  VAL A CG2   1 
ATOM   95   N N     . SER A 1 14 ? 9.944   12.695  -5.916  1.00 40.87  ? 14  SER A N     1 
ATOM   96   C CA    . SER A 1 14 ? 9.639   14.109  -5.691  1.00 41.05  ? 14  SER A CA    1 
ATOM   97   C C     . SER A 1 14 ? 8.383   14.267  -4.866  1.00 41.26  ? 14  SER A C     1 
ATOM   98   O O     . SER A 1 14 ? 7.401   13.576  -5.110  1.00 41.44  ? 14  SER A O     1 
ATOM   99   C CB    . SER A 1 14 ? 9.497   14.843  -7.030  1.00 40.33  ? 14  SER A CB    1 
ATOM   100  O OG    . SER A 1 14 ? 9.395   16.214  -6.783  1.00 42.50  ? 14  SER A OG    1 
ATOM   101  N N     . ILE A 1 15 ? 8.441   15.182  -3.907  1.00 41.93  ? 15  ILE A N     1 
ATOM   102  C CA    . ILE A 1 15 ? 7.315   15.650  -3.091  1.00 42.85  ? 15  ILE A CA    1 
ATOM   103  C C     . ILE A 1 15 ? 7.226   17.202  -3.111  1.00 44.59  ? 15  ILE A C     1 
ATOM   104  O O     . ILE A 1 15 ? 8.058   17.869  -2.496  1.00 43.84  ? 15  ILE A O     1 
ATOM   105  C CB    . ILE A 1 15 ? 7.533   15.182  -1.613  1.00 42.59  ? 15  ILE A CB    1 
ATOM   106  C CG1   . ILE A 1 15 ? 7.881   13.690  -1.536  1.00 41.50  ? 15  ILE A CG1   1 
ATOM   107  C CG2   . ILE A 1 15 ? 6.341   15.515  -0.706  1.00 41.11  ? 15  ILE A CG2   1 
ATOM   108  C CD1   . ILE A 1 15 ? 8.088   13.202  -0.054  1.00 38.39  ? 15  ILE A CD1   1 
ATOM   109  N N     . ASP A 1 16 ? 6.236   17.774  -3.795  1.00 47.28  ? 16  ASP A N     1 
ATOM   110  C CA    . ASP A 1 16 ? 6.011   19.217  -3.708  1.00 50.46  ? 16  ASP A CA    1 
ATOM   111  C C     . ASP A 1 16 ? 4.959   19.519  -2.671  1.00 51.28  ? 16  ASP A C     1 
ATOM   112  O O     . ASP A 1 16 ? 3.812   19.205  -2.900  1.00 50.98  ? 16  ASP A O     1 
ATOM   113  C CB    . ASP A 1 16 ? 5.501   19.885  -4.989  1.00 51.10  ? 16  ASP A CB    1 
ATOM   114  C CG    . ASP A 1 16 ? 5.996   19.244  -6.276  1.00 57.98  ? 16  ASP A CG    1 
ATOM   115  O OD1   . ASP A 1 16 ? 6.878   18.317  -6.240  1.00 62.93  ? 16  ASP A OD1   1 
ATOM   116  O OD2   . ASP A 1 16 ? 5.523   19.650  -7.403  1.00 63.49  ? 16  ASP A OD2   1 
ATOM   117  N N     . GLU A 1 17 ? 5.345   20.167  -1.571  1.00 53.26  ? 17  GLU A N     1 
ATOM   118  C CA    . GLU A 1 17 ? 4.421   20.785  -0.620  1.00 55.59  ? 17  GLU A CA    1 
ATOM   119  C C     . GLU A 1 17 ? 3.886   22.048  -1.248  1.00 55.49  ? 17  GLU A C     1 
ATOM   120  O O     . GLU A 1 17 ? 4.667   22.905  -1.529  1.00 56.33  ? 17  GLU A O     1 
ATOM   121  C CB    . GLU A 1 17 ? 5.171   21.185  0.638   1.00 55.85  ? 17  GLU A CB    1 
ATOM   122  C CG    . GLU A 1 17 ? 5.378   20.075  1.642   1.00 60.54  ? 17  GLU A CG    1 
ATOM   123  C CD    . GLU A 1 17 ? 4.182   20.009  2.575   1.00 68.94  ? 17  GLU A CD    1 
ATOM   124  O OE1   . GLU A 1 17 ? 3.845   21.082  3.151   1.00 69.67  ? 17  GLU A OE1   1 
ATOM   125  O OE2   . GLU A 1 17 ? 3.545   18.911  2.693   1.00 71.19  ? 17  GLU A OE2   1 
ATOM   126  N N     . LYS A 1 18 ? 2.586   22.137  -1.536  1.00 54.39  ? 18  LYS A N     1 
ATOM   127  C CA    . LYS A 1 18 ? 1.919   23.384  -1.954  1.00 53.62  ? 18  LYS A CA    1 
ATOM   128  C C     . LYS A 1 18 ? 1.043   23.840  -0.793  1.00 53.99  ? 18  LYS A C     1 
ATOM   129  O O     . LYS A 1 18 ? 1.064   23.156  0.242   1.00 52.96  ? 18  LYS A O     1 
ATOM   130  C CB    . LYS A 1 18 ? 1.181   23.213  -3.259  1.00 52.48  ? 18  LYS A CB    1 
ATOM   131  C CG    . LYS A 1 18 ? 1.986   22.354  -4.201  1.00 53.75  ? 18  LYS A CG    1 
ATOM   132  C CD    . LYS A 1 18 ? 1.983   22.865  -5.600  1.00 54.42  ? 18  LYS A CD    1 
ATOM   133  C CE    . LYS A 1 18 ? 2.706   21.872  -6.466  1.00 56.26  ? 18  LYS A CE    1 
ATOM   134  N NZ    . LYS A 1 18 ? 1.781   21.229  -7.445  1.00 57.43  ? 18  LYS A NZ    1 
ATOM   135  N N     . PRO A 1 19 ? 0.319   24.983  -0.887  1.00 55.54  ? 19  PRO A N     1 
ATOM   136  C CA    . PRO A 1 19 ? -0.383  25.522  0.313   1.00 55.98  ? 19  PRO A CA    1 
ATOM   137  C C     . PRO A 1 19 ? -1.455  24.544  0.895   1.00 56.61  ? 19  PRO A C     1 
ATOM   138  O O     . PRO A 1 19 ? -1.389  24.280  2.131   1.00 55.71  ? 19  PRO A O     1 
ATOM   139  C CB    . PRO A 1 19 ? -0.990  26.861  -0.169  1.00 56.39  ? 19  PRO A CB    1 
ATOM   140  C CG    . PRO A 1 19 ? -0.330  27.189  -1.490  1.00 56.76  ? 19  PRO A CG    1 
ATOM   141  C CD    . PRO A 1 19 ? 0.086   25.835  -2.083  1.00 55.88  ? 19  PRO A CD    1 
ATOM   142  N N     . ASN A 1 20 ? -2.351  23.976  0.050   1.00 56.32  ? 20  ASN A N     1 
ATOM   143  C CA    . ASN A 1 20 ? -3.344  23.017  0.573   1.00 57.08  ? 20  ASN A CA    1 
ATOM   144  C C     . ASN A 1 20 ? -3.210  21.483  0.307   1.00 56.30  ? 20  ASN A C     1 
ATOM   145  O O     . ASN A 1 20 ? -4.057  20.671  0.742   1.00 56.21  ? 20  ASN A O     1 
ATOM   146  C CB    . ASN A 1 20 ? -4.756  23.532  0.292   1.00 58.09  ? 20  ASN A CB    1 
ATOM   147  C CG    . ASN A 1 20 ? -5.001  24.901  0.926   1.00 60.39  ? 20  ASN A CG    1 
ATOM   148  O OD1   . ASN A 1 20 ? -4.959  25.059  2.164   1.00 60.71  ? 20  ASN A OD1   1 
ATOM   149  N ND2   . ASN A 1 20 ? -5.220  25.910  0.072   1.00 62.15  ? 20  ASN A ND2   1 
ATOM   150  N N     . PHE A 1 21 ? -2.133  21.082  -0.364  1.00 54.28  ? 21  PHE A N     1 
ATOM   151  C CA    . PHE A 1 21 ? -1.937  19.677  -0.710  1.00 52.71  ? 21  PHE A CA    1 
ATOM   152  C C     . PHE A 1 21 ? -0.462  19.384  -1.042  1.00 51.18  ? 21  PHE A C     1 
ATOM   153  O O     . PHE A 1 21 ? 0.375   20.262  -0.955  1.00 50.93  ? 21  PHE A O     1 
ATOM   154  C CB    . PHE A 1 21 ? -2.828  19.318  -1.892  1.00 52.64  ? 21  PHE A CB    1 
ATOM   155  C CG    . PHE A 1 21 ? -2.531  20.097  -3.112  1.00 53.22  ? 21  PHE A CG    1 
ATOM   156  C CD1   . PHE A 1 21 ? -2.927  21.415  -3.221  1.00 55.10  ? 21  PHE A CD1   1 
ATOM   157  C CD2   . PHE A 1 21 ? -1.850  19.520  -4.162  1.00 54.54  ? 21  PHE A CD2   1 
ATOM   158  C CE1   . PHE A 1 21 ? -2.648  22.159  -4.381  1.00 56.21  ? 21  PHE A CE1   1 
ATOM   159  C CE2   . PHE A 1 21 ? -1.565  20.257  -5.333  1.00 54.95  ? 21  PHE A CE2   1 
ATOM   160  C CZ    . PHE A 1 21 ? -1.965  21.576  -5.440  1.00 55.23  ? 21  PHE A CZ    1 
ATOM   161  N N     . ARG A 1 22 ? -0.180  18.143  -1.429  1.00 48.20  ? 22  ARG A N     1 
ATOM   162  C CA    . ARG A 1 22 ? 1.135   17.695  -1.768  1.00 45.27  ? 22  ARG A CA    1 
ATOM   163  C C     . ARG A 1 22 ? 1.049   16.997  -3.089  1.00 43.29  ? 22  ARG A C     1 
ATOM   164  O O     . ARG A 1 22 ? 0.117   16.250  -3.336  1.00 44.21  ? 22  ARG A O     1 
ATOM   165  C CB    . ARG A 1 22 ? 1.520   16.637  -0.792  1.00 45.54  ? 22  ARG A CB    1 
ATOM   166  C CG    . ARG A 1 22 ? 2.829   16.758  -0.220  1.00 45.47  ? 22  ARG A CG    1 
ATOM   167  C CD    . ARG A 1 22 ? 2.955   15.785  0.902   1.00 48.41  ? 22  ARG A CD    1 
ATOM   168  N NE    . ARG A 1 22 ? 2.947   16.476  2.190   1.00 53.24  ? 22  ARG A NE    1 
ATOM   169  C CZ    . ARG A 1 22 ? 3.507   15.985  3.297   1.00 54.23  ? 22  ARG A CZ    1 
ATOM   170  N NH1   . ARG A 1 22 ? 4.107   14.800  3.267   1.00 54.25  ? 22  ARG A NH1   1 
ATOM   171  N NH2   . ARG A 1 22 ? 3.462   16.674  4.431   1.00 52.38  ? 22  ARG A NH2   1 
ATOM   172  N N     . THR A 1 23 ? 2.032   17.198  -3.945  1.00 40.29  ? 23  THR A N     1 
ATOM   173  C CA    . THR A 1 23 ? 2.129   16.410  -5.157  1.00 37.23  ? 23  THR A CA    1 
ATOM   174  C C     . THR A 1 23 ? 3.172   15.346  -4.936  1.00 36.41  ? 23  THR A C     1 
ATOM   175  O O     . THR A 1 23 ? 4.232   15.653  -4.408  1.00 36.78  ? 23  THR A O     1 
ATOM   176  C CB    . THR A 1 23 ? 2.537   17.290  -6.307  1.00 36.88  ? 23  THR A CB    1 
ATOM   177  O OG1   . THR A 1 23 ? 1.459   18.180  -6.574  1.00 35.41  ? 23  THR A OG1   1 
ATOM   178  C CG2   . THR A 1 23 ? 2.647   16.513  -7.578  1.00 33.58  ? 23  THR A CG2   1 
ATOM   179  N N     . HIS A 1 24 ? 2.877   14.099  -5.300  1.00 34.24  ? 24  HIS A N     1 
ATOM   180  C CA    . HIS A 1 24 ? 3.899   13.072  -5.266  1.00 32.74  ? 24  HIS A CA    1 
ATOM   181  C C     . HIS A 1 24 ? 4.239   12.737  -6.716  1.00 32.79  ? 24  HIS A C     1 
ATOM   182  O O     . HIS A 1 24 ? 3.328   12.512  -7.534  1.00 32.43  ? 24  HIS A O     1 
ATOM   183  C CB    . HIS A 1 24 ? 3.408   11.845  -4.555  1.00 32.09  ? 24  HIS A CB    1 
ATOM   184  C CG    . HIS A 1 24 ? 3.531   11.931  -3.070  1.00 33.52  ? 24  HIS A CG    1 
ATOM   185  N ND1   . HIS A 1 24 ? 3.356   10.834  -2.245  1.00 32.58  ? 24  HIS A ND1   1 
ATOM   186  C CD2   . HIS A 1 24 ? 3.791   12.986  -2.246  1.00 31.64  ? 24  HIS A CD2   1 
ATOM   187  C CE1   . HIS A 1 24 ? 3.516   11.209  -0.982  1.00 32.13  ? 24  HIS A CE1   1 
ATOM   188  N NE2   . HIS A 1 24 ? 3.772   12.506  -0.957  1.00 30.98  ? 24  HIS A NE2   1 
ATOM   189  N N     . VAL A 1 25 ? 5.532   12.776  -7.060  1.00 31.74  ? 25  VAL A N     1 
ATOM   190  C CA    . VAL A 1 25 ? 5.965   12.271  -8.365  1.00 30.94  ? 25  VAL A CA    1 
ATOM   191  C C     . VAL A 1 25 ? 6.610   10.900  -8.177  1.00 31.45  ? 25  VAL A C     1 
ATOM   192  O O     . VAL A 1 25 ? 7.534   10.743  -7.364  1.00 32.02  ? 25  VAL A O     1 
ATOM   193  C CB    . VAL A 1 25 ? 6.923   13.239  -9.119  1.00 30.67  ? 25  VAL A CB    1 
ATOM   194  C CG1   . VAL A 1 25 ? 7.364   12.602  -10.423 1.00 29.29  ? 25  VAL A CG1   1 
ATOM   195  C CG2   . VAL A 1 25 ? 6.180   14.574  -9.448  1.00 29.21  ? 25  VAL A CG2   1 
ATOM   196  N N     . VAL A 1 26 ? 6.105   9.900   -8.893  1.00 31.21  ? 26  VAL A N     1 
ATOM   197  C CA    . VAL A 1 26 ? 6.690   8.585   -8.797  1.00 31.55  ? 26  VAL A CA    1 
ATOM   198  C C     . VAL A 1 26 ? 7.197   8.161   -10.130 1.00 32.62  ? 26  VAL A C     1 
ATOM   199  O O     . VAL A 1 26 ? 6.664   8.531   -11.168 1.00 32.87  ? 26  VAL A O     1 
ATOM   200  C CB    . VAL A 1 26 ? 5.723   7.512   -8.212  1.00 31.73  ? 26  VAL A CB    1 
ATOM   201  C CG1   . VAL A 1 26 ? 5.344   7.883   -6.763  1.00 29.96  ? 26  VAL A CG1   1 
ATOM   202  C CG2   . VAL A 1 26 ? 4.487   7.316   -9.105  1.00 29.87  ? 26  VAL A CG2   1 
ATOM   203  N N     . GLU A 1 27 ? 8.236   7.350   -10.093 1.00 34.28  ? 27  GLU A N     1 
ATOM   204  C CA    . GLU A 1 27 ? 8.793   6.755   -11.295 1.00 35.95  ? 27  GLU A CA    1 
ATOM   205  C C     . GLU A 1 27 ? 8.145   5.375   -11.504 1.00 35.18  ? 27  GLU A C     1 
ATOM   206  O O     . GLU A 1 27 ? 8.485   4.450   -10.819 1.00 33.94  ? 27  GLU A O     1 
ATOM   207  C CB    . GLU A 1 27 ? 10.329  6.661   -11.114 1.00 36.75  ? 27  GLU A CB    1 
ATOM   208  C CG    . GLU A 1 27 ? 11.108  6.316   -12.392 1.00 42.54  ? 27  GLU A CG    1 
ATOM   209  C CD    . GLU A 1 27 ? 12.645  6.332   -12.230 1.00 52.26  ? 27  GLU A CD    1 
ATOM   210  O OE1   . GLU A 1 27 ? 13.278  7.162   -11.518 1.00 57.26  ? 27  GLU A OE1   1 
ATOM   211  O OE2   . GLU A 1 27 ? 13.268  5.500   -12.875 1.00 57.44  ? 27  GLU A OE2   1 
ATOM   212  N N     . LEU A 1 28 ? 7.205   5.256   -12.426 1.00 36.68  ? 28  LEU A N     1 
ATOM   213  C CA    . LEU A 1 28 ? 6.529   3.977   -12.642 1.00 39.05  ? 28  LEU A CA    1 
ATOM   214  C C     . LEU A 1 28 ? 7.383   3.011   -13.464 1.00 41.22  ? 28  LEU A C     1 
ATOM   215  O O     . LEU A 1 28 ? 8.121   3.455   -14.358 1.00 42.93  ? 28  LEU A O     1 
ATOM   216  C CB    . LEU A 1 28 ? 5.231   4.184   -13.391 1.00 37.65  ? 28  LEU A CB    1 
ATOM   217  C CG    . LEU A 1 28 ? 4.027   4.661   -12.599 1.00 39.27  ? 28  LEU A CG    1 
ATOM   218  C CD1   . LEU A 1 28 ? 2.784   4.354   -13.431 1.00 38.33  ? 28  LEU A CD1   1 
ATOM   219  C CD2   . LEU A 1 28 ? 3.944   4.071   -11.182 1.00 37.23  ? 28  LEU A CD2   1 
ATOM   220  N N     . PRO A 1 29 ? 7.273   1.707   -13.203 1.00 42.63  ? 29  PRO A N     1 
ATOM   221  C CA    . PRO A 1 29 ? 7.820   0.675   -14.099 1.00 43.57  ? 29  PRO A CA    1 
ATOM   222  C C     . PRO A 1 29 ? 7.310   0.822   -15.547 1.00 44.65  ? 29  PRO A C     1 
ATOM   223  O O     . PRO A 1 29 ? 6.124   1.113   -15.700 1.00 44.51  ? 29  PRO A O     1 
ATOM   224  C CB    . PRO A 1 29 ? 7.241   -0.601  -13.496 1.00 43.54  ? 29  PRO A CB    1 
ATOM   225  C CG    . PRO A 1 29 ? 7.119   -0.294  -12.064 1.00 44.05  ? 29  PRO A CG    1 
ATOM   226  C CD    . PRO A 1 29 ? 6.645   1.118   -12.016 1.00 42.52  ? 29  PRO A CD    1 
ATOM   227  N N     . ASP A 1 30 ? 8.152   0.619   -16.574 1.00 46.81  ? 30  ASP A N     1 
ATOM   228  C CA    . ASP A 1 30 ? 7.728   0.735   -18.000 1.00 48.82  ? 30  ASP A CA    1 
ATOM   229  C C     . ASP A 1 30 ? 6.457   -0.021  -18.355 1.00 48.80  ? 30  ASP A C     1 
ATOM   230  O O     . ASP A 1 30 ? 5.626   0.502   -19.086 1.00 49.44  ? 30  ASP A O     1 
ATOM   231  C CB    . ASP A 1 30 ? 8.808   0.255   -18.957 1.00 49.81  ? 30  ASP A CB    1 
ATOM   232  C CG    . ASP A 1 30 ? 9.965   1.223   -19.049 1.00 56.24  ? 30  ASP A CG    1 
ATOM   233  O OD1   . ASP A 1 30 ? 9.695   2.461   -19.122 1.00 63.86  ? 30  ASP A OD1   1 
ATOM   234  O OD2   . ASP A 1 30 ? 11.175  0.835   -19.053 1.00 61.85  ? 30  ASP A OD2   1 
ATOM   235  N N     . HIS A 1 31 ? 6.297   -1.238  -17.845 1.00 48.55  ? 31  HIS A N     1 
ATOM   236  C CA    . HIS A 1 31 ? 5.123   -2.033  -18.165 1.00 49.09  ? 31  HIS A CA    1 
ATOM   237  C C     . HIS A 1 31 ? 3.772   -1.468  -17.629 1.00 49.76  ? 31  HIS A C     1 
ATOM   238  O O     . HIS A 1 31 ? 2.679   -2.041  -17.924 1.00 50.02  ? 31  HIS A O     1 
ATOM   239  C CB    . HIS A 1 31 ? 5.329   -3.446  -17.666 1.00 48.70  ? 31  HIS A CB    1 
ATOM   240  C CG    . HIS A 1 31 ? 5.259   -3.581  -16.177 1.00 49.28  ? 31  HIS A CG    1 
ATOM   241  N ND1   . HIS A 1 31 ? 6.384   -3.560  -15.372 1.00 48.73  ? 31  HIS A ND1   1 
ATOM   242  C CD2   . HIS A 1 31 ? 4.202   -3.785  -15.351 1.00 46.80  ? 31  HIS A CD2   1 
ATOM   243  C CE1   . HIS A 1 31 ? 6.019   -3.748  -14.113 1.00 46.40  ? 31  HIS A CE1   1 
ATOM   244  N NE2   . HIS A 1 31 ? 4.702   -3.893  -14.077 1.00 46.37  ? 31  HIS A NE2   1 
ATOM   245  N N     . MET A 1 32 ? 3.842   -0.370  -16.850 1.00 49.12  ? 32  MET A N     1 
ATOM   246  C CA    . MET A 1 32 ? 2.637   0.263   -16.321 1.00 48.24  ? 32  MET A CA    1 
ATOM   247  C C     . MET A 1 32 ? 2.223   1.541   -17.061 1.00 48.33  ? 32  MET A C     1 
ATOM   248  O O     . MET A 1 32 ? 1.084   2.020   -16.910 1.00 47.68  ? 32  MET A O     1 
ATOM   249  C CB    . MET A 1 32 ? 2.791   0.525   -14.835 1.00 48.22  ? 32  MET A CB    1 
ATOM   250  C CG    . MET A 1 32 ? 2.627   -0.709  -14.017 1.00 47.00  ? 32  MET A CG    1 
ATOM   251  S SD    . MET A 1 32 ? 3.047   -0.360  -12.281 1.00 48.91  ? 32  MET A SD    1 
ATOM   252  C CE    . MET A 1 32 ? 1.502   0.479   -11.815 1.00 45.89  ? 32  MET A CE    1 
ATOM   253  N N     . LEU A 1 33 ? 3.123   2.063   -17.893 1.00 48.73  ? 33  LEU A N     1 
ATOM   254  C CA    . LEU A 1 33 ? 2.890   3.308   -18.650 1.00 48.84  ? 33  LEU A CA    1 
ATOM   255  C C     . LEU A 1 33 ? 2.009   3.156   -19.856 1.00 49.38  ? 33  LEU A C     1 
ATOM   256  O O     . LEU A 1 33 ? 1.561   4.142   -20.403 1.00 50.54  ? 33  LEU A O     1 
ATOM   257  C CB    . LEU A 1 33 ? 4.216   3.932   -19.086 1.00 48.91  ? 33  LEU A CB    1 
ATOM   258  C CG    . LEU A 1 33 ? 5.056   4.248   -17.852 1.00 49.38  ? 33  LEU A CG    1 
ATOM   259  C CD1   . LEU A 1 33 ? 6.460   4.454   -18.295 1.00 53.16  ? 33  LEU A CD1   1 
ATOM   260  C CD2   . LEU A 1 33 ? 4.504   5.467   -17.083 1.00 49.99  ? 33  LEU A CD2   1 
ATOM   261  N N     . ASP A 1 34 ? 1.743   1.932   -20.270 1.00 49.98  ? 34  ASP A N     1 
ATOM   262  C CA    . ASP A 1 34 ? 1.021   1.702   -21.483 1.00 50.63  ? 34  ASP A CA    1 
ATOM   263  C C     . ASP A 1 34 ? -0.467  1.955   -21.389 1.00 50.19  ? 34  ASP A C     1 
ATOM   264  O O     . ASP A 1 34 ? -1.208  1.142   -20.842 1.00 50.70  ? 34  ASP A O     1 
ATOM   265  C CB    . ASP A 1 34 ? 1.263   0.287   -21.946 1.00 52.32  ? 34  ASP A CB    1 
ATOM   266  C CG    . ASP A 1 34 ? 1.345   0.206   -23.443 1.00 58.66  ? 34  ASP A CG    1 
ATOM   267  O OD1   . ASP A 1 34 ? 2.467   0.476   -23.973 1.00 63.25  ? 34  ASP A OD1   1 
ATOM   268  O OD2   . ASP A 1 34 ? 0.321   -0.043  -24.165 1.00 64.46  ? 34  ASP A OD2   1 
ATOM   269  N N     . GLY A 1 35 ? -0.921  3.065   -21.961 1.00 49.44  ? 35  GLY A N     1 
ATOM   270  C CA    . GLY A 1 35 ? -2.342  3.357   -21.954 1.00 48.35  ? 35  GLY A CA    1 
ATOM   271  C C     . GLY A 1 35 ? -2.736  4.202   -20.737 1.00 47.90  ? 35  GLY A C     1 
ATOM   272  O O     . GLY A 1 35 ? -3.940  4.508   -20.540 1.00 47.94  ? 35  GLY A O     1 
ATOM   273  N N     . LEU A 1 36 ? -1.729  4.563   -19.933 1.00 46.15  ? 36  LEU A N     1 
ATOM   274  C CA    . LEU A 1 36 ? -1.905  5.462   -18.795 1.00 45.43  ? 36  LEU A CA    1 
ATOM   275  C C     . LEU A 1 36 ? -2.192  6.933   -19.224 1.00 45.59  ? 36  LEU A C     1 
ATOM   276  O O     . LEU A 1 36 ? -1.378  7.581   -19.888 1.00 46.59  ? 36  LEU A O     1 
ATOM   277  C CB    . LEU A 1 36 ? -0.704  5.388   -17.830 1.00 43.72  ? 36  LEU A CB    1 
ATOM   278  C CG    . LEU A 1 36 ? -0.953  5.923   -16.432 1.00 40.75  ? 36  LEU A CG    1 
ATOM   279  C CD1   . LEU A 1 36 ? -1.969  5.109   -15.594 1.00 35.60  ? 36  LEU A CD1   1 
ATOM   280  C CD2   . LEU A 1 36 ? 0.342   6.063   -15.717 1.00 38.43  ? 36  LEU A CD2   1 
ATOM   281  N N     . GLU A 1 37 ? -3.350  7.448   -18.836 1.00 44.89  ? 37  GLU A N     1 
ATOM   282  C CA    . GLU A 1 37 ? -3.763  8.794   -19.206 1.00 44.35  ? 37  GLU A CA    1 
ATOM   283  C C     . GLU A 1 37 ? -4.080  9.570   -17.902 1.00 43.62  ? 37  GLU A C     1 
ATOM   284  O O     . GLU A 1 37 ? -4.425  8.949   -16.856 1.00 43.78  ? 37  GLU A O     1 
ATOM   285  C CB    . GLU A 1 37 ? -4.991  8.709   -20.134 1.00 44.36  ? 37  GLU A CB    1 
ATOM   286  C CG    . GLU A 1 37 ? -4.746  8.030   -21.497 1.00 46.52  ? 37  GLU A CG    1 
ATOM   287  C CD    . GLU A 1 37 ? -5.913  8.212   -22.455 1.00 45.78  ? 37  GLU A CD    1 
ATOM   288  O OE1   . GLU A 1 37 ? -7.066  7.509   -22.589 0.00 84.52  ? 37  GLU A OE1   1 
ATOM   289  O OE2   . GLU A 1 37 ? -5.704  9.136   -23.104 0.00 81.96  ? 37  GLU A OE2   1 
ATOM   290  N N     . THR A 1 38 ? -3.987  10.900  -17.944 1.00 41.80  ? 38  THR A N     1 
ATOM   291  C CA    . THR A 1 38 ? -4.381  11.658  -16.801 1.00 40.68  ? 38  THR A CA    1 
ATOM   292  C C     . THR A 1 38 ? -5.861  11.391  -16.423 1.00 39.21  ? 38  THR A C     1 
ATOM   293  O O     . THR A 1 38 ? -6.684  11.215  -17.287 1.00 39.48  ? 38  THR A O     1 
ATOM   294  C CB    . THR A 1 38 ? -4.020  13.153  -16.912 1.00 41.52  ? 38  THR A CB    1 
ATOM   295  O OG1   . THR A 1 38 ? -5.145  13.878  -17.359 1.00 44.83  ? 38  THR A OG1   1 
ATOM   296  C CG2   . THR A 1 38 ? -2.947  13.440  -17.919 1.00 41.52  ? 38  THR A CG2   1 
ATOM   297  N N     . GLY A 1 39 ? -6.166  11.292  -15.126 1.00 37.01  ? 39  GLY A N     1 
ATOM   298  C CA    . GLY A 1 39 ? -7.473  10.873  -14.666 1.00 34.99  ? 39  GLY A CA    1 
ATOM   299  C C     . GLY A 1 39 ? -7.520  9.407   -14.246 1.00 33.71  ? 39  GLY A C     1 
ATOM   300  O O     . GLY A 1 39 ? -8.407  8.982   -13.524 1.00 34.18  ? 39  GLY A O     1 
ATOM   301  N N     . ALA A 1 40 ? -6.556  8.624   -14.690 1.00 32.16  ? 40  ALA A N     1 
ATOM   302  C CA    . ALA A 1 40 ? -6.480  7.224   -14.283 1.00 31.36  ? 40  ALA A CA    1 
ATOM   303  C C     . ALA A 1 40 ? -6.119  7.053   -12.765 1.00 31.01  ? 40  ALA A C     1 
ATOM   304  O O     . ALA A 1 40 ? -5.354  7.850   -12.160 1.00 30.55  ? 40  ALA A O     1 
ATOM   305  C CB    . ALA A 1 40 ? -5.496  6.477   -15.152 1.00 30.00  ? 40  ALA A CB    1 
ATOM   306  N N     . SER A 1 41 ? -6.691  6.007   -12.175 1.00 30.79  ? 41  SER A N     1 
ATOM   307  C CA    . SER A 1 41 ? -6.503  5.659   -10.782 1.00 29.87  ? 41  SER A CA    1 
ATOM   308  C C     . SER A 1 41 ? -5.316  4.697   -10.636 1.00 29.76  ? 41  SER A C     1 
ATOM   309  O O     . SER A 1 41 ? -5.235  3.642   -11.269 1.00 29.84  ? 41  SER A O     1 
ATOM   310  C CB    . SER A 1 41 ? -7.770  5.020   -10.243 1.00 29.80  ? 41  SER A CB    1 
ATOM   311  O OG    . SER A 1 41 ? -8.869  5.918   -10.291 1.00 30.66  ? 41  SER A OG    1 
ATOM   312  N N     . VAL A 1 42 ? -4.370  5.081   -9.805  1.00 28.84  ? 42  VAL A N     1 
ATOM   313  C CA    . VAL A 1 42 ? -3.308  4.179   -9.443  1.00 27.96  ? 42  VAL A CA    1 
ATOM   314  C C     . VAL A 1 42 ? -3.318  4.138   -7.926  1.00 27.99  ? 42  VAL A C     1 
ATOM   315  O O     . VAL A 1 42 ? -3.414  5.177   -7.302  1.00 27.98  ? 42  VAL A O     1 
ATOM   316  C CB    . VAL A 1 42 ? -1.958  4.705   -10.001 1.00 28.27  ? 42  VAL A CB    1 
ATOM   317  C CG1   . VAL A 1 42 ? -0.773  3.851   -9.515  1.00 25.60  ? 42  VAL A CG1   1 
ATOM   318  C CG2   . VAL A 1 42 ? -2.035  4.786   -11.532 1.00 27.95  ? 42  VAL A CG2   1 
ATOM   319  N N     . ALA A 1 43 ? -3.266  2.963   -7.334  1.00 27.33  ? 43  ALA A N     1 
ATOM   320  C CA    . ALA A 1 43 ? -3.228  2.901   -5.883  1.00 27.59  ? 43  ALA A CA    1 
ATOM   321  C C     . ALA A 1 43 ? -1.796  2.862   -5.469  1.00 28.03  ? 43  ALA A C     1 
ATOM   322  O O     . ALA A 1 43 ? -1.038  2.040   -5.985  1.00 27.67  ? 43  ALA A O     1 
ATOM   323  C CB    . ALA A 1 43 ? -3.962  1.677   -5.374  1.00 27.44  ? 43  ALA A CB    1 
ATOM   324  N N     . HIS A 1 44 ? -1.429  3.788   -4.580  1.00 28.47  ? 44  HIS A N     1 
ATOM   325  C CA    . HIS A 1 44 ? -0.092  3.895   -4.000  1.00 29.05  ? 44  HIS A CA    1 
ATOM   326  C C     . HIS A 1 44 ? -0.098  3.322   -2.606  1.00 29.37  ? 44  HIS A C     1 
ATOM   327  O O     . HIS A 1 44 ? -0.763  3.897   -1.712  1.00 28.67  ? 44  HIS A O     1 
ATOM   328  C CB    . HIS A 1 44 ? 0.259   5.345   -3.823  1.00 29.31  ? 44  HIS A CB    1 
ATOM   329  C CG    . HIS A 1 44 ? 0.516   6.043   -5.105  1.00 32.41  ? 44  HIS A CG    1 
ATOM   330  N ND1   . HIS A 1 44 ? 1.575   6.920   -5.271  1.00 34.38  ? 44  HIS A ND1   1 
ATOM   331  C CD2   . HIS A 1 44 ? -0.156  6.017   -6.280  1.00 32.84  ? 44  HIS A CD2   1 
ATOM   332  C CE1   . HIS A 1 44 ? 1.540   7.385   -6.506  1.00 36.99  ? 44  HIS A CE1   1 
ATOM   333  N NE2   . HIS A 1 44 ? 0.496   6.867   -7.132  1.00 34.03  ? 44  HIS A NE2   1 
ATOM   334  N N     . ASN A 1 45 ? 0.632   2.220   -2.394  1.00 29.35  ? 45  ASN A N     1 
ATOM   335  C CA    . ASN A 1 45 ? 0.532   1.512   -1.110  1.00 29.31  ? 45  ASN A CA    1 
ATOM   336  C C     . ASN A 1 45 ? -0.937  1.281   -0.717  1.00 28.68  ? 45  ASN A C     1 
ATOM   337  O O     . ASN A 1 45 ? -1.274  1.433   0.469   1.00 28.33  ? 45  ASN A O     1 
ATOM   338  C CB    . ASN A 1 45 ? 1.169   2.345   -0.003  1.00 28.57  ? 45  ASN A CB    1 
ATOM   339  C CG    . ASN A 1 45 ? 2.637   2.138   0.097   1.00 30.21  ? 45  ASN A CG    1 
ATOM   340  O OD1   . ASN A 1 45 ? 3.184   1.238   -0.554  1.00 30.66  ? 45  ASN A OD1   1 
ATOM   341  N ND2   . ASN A 1 45 ? 3.320   2.971   0.914   1.00 27.89  ? 45  ASN A ND2   1 
ATOM   342  N N     . GLY A 1 46 ? -1.803  0.978   -1.700  1.00 28.09  ? 46  GLY A N     1 
ATOM   343  C CA    . GLY A 1 46 ? -3.209  0.636   -1.440  1.00 27.08  ? 46  GLY A CA    1 
ATOM   344  C C     . GLY A 1 46 ? -4.113  1.837   -1.418  1.00 27.59  ? 46  GLY A C     1 
ATOM   345  O O     . GLY A 1 46 ? -5.320  1.683   -1.284  1.00 27.84  ? 46  GLY A O     1 
ATOM   346  N N     . CYS A 1 47 ? -3.539  3.044   -1.532  1.00 27.53  ? 47  CYS A N     1 
ATOM   347  C CA    . CYS A 1 47 ? -4.324  4.262   -1.523  1.00 26.44  ? 47  CYS A CA    1 
ATOM   348  C C     . CYS A 1 47 ? -4.561  4.770   -2.947  1.00 26.33  ? 47  CYS A C     1 
ATOM   349  O O     . CYS A 1 47 ? -3.630  5.077   -3.685  1.00 26.33  ? 47  CYS A O     1 
ATOM   350  C CB    . CYS A 1 47 ? -3.597  5.284   -0.696  1.00 26.11  ? 47  CYS A CB    1 
ATOM   351  S SG    . CYS A 1 47 ? -4.293  6.904   -0.862  1.00 31.02  ? 47  CYS A SG    1 
ATOM   352  N N     . CYS A 1 48 ? -5.835  4.843   -3.318  1.00 26.45  ? 48  CYS A N     1 
ATOM   353  C CA    . CYS A 1 48 ? -6.258  5.283   -4.617  1.00 26.19  ? 48  CYS A CA    1 
ATOM   354  C C     . CYS A 1 48 ? -5.927  6.757   -4.842  1.00 25.93  ? 48  CYS A C     1 
ATOM   355  O O     . CYS A 1 48 ? -6.363  7.611   -4.088  1.00 25.53  ? 48  CYS A O     1 
ATOM   356  C CB    . CYS A 1 48 ? -7.757  4.981   -4.808  1.00 25.67  ? 48  CYS A CB    1 
ATOM   357  S SG    . CYS A 1 48 ? -8.238  5.169   -6.570  1.00 30.53  ? 48  CYS A SG    1 
ATOM   358  N N     . LEU A 1 49 ? -5.150  7.039   -5.880  1.00 25.71  ? 49  LEU A N     1 
ATOM   359  C CA    . LEU A 1 49 ? -4.794  8.398   -6.257  1.00 26.04  ? 49  LEU A CA    1 
ATOM   360  C C     . LEU A 1 49 ? -5.047  8.655   -7.769  1.00 26.57  ? 49  LEU A C     1 
ATOM   361  O O     . LEU A 1 49 ? -4.965  7.744   -8.592  1.00 26.95  ? 49  LEU A O     1 
ATOM   362  C CB    . LEU A 1 49 ? -3.335  8.692   -5.882  1.00 24.94  ? 49  LEU A CB    1 
ATOM   363  C CG    . LEU A 1 49 ? -2.961  8.602   -4.409  1.00 25.26  ? 49  LEU A CG    1 
ATOM   364  C CD1   . LEU A 1 49 ? -1.462  8.886   -4.336  1.00 24.39  ? 49  LEU A CD1   1 
ATOM   365  C CD2   . LEU A 1 49 ? -3.755  9.571   -3.466  1.00 23.34  ? 49  LEU A CD2   1 
ATOM   366  N N     . THR A 1 50 ? -5.346  9.881   -8.149  1.00 27.61  ? 50  THR A N     1 
ATOM   367  C CA    . THR A 1 50 ? -5.622  10.151  -9.580  1.00 28.43  ? 50  THR A CA    1 
ATOM   368  C C     . THR A 1 50 ? -4.420  10.729  -10.349 1.00 29.20  ? 50  THR A C     1 
ATOM   369  O O     . THR A 1 50 ? -3.764  11.706  -9.882  1.00 28.95  ? 50  THR A O     1 
ATOM   370  C CB    . THR A 1 50 ? -6.777  11.089  -9.700  1.00 28.46  ? 50  THR A CB    1 
ATOM   371  O OG1   . THR A 1 50 ? -7.921  10.542  -8.996  1.00 28.55  ? 50  THR A OG1   1 
ATOM   372  C CG2   . THR A 1 50 ? -7.185  11.185  -11.166 1.00 26.63  ? 50  THR A CG2   1 
ATOM   373  N N     . VAL A 1 51 ? -4.088  10.119  -11.500 1.00 29.90  ? 51  VAL A N     1 
ATOM   374  C CA    . VAL A 1 51 ? -2.967  10.668  -12.321 1.00 30.29  ? 51  VAL A CA    1 
ATOM   375  C C     . VAL A 1 51 ? -3.247  12.130  -12.779 1.00 31.31  ? 51  VAL A C     1 
ATOM   376  O O     . VAL A 1 51 ? -4.222  12.383  -13.440 1.00 29.76  ? 51  VAL A O     1 
ATOM   377  C CB    . VAL A 1 51 ? -2.606  9.766   -13.530 1.00 30.43  ? 51  VAL A CB    1 
ATOM   378  C CG1   . VAL A 1 51 ? -1.506  10.419  -14.421 1.00 27.57  ? 51  VAL A CG1   1 
ATOM   379  C CG2   . VAL A 1 51 ? -2.167  8.393   -13.046 1.00 28.69  ? 51  VAL A CG2   1 
ATOM   380  N N     . THR A 1 52 ? -2.416  13.081  -12.363 1.00 33.29  ? 52  THR A N     1 
ATOM   381  C CA    . THR A 1 52 ? -2.590  14.456  -12.777 1.00 35.72  ? 52  THR A CA    1 
ATOM   382  C C     . THR A 1 52 ? -1.628  14.843  -13.890 1.00 38.24  ? 52  THR A C     1 
ATOM   383  O O     . THR A 1 52 ? -1.835  15.834  -14.556 1.00 38.14  ? 52  THR A O     1 
ATOM   384  C CB    . THR A 1 52 ? -2.394  15.446  -11.599 1.00 35.78  ? 52  THR A CB    1 
ATOM   385  O OG1   . THR A 1 52 ? -1.021  15.445  -11.208 1.00 35.35  ? 52  THR A OG1   1 
ATOM   386  C CG2   . THR A 1 52 ? -3.150  15.029  -10.352 1.00 34.48  ? 52  THR A CG2   1 
ATOM   387  N N     . GLU A 1 53 ? -0.546  14.085  -14.068 1.00 41.55  ? 53  GLU A N     1 
ATOM   388  C CA    . GLU A 1 53 ? 0.433   14.426  -15.084 1.00 44.40  ? 53  GLU A CA    1 
ATOM   389  C C     . GLU A 1 53 ? 1.364   13.285  -15.428 1.00 43.72  ? 53  GLU A C     1 
ATOM   390  O O     . GLU A 1 53 ? 1.713   12.533  -14.550 1.00 43.72  ? 53  GLU A O     1 
ATOM   391  C CB    . GLU A 1 53 ? 1.267   15.626  -14.650 1.00 45.39  ? 53  GLU A CB    1 
ATOM   392  C CG    . GLU A 1 53 ? 1.863   16.341  -15.862 1.00 54.68  ? 53  GLU A CG    1 
ATOM   393  C CD    . GLU A 1 53 ? 2.761   17.496  -15.461 1.00 65.00  ? 53  GLU A CD    1 
ATOM   394  O OE1   . GLU A 1 53 ? 2.307   18.341  -14.633 1.00 68.90  ? 53  GLU A OE1   1 
ATOM   395  O OE2   . GLU A 1 53 ? 3.925   17.542  -15.948 1.00 69.30  ? 53  GLU A OE2   1 
ATOM   396  N N     . ILE A 1 54 ? 1.774   13.185  -16.702 1.00 43.58  ? 54  ILE A N     1 
ATOM   397  C CA    . ILE A 1 54 ? 2.730   12.168  -17.136 1.00 43.68  ? 54  ILE A CA    1 
ATOM   398  C C     . ILE A 1 54 ? 3.834   12.819  -17.991 1.00 44.20  ? 54  ILE A C     1 
ATOM   399  O O     . ILE A 1 54 ? 3.540   13.375  -19.080 1.00 43.29  ? 54  ILE A O     1 
ATOM   400  C CB    . ILE A 1 54 ? 2.042   11.028  -17.955 1.00 44.01  ? 54  ILE A CB    1 
ATOM   401  C CG1   . ILE A 1 54 ? 0.650   10.667  -17.400 1.00 42.45  ? 54  ILE A CG1   1 
ATOM   402  C CG2   . ILE A 1 54 ? 3.001   9.809   -18.121 1.00 43.44  ? 54  ILE A CG2   1 
ATOM   403  C CD1   . ILE A 1 54 ? 0.032   9.497   -18.029 1.00 38.21  ? 54  ILE A CD1   1 
ATOM   404  N N     . ASN A 1 55 ? 5.076   12.786  -17.461 1.00 44.13  ? 55  ASN A N     1 
ATOM   405  C CA    . ASN A 1 55 ? 6.327   13.109  -18.183 1.00 44.59  ? 55  ASN A CA    1 
ATOM   406  C C     . ASN A 1 55 ? 7.176   11.851  -18.250 1.00 45.04  ? 55  ASN A C     1 
ATOM   407  O O     . ASN A 1 55 ? 7.938   11.538  -17.313 1.00 44.90  ? 55  ASN A O     1 
ATOM   408  C CB    . ASN A 1 55 ? 7.166   14.204  -17.491 1.00 45.02  ? 55  ASN A CB    1 
ATOM   409  C CG    . ASN A 1 55 ? 6.319   15.405  -17.034 1.00 47.85  ? 55  ASN A CG    1 
ATOM   410  O OD1   . ASN A 1 55 ? 5.672   16.305  -17.681 0.00 75.44  ? 55  ASN A OD1   1 
ATOM   411  N ND2   . ASN A 1 55 ? 6.325   15.412  -15.730 0.00 73.60  ? 55  ASN A ND2   1 
ATOM   412  N N     . GLY A 1 56 ? 7.050   11.124  -19.351 1.00 45.18  ? 56  GLY A N     1 
ATOM   413  C CA    . GLY A 1 56 ? 7.867   9.957   -19.541 1.00 45.67  ? 56  GLY A CA    1 
ATOM   414  C C     . GLY A 1 56 ? 7.338   8.909   -18.600 1.00 46.39  ? 56  GLY A C     1 
ATOM   415  O O     . GLY A 1 56 ? 6.189   8.453   -18.757 1.00 46.91  ? 56  GLY A O     1 
ATOM   416  N N     . ASN A 1 57 ? 8.173   8.529   -17.638 1.00 45.77  ? 57  ASN A N     1 
ATOM   417  C CA    . ASN A 1 57 ? 7.833   7.488   -16.681 1.00 45.69  ? 57  ASN A CA    1 
ATOM   418  C C     . ASN A 1 57 ? 7.664   8.140   -15.267 1.00 44.17  ? 57  ASN A C     1 
ATOM   419  O O     . ASN A 1 57 ? 7.550   7.440   -14.225 1.00 44.20  ? 57  ASN A O     1 
ATOM   420  C CB    . ASN A 1 57 ? 8.941   6.416   -16.723 1.00 47.21  ? 57  ASN A CB    1 
ATOM   421  C CG    . ASN A 1 57 ? 10.270  6.971   -16.253 1.00 50.60  ? 57  ASN A CG    1 
ATOM   422  O OD1   . ASN A 1 57 ? 10.724  8.058   -16.708 1.00 53.87  ? 57  ASN A OD1   1 
ATOM   423  N ND2   . ASN A 1 57 ? 10.878  6.283   -15.278 1.00 56.39  ? 57  ASN A ND2   1 
ATOM   424  N N     . HIS A 1 58 ? 7.634   9.486   -15.264 1.00 41.64  ? 58  HIS A N     1 
ATOM   425  C CA    . HIS A 1 58 ? 7.400   10.277  -14.070 1.00 39.27  ? 58  HIS A CA    1 
ATOM   426  C C     . HIS A 1 58 ? 5.930   10.658  -13.974 1.00 37.45  ? 58  HIS A C     1 
ATOM   427  O O     . HIS A 1 58 ? 5.434   11.404  -14.809 1.00 37.18  ? 58  HIS A O     1 
ATOM   428  C CB    . HIS A 1 58 ? 8.321   11.486  -14.044 1.00 39.11  ? 58  HIS A CB    1 
ATOM   429  C CG    . HIS A 1 58 ? 9.729   11.155  -13.616 1.00 41.47  ? 58  HIS A CG    1 
ATOM   430  N ND1   . HIS A 1 58 ? 10.592  12.087  -13.065 1.00 41.01  ? 58  HIS A ND1   1 
ATOM   431  C CD2   . HIS A 1 58 ? 10.418  9.987   -13.660 1.00 41.56  ? 58  HIS A CD2   1 
ATOM   432  C CE1   . HIS A 1 58 ? 11.753  11.505  -12.811 1.00 40.94  ? 58  HIS A CE1   1 
ATOM   433  N NE2   . HIS A 1 58 ? 11.667  10.227  -13.149 1.00 40.84  ? 58  HIS A NE2   1 
ATOM   434  N N     . VAL A 1 59 ? 5.232   10.099  -12.985 1.00 35.33  ? 59  VAL A N     1 
ATOM   435  C CA    . VAL A 1 59 ? 3.785   10.254  -12.881 1.00 34.03  ? 59  VAL A CA    1 
ATOM   436  C C     . VAL A 1 59 ? 3.418   11.013  -11.605 1.00 33.83  ? 59  VAL A C     1 
ATOM   437  O O     . VAL A 1 59 ? 3.873   10.694  -10.510 1.00 34.32  ? 59  VAL A O     1 
ATOM   438  C CB    . VAL A 1 59 ? 3.058   8.912   -12.975 1.00 33.77  ? 59  VAL A CB    1 
ATOM   439  C CG1   . VAL A 1 59 ? 1.593   9.124   -13.163 1.00 33.30  ? 59  VAL A CG1   1 
ATOM   440  C CG2   . VAL A 1 59 ? 3.649   8.076   -14.101 1.00 32.32  ? 59  VAL A CG2   1 
ATOM   441  N N     . SER A 1 60 ? 2.603   12.040  -11.775 1.00 33.54  ? 60  SER A N     1 
ATOM   442  C CA    . SER A 1 60 ? 2.211   12.961  -10.702 1.00 33.06  ? 60  SER A CA    1 
ATOM   443  C C     . SER A 1 60 ? 0.809   12.681  -10.168 1.00 32.19  ? 60  SER A C     1 
ATOM   444  O O     . SER A 1 60 ? -0.087  12.314  -10.949 1.00 31.36  ? 60  SER A O     1 
ATOM   445  C CB    . SER A 1 60 ? 2.265   14.402  -11.214 1.00 32.30  ? 60  SER A CB    1 
ATOM   446  O OG    . SER A 1 60 ? 3.606   14.714  -11.511 1.00 34.84  ? 60  SER A OG    1 
ATOM   447  N N     . PHE A 1 61 ? 0.671   12.869  -8.843  1.00 31.07  ? 61  PHE A N     1 
ATOM   448  C CA    . PHE A 1 61 ? -0.567  12.740  -8.121  1.00 31.11  ? 61  PHE A CA    1 
ATOM   449  C C     . PHE A 1 61 ? -0.672  13.823  -7.096  1.00 31.83  ? 61  PHE A C     1 
ATOM   450  O O     . PHE A 1 61 ? 0.362   14.235  -6.521  1.00 32.34  ? 61  PHE A O     1 
ATOM   451  C CB    . PHE A 1 61 ? -0.598  11.398  -7.408  1.00 30.77  ? 61  PHE A CB    1 
ATOM   452  C CG    . PHE A 1 61 ? -0.400  10.217  -8.334  1.00 31.24  ? 61  PHE A CG    1 
ATOM   453  C CD1   . PHE A 1 61 ? 0.899   9.808   -8.709  1.00 29.24  ? 61  PHE A CD1   1 
ATOM   454  C CD2   . PHE A 1 61 ? -1.516  9.530   -8.826  1.00 27.77  ? 61  PHE A CD2   1 
ATOM   455  C CE1   . PHE A 1 61 ? 1.087   8.751   -9.551  1.00 29.55  ? 61  PHE A CE1   1 
ATOM   456  C CE2   . PHE A 1 61 ? -1.342  8.446   -9.674  1.00 28.84  ? 61  PHE A CE2   1 
ATOM   457  C CZ    . PHE A 1 61 ? -0.026  8.054   -10.042 1.00 29.19  ? 61  PHE A CZ    1 
ATOM   458  N N     . ASP A 1 62 ? -1.901  14.290  -6.831  1.00 31.97  ? 62  ASP A N     1 
ATOM   459  C CA    . ASP A 1 62 ? -2.090  15.318  -5.798  1.00 32.65  ? 62  ASP A CA    1 
ATOM   460  C C     . ASP A 1 62 ? -2.743  14.692  -4.554  1.00 32.73  ? 62  ASP A C     1 
ATOM   461  O O     . ASP A 1 62 ? -3.785  14.037  -4.682  1.00 33.26  ? 62  ASP A O     1 
ATOM   462  C CB    . ASP A 1 62 ? -2.935  16.466  -6.332  1.00 32.57  ? 62  ASP A CB    1 
ATOM   463  C CG    . ASP A 1 62 ? -2.196  17.327  -7.358  1.00 35.45  ? 62  ASP A CG    1 
ATOM   464  O OD1   . ASP A 1 62 ? -2.895  18.031  -8.129  1.00 38.98  ? 62  ASP A OD1   1 
ATOM   465  O OD2   . ASP A 1 62 ? -0.947  17.373  -7.480  1.00 37.96  ? 62  ASP A OD2   1 
ATOM   466  N N     . LEU A 1 63 ? -2.122  14.886  -3.390  1.00 31.93  ? 63  LEU A N     1 
ATOM   467  C CA    . LEU A 1 63 ? -2.561  14.286  -2.132  1.00 32.92  ? 63  LEU A CA    1 
ATOM   468  C C     . LEU A 1 63 ? -3.149  15.334  -1.196  1.00 34.33  ? 63  LEU A C     1 
ATOM   469  O O     . LEU A 1 63 ? -2.490  16.282  -0.818  1.00 35.38  ? 63  LEU A O     1 
ATOM   470  C CB    . LEU A 1 63 ? -1.395  13.557  -1.445  1.00 32.28  ? 63  LEU A CB    1 
ATOM   471  C CG    . LEU A 1 63 ? -0.914  12.311  -2.184  1.00 30.78  ? 63  LEU A CG    1 
ATOM   472  C CD1   . LEU A 1 63 ? -0.056  12.683  -3.438  1.00 29.03  ? 63  LEU A CD1   1 
ATOM   473  C CD2   . LEU A 1 63 ? -0.153  11.506  -1.245  1.00 29.10  ? 63  LEU A CD2   1 
ATOM   474  N N     . MET A 1 64 ? -4.411  15.203  -0.855  1.00 36.05  ? 64  MET A N     1 
ATOM   475  C CA    . MET A 1 64 ? -5.051  16.111  0.085   1.00 38.31  ? 64  MET A CA    1 
ATOM   476  C C     . MET A 1 64 ? -4.546  15.837  1.479   1.00 39.26  ? 64  MET A C     1 
ATOM   477  O O     . MET A 1 64 ? -4.028  14.743  1.761   1.00 39.09  ? 64  MET A O     1 
ATOM   478  C CB    . MET A 1 64 ? -6.573  15.920  0.085   1.00 38.09  ? 64  MET A CB    1 
ATOM   479  C CG    . MET A 1 64 ? -7.204  16.333  -1.211  1.00 42.33  ? 64  MET A CG    1 
ATOM   480  S SD    . MET A 1 64 ? -7.103  18.188  -1.497  1.00 54.78  ? 64  MET A SD    1 
ATOM   481  C CE    . MET A 1 64 ? -6.072  18.120  -3.001  1.00 50.40  ? 64  MET A CE    1 
ATOM   482  N N     . LYS A 1 65 ? -4.757  16.808  2.370   1.00 40.99  ? 65  LYS A N     1 
ATOM   483  C CA    . LYS A 1 65 ? -4.448  16.605  3.793   1.00 42.35  ? 65  LYS A CA    1 
ATOM   484  C C     . LYS A 1 65 ? -5.124  15.387  4.448   1.00 41.70  ? 65  LYS A C     1 
ATOM   485  O O     . LYS A 1 65 ? -4.513  14.709  5.248   1.00 41.75  ? 65  LYS A O     1 
ATOM   486  C CB    . LYS A 1 65 ? -4.751  17.866  4.622   1.00 43.72  ? 65  LYS A CB    1 
ATOM   487  C CG    . LYS A 1 65 ? -3.507  18.502  5.314   1.00 46.50  ? 65  LYS A CG    1 
ATOM   488  C CD    . LYS A 1 65 ? -4.119  18.700  6.857   0.00 90.95  ? 65  LYS A CD    1 
ATOM   489  C CE    . LYS A 1 65 ? -3.199  19.729  7.465   0.00 91.12  ? 65  LYS A CE    1 
ATOM   490  N NZ    . LYS A 1 65 ? -3.712  20.224  8.771   0.00 83.47  ? 65  LYS A NZ    1 
ATOM   491  N N     . GLU A 1 66 ? -6.389  15.123  4.168   1.00 41.87  ? 66  GLU A N     1 
ATOM   492  C CA    . GLU A 1 66 ? -6.998  13.921  4.759   1.00 41.63  ? 66  GLU A CA    1 
ATOM   493  C C     . GLU A 1 66 ? -6.317  12.585  4.324   1.00 41.05  ? 66  GLU A C     1 
ATOM   494  O O     . GLU A 1 66 ? -6.026  11.717  5.167   1.00 41.14  ? 66  GLU A O     1 
ATOM   495  C CB    . GLU A 1 66 ? -8.544  13.958  4.720   1.00 41.75  ? 66  GLU A CB    1 
ATOM   496  C CG    . GLU A 1 66 ? -9.318  13.018  3.772   1.00 45.97  ? 66  GLU A CG    1 
ATOM   497  C CD    . GLU A 1 66 ? -10.863 13.245  3.789   1.00 45.17  ? 66  GLU A CD    1 
ATOM   498  O OE1   . GLU A 1 66 ? -11.255 14.285  4.326   0.00 72.84  ? 66  GLU A OE1   1 
ATOM   499  O OE2   . GLU A 1 66 ? -11.538 12.453  3.134   0.00 70.67  ? 66  GLU A OE2   1 
ATOM   500  N N     . THR A 1 67 ? -5.995  12.443  3.039   1.00 39.52  ? 67  THR A N     1 
ATOM   501  C CA    . THR A 1 67 ? -5.263  11.276  2.594   1.00 38.21  ? 67  THR A CA    1 
ATOM   502  C C     . THR A 1 67 ? -3.940  11.127  3.361   1.00 38.04  ? 67  THR A C     1 
ATOM   503  O O     . THR A 1 67 ? -3.572  10.034  3.754   1.00 37.25  ? 67  THR A O     1 
ATOM   504  C CB    . THR A 1 67 ? -5.017  11.413  1.086   1.00 38.20  ? 67  THR A CB    1 
ATOM   505  O OG1   . THR A 1 67 ? -6.256  11.244  0.428   1.00 39.03  ? 67  THR A OG1   1 
ATOM   506  C CG2   . THR A 1 67 ? -4.112  10.316  0.519   1.00 33.61  ? 67  THR A CG2   1 
ATOM   507  N N     . LEU A 1 68 ? -3.231  12.237  3.540   1.00 37.63  ? 68  LEU A N     1 
ATOM   508  C CA    . LEU A 1 68 ? -1.979  12.250  4.283   1.00 38.14  ? 68  LEU A CA    1 
ATOM   509  C C     . LEU A 1 68 ? -2.114  11.873  5.769   1.00 38.43  ? 68  LEU A C     1 
ATOM   510  O O     . LEU A 1 68 ? -1.250  11.176  6.330   1.00 39.05  ? 68  LEU A O     1 
ATOM   511  C CB    . LEU A 1 68 ? -1.274  13.604  4.125   1.00 38.43  ? 68  LEU A CB    1 
ATOM   512  C CG    . LEU A 1 68 ? -0.852  14.063  2.717   1.00 38.53  ? 68  LEU A CG    1 
ATOM   513  C CD1   . LEU A 1 68 ? -0.546  15.528  2.678   1.00 38.01  ? 68  LEU A CD1   1 
ATOM   514  C CD2   . LEU A 1 68 ? 0.329   13.257  2.115   1.00 37.75  ? 68  LEU A CD2   1 
ATOM   515  N N     . ARG A 1 69 ? -3.192  12.286  6.410   1.00 38.80  ? 69  ARG A N     1 
ATOM   516  C CA    . ARG A 1 69 ? -3.383  11.934  7.796   1.00 40.64  ? 69  ARG A CA    1 
ATOM   517  C C     . ARG A 1 69 ? -3.850  10.478  7.976   1.00 39.72  ? 69  ARG A C     1 
ATOM   518  O O     . ARG A 1 69 ? -3.282  9.820   8.835   1.00 40.73  ? 69  ARG A O     1 
ATOM   519  C CB    . ARG A 1 69 ? -4.245  12.994  8.546   1.00 42.73  ? 69  ARG A CB    1 
ATOM   520  C CG    . ARG A 1 69 ? -5.280  12.470  9.616   1.00 48.61  ? 69  ARG A CG    1 
ATOM   521  C CD    . ARG A 1 69 ? -6.421  13.516  10.081  1.00 56.66  ? 69  ARG A CD    1 
ATOM   522  N NE    . ARG A 1 69 ? -7.672  12.874  10.573  1.00 57.71  ? 69  ARG A NE    1 
ATOM   523  C CZ    . ARG A 1 69 ? -8.674  13.131  10.820  0.00 95.84  ? 69  ARG A CZ    1 
ATOM   524  N NH1   . ARG A 1 69 ? -8.791  14.457  10.713  0.00 85.30  ? 69  ARG A NH1   1 
ATOM   525  N NH2   . ARG A 1 69 ? -9.691  12.419  11.268  0.00 80.32  ? 69  ARG A NH2   1 
ATOM   526  N N     . ILE A 1 70 ? -4.829  9.974   7.184   1.00 38.23  ? 70  ILE A N     1 
ATOM   527  C CA    . ILE A 1 70 ? -5.374  8.591   7.310   1.00 36.38  ? 70  ILE A CA    1 
ATOM   528  C C     . ILE A 1 70 ? -4.355  7.510   6.903   1.00 35.47  ? 70  ILE A C     1 
ATOM   529  O O     . ILE A 1 70 ? -4.378  6.410   7.409   1.00 35.45  ? 70  ILE A O     1 
ATOM   530  C CB    . ILE A 1 70 ? -6.711  8.383   6.485   1.00 36.79  ? 70  ILE A CB    1 
ATOM   531  C CG1   . ILE A 1 70 ? -7.890  9.223   7.019   1.00 37.11  ? 70  ILE A CG1   1 
ATOM   532  C CG2   . ILE A 1 70 ? -7.139  6.917   6.403   1.00 35.02  ? 70  ILE A CG2   1 
ATOM   533  C CD1   . ILE A 1 70 ? -9.129  9.225   6.082   1.00 37.99  ? 70  ILE A CD1   1 
ATOM   534  N N     . THR A 1 71 ? -3.456  7.809   5.995   1.00 34.00  ? 71  THR A N     1 
ATOM   535  C CA    . THR A 1 71 ? -2.592  6.761   5.434   1.00 32.98  ? 71  THR A CA    1 
ATOM   536  C C     . THR A 1 71 ? -1.128  7.022   5.796   1.00 33.31  ? 71  THR A C     1 
ATOM   537  O O     . THR A 1 71 ? -0.766  8.079   6.341   1.00 33.84  ? 71  THR A O     1 
ATOM   538  C CB    . THR A 1 71 ? -2.693  6.717   3.845   1.00 32.83  ? 71  THR A CB    1 
ATOM   539  O OG1   . THR A 1 71 ? -1.983  7.850   3.297   1.00 30.79  ? 71  THR A OG1   1 
ATOM   540  C CG2   . THR A 1 71 ? -4.144  6.850   3.318   1.00 26.80  ? 71  THR A CG2   1 
ATOM   541  N N     . ASN A 1 72 ? -0.268  6.097   5.423   1.00 32.96  ? 72  ASN A N     1 
ATOM   542  C CA    . ASN A 1 72 ? 1.148   6.290   5.657   1.00 32.67  ? 72  ASN A CA    1 
ATOM   543  C C     . ASN A 1 72 ? 1.845   7.148   4.638   1.00 33.09  ? 72  ASN A C     1 
ATOM   544  O O     . ASN A 1 72 ? 3.033   7.323   4.728   1.00 33.28  ? 72  ASN A O     1 
ATOM   545  C CB    . ASN A 1 72 ? 1.890   4.935   5.811   1.00 33.37  ? 72  ASN A CB    1 
ATOM   546  C CG    . ASN A 1 72 ? 1.869   4.046   4.533   1.00 31.66  ? 72  ASN A CG    1 
ATOM   547  O OD1   . ASN A 1 72 ? 1.732   4.510   3.401   1.00 31.70  ? 72  ASN A OD1   1 
ATOM   548  N ND2   . ASN A 1 72 ? 2.028   2.771   4.740   1.00 28.92  ? 72  ASN A ND2   1 
ATOM   549  N N     . LEU A 1 73 ? 1.109   7.692   3.675   1.00 33.66  ? 73  LEU A N     1 
ATOM   550  C CA    . LEU A 1 73 ? 1.726   8.437   2.604   1.00 34.71  ? 73  LEU A CA    1 
ATOM   551  C C     . LEU A 1 73 ? 2.295   9.755   3.130   1.00 36.46  ? 73  LEU A C     1 
ATOM   552  O O     . LEU A 1 73 ? 3.215   10.306  2.527   1.00 37.07  ? 73  LEU A O     1 
ATOM   553  C CB    . LEU A 1 73 ? 0.730   8.665   1.459   1.00 33.91  ? 73  LEU A CB    1 
ATOM   554  C CG    . LEU A 1 73 ? 0.266   7.398   0.766   1.00 32.61  ? 73  LEU A CG    1 
ATOM   555  C CD1   . LEU A 1 73 ? -0.606  7.803   -0.368  1.00 30.27  ? 73  LEU A CD1   1 
ATOM   556  C CD2   . LEU A 1 73 ? 1.427   6.458   0.289   1.00 29.51  ? 73  LEU A CD2   1 
ATOM   557  N N     . GLY A 1 74 ? 1.762   10.254  4.247   1.00 37.94  ? 74  GLY A N     1 
ATOM   558  C CA    . GLY A 1 74 ? 2.376   11.381  4.922   1.00 40.01  ? 74  GLY A CA    1 
ATOM   559  C C     . GLY A 1 74 ? 3.802   11.169  5.389   1.00 41.34  ? 74  GLY A C     1 
ATOM   560  O O     . GLY A 1 74 ? 4.590   12.091  5.426   1.00 42.48  ? 74  GLY A O     1 
ATOM   561  N N     . ASP A 1 75 ? 4.166   9.938   5.713   1.00 42.59  ? 75  ASP A N     1 
ATOM   562  C CA    . ASP A 1 75 ? 5.539   9.645   6.141   1.00 43.49  ? 75  ASP A CA    1 
ATOM   563  C C     . ASP A 1 75 ? 6.525   9.236   5.063   1.00 42.82  ? 75  ASP A C     1 
ATOM   564  O O     . ASP A 1 75 ? 7.668   9.006   5.385   1.00 42.98  ? 75  ASP A O     1 
ATOM   565  C CB    . ASP A 1 75 ? 5.542   8.566   7.225   1.00 44.46  ? 75  ASP A CB    1 
ATOM   566  C CG    . ASP A 1 75 ? 4.537   8.876   8.372   1.00 50.97  ? 75  ASP A CG    1 
ATOM   567  O OD1   . ASP A 1 75 ? 4.640   9.972   9.016   1.00 53.99  ? 75  ASP A OD1   1 
ATOM   568  O OD2   . ASP A 1 75 ? 3.580   8.093   8.665   1.00 56.95  ? 75  ASP A OD2   1 
ATOM   569  N N     . LEU A 1 76 ? 6.128   9.101   3.803   1.00 41.89  ? 76  LEU A N     1 
ATOM   570  C CA    . LEU A 1 76 ? 7.137   8.799   2.807   1.00 41.33  ? 76  LEU A CA    1 
ATOM   571  C C     . LEU A 1 76 ? 8.201   9.914   2.679   1.00 41.97  ? 76  LEU A C     1 
ATOM   572  O O     . LEU A 1 76 ? 7.974   11.100  2.965   1.00 42.35  ? 76  LEU A O     1 
ATOM   573  C CB    . LEU A 1 76 ? 6.507   8.490   1.451   1.00 40.94  ? 76  LEU A CB    1 
ATOM   574  C CG    . LEU A 1 76 ? 5.505   7.343   1.463   1.00 39.62  ? 76  LEU A CG    1 
ATOM   575  C CD1   . LEU A 1 76 ? 4.740   7.312   0.165   1.00 37.81  ? 76  LEU A CD1   1 
ATOM   576  C CD2   . LEU A 1 76 ? 6.195   6.045   1.724   1.00 37.22  ? 76  LEU A CD2   1 
ATOM   577  N N     . LYS A 1 77 ? 9.383   9.511   2.267   1.00 42.63  ? 77  LYS A N     1 
ATOM   578  C CA    . LYS A 1 77 ? 10.416  10.459  1.921   1.00 43.61  ? 77  LYS A CA    1 
ATOM   579  C C     . LYS A 1 77 ? 10.857  10.137  0.503   1.00 42.78  ? 77  LYS A C     1 
ATOM   580  O O     . LYS A 1 77 ? 10.660  9.009   0.055   1.00 43.58  ? 77  LYS A O     1 
ATOM   581  C CB    . LYS A 1 77 ? 11.548  10.506  3.003   1.00 44.12  ? 77  LYS A CB    1 
ATOM   582  C CG    . LYS A 1 77 ? 12.303  9.224   3.289   1.00 46.54  ? 77  LYS A CG    1 
ATOM   583  C CD    . LYS A 1 77 ? 13.229  9.354   4.538   1.00 50.48  ? 77  LYS A CD    1 
ATOM   584  C CE    . LYS A 1 77 ? 14.281  8.003   4.090   0.00 86.14  ? 77  LYS A CE    1 
ATOM   585  N NZ    . LYS A 1 77 ? 15.325  8.040   5.151   0.00 100.00 ? 77  LYS A NZ    1 
ATOM   586  N N     . VAL A 1 78 ? 11.338  11.137  -0.230  1.00 42.04  ? 78  VAL A N     1 
ATOM   587  C CA    . VAL A 1 78 ? 11.962  10.955  -1.553  1.00 41.08  ? 78  VAL A CA    1 
ATOM   588  C C     . VAL A 1 78 ? 12.944  9.758   -1.520  1.00 40.40  ? 78  VAL A C     1 
ATOM   589  O O     . VAL A 1 78 ? 13.722  9.616   -0.563  1.00 40.30  ? 78  VAL A O     1 
ATOM   590  C CB    . VAL A 1 78 ? 12.701  12.249  -2.010  1.00 40.93  ? 78  VAL A CB    1 
ATOM   591  C CG1   . VAL A 1 78 ? 13.303  12.046  -3.410  1.00 41.28  ? 78  VAL A CG1   1 
ATOM   592  C CG2   . VAL A 1 78 ? 11.730  13.385  -2.071  1.00 40.04  ? 78  VAL A CG2   1 
ATOM   593  N N     . GLY A 1 79 ? 12.862  8.875   -2.513  1.00 39.24  ? 79  GLY A N     1 
ATOM   594  C CA    . GLY A 1 79 ? 13.663  7.660   -2.489  1.00 38.65  ? 79  GLY A CA    1 
ATOM   595  C C     . GLY A 1 79 ? 12.996  6.407   -1.898  1.00 38.47  ? 79  GLY A C     1 
ATOM   596  O O     . GLY A 1 79 ? 13.567  5.297   -1.973  1.00 37.98  ? 79  GLY A O     1 
ATOM   597  N N     . ASP A 1 80 ? 11.802  6.570   -1.309  1.00 37.72  ? 80  ASP A N     1 
ATOM   598  C CA    . ASP A 1 80 ? 11.025  5.415   -0.869  1.00 36.90  ? 80  ASP A CA    1 
ATOM   599  C C     . ASP A 1 80 ? 10.325  4.750   -2.041  1.00 35.94  ? 80  ASP A C     1 
ATOM   600  O O     . ASP A 1 80 ? 10.126  5.344   -3.109  1.00 34.62  ? 80  ASP A O     1 
ATOM   601  C CB    . ASP A 1 80 ? 10.017  5.806   0.190   1.00 37.50  ? 80  ASP A CB    1 
ATOM   602  C CG    . ASP A 1 80 ? 10.668  6.134   1.491   1.00 38.97  ? 80  ASP A CG    1 
ATOM   603  O OD1   . ASP A 1 80 ? 10.005  6.739   2.349   1.00 38.96  ? 80  ASP A OD1   1 
ATOM   604  O OD2   . ASP A 1 80 ? 11.849  5.818   1.751   1.00 42.08  ? 80  ASP A OD2   1 
ATOM   605  N N     . TRP A 1 81 ? 9.989   3.486   -1.828  1.00 35.54  ? 81  TRP A N     1 
ATOM   606  C CA    . TRP A 1 81 ? 9.322   2.712   -2.839  1.00 35.78  ? 81  TRP A CA    1 
ATOM   607  C C     . TRP A 1 81 ? 7.878   2.487   -2.404  1.00 34.81  ? 81  TRP A C     1 
ATOM   608  O O     . TRP A 1 81 ? 7.627   2.114   -1.251  1.00 35.33  ? 81  TRP A O     1 
ATOM   609  C CB    . TRP A 1 81 ? 10.031  1.393   -3.025  1.00 36.47  ? 81  TRP A CB    1 
ATOM   610  C CG    . TRP A 1 81 ? 11.387  1.546   -3.603  1.00 39.72  ? 81  TRP A CG    1 
ATOM   611  C CD1   . TRP A 1 81 ? 12.553  1.734   -2.912  1.00 40.00  ? 81  TRP A CD1   1 
ATOM   612  C CD2   . TRP A 1 81 ? 11.738  1.500   -5.001  1.00 41.03  ? 81  TRP A CD2   1 
ATOM   613  N NE1   . TRP A 1 81 ? 13.601  1.834   -3.794  1.00 43.84  ? 81  TRP A NE1   1 
ATOM   614  C CE2   . TRP A 1 81 ? 13.144  1.674   -5.079  1.00 42.78  ? 81  TRP A CE2   1 
ATOM   615  C CE3   . TRP A 1 81 ? 11.005  1.343   -6.201  1.00 39.54  ? 81  TRP A CE3   1 
ATOM   616  C CZ2   . TRP A 1 81 ? 13.844  1.683   -6.313  1.00 42.07  ? 81  TRP A CZ2   1 
ATOM   617  C CZ3   . TRP A 1 81 ? 11.685  1.344   -7.413  1.00 41.92  ? 81  TRP A CZ3   1 
ATOM   618  C CH2   . TRP A 1 81 ? 13.093  1.528   -7.468  1.00 41.81  ? 81  TRP A CH2   1 
ATOM   619  N N     . VAL A 1 82 ? 6.930   2.749   -3.302  1.00 33.47  ? 82  VAL A N     1 
ATOM   620  C CA    . VAL A 1 82 ? 5.534   2.478   -3.007  1.00 32.49  ? 82  VAL A CA    1 
ATOM   621  C C     . VAL A 1 82 ? 5.045   1.338   -3.876  1.00 31.20  ? 82  VAL A C     1 
ATOM   622  O O     . VAL A 1 82 ? 5.373   1.289   -5.047  1.00 31.56  ? 82  VAL A O     1 
ATOM   623  C CB    . VAL A 1 82 ? 4.622   3.777   -3.121  1.00 32.52  ? 82  VAL A CB    1 
ATOM   624  C CG1   . VAL A 1 82 ? 5.196   4.847   -2.301  1.00 33.99  ? 82  VAL A CG1   1 
ATOM   625  C CG2   . VAL A 1 82 ? 4.508   4.276   -4.519  1.00 31.86  ? 82  VAL A CG2   1 
ATOM   626  N N     . ASN A 1 83 ? 4.316   0.389   -3.299  1.00 29.72  ? 83  ASN A N     1 
ATOM   627  C CA    . ASN A 1 83 ? 3.477   -0.505  -4.090  1.00 28.18  ? 83  ASN A CA    1 
ATOM   628  C C     . ASN A 1 83 ? 2.548   0.327   -5.036  1.00 28.04  ? 83  ASN A C     1 
ATOM   629  O O     . ASN A 1 83 ? 2.029   1.361   -4.621  1.00 27.66  ? 83  ASN A O     1 
ATOM   630  C CB    . ASN A 1 83 ? 2.655   -1.398  -3.160  1.00 26.41  ? 83  ASN A CB    1 
ATOM   631  C CG    . ASN A 1 83 ? 3.525   -2.306  -2.291  1.00 26.94  ? 83  ASN A CG    1 
ATOM   632  O OD1   . ASN A 1 83 ? 4.638   -2.704  -2.664  1.00 24.25  ? 83  ASN A OD1   1 
ATOM   633  N ND2   . ASN A 1 83 ? 3.004   -2.666  -1.117  1.00 26.99  ? 83  ASN A ND2   1 
ATOM   634  N N     . VAL A 1 84 ? 2.402   -0.107  -6.292  1.00 27.73  ? 84  VAL A N     1 
ATOM   635  C CA    . VAL A 1 84 ? 1.553   0.557   -7.285  1.00 27.57  ? 84  VAL A CA    1 
ATOM   636  C C     . VAL A 1 84 ? 0.710   -0.484  -8.010  1.00 29.23  ? 84  VAL A C     1 
ATOM   637  O O     . VAL A 1 84 ? 1.160   -1.606  -8.225  1.00 29.93  ? 84  VAL A O     1 
ATOM   638  C CB    . VAL A 1 84 ? 2.344   1.423   -8.309  1.00 27.03  ? 84  VAL A CB    1 
ATOM   639  C CG1   . VAL A 1 84 ? 2.823   2.776   -7.643  1.00 25.25  ? 84  VAL A CG1   1 
ATOM   640  C CG2   . VAL A 1 84 ? 3.530   0.651   -8.912  1.00 23.98  ? 84  VAL A CG2   1 
ATOM   641  N N     . GLU A 1 85 ? -0.522  -0.133  -8.338  1.00 29.99  ? 85  GLU A N     1 
ATOM   642  C CA    . GLU A 1 85 ? -1.408  -0.996  -9.080  1.00 32.29  ? 85  GLU A CA    1 
ATOM   643  C C     . GLU A 1 85 ? -2.293  -0.062  -9.864  1.00 33.03  ? 85  GLU A C     1 
ATOM   644  O O     . GLU A 1 85 ? -2.926  0.755   -9.254  1.00 34.63  ? 85  GLU A O     1 
ATOM   645  C CB    . GLU A 1 85 ? -2.259  -1.860  -8.141  1.00 31.72  ? 85  GLU A CB    1 
ATOM   646  C CG    . GLU A 1 85 ? -3.033  -2.998  -8.834  1.00 35.09  ? 85  GLU A CG    1 
ATOM   647  C CD    . GLU A 1 85 ? -4.174  -3.630  -7.963  1.00 42.58  ? 85  GLU A CD    1 
ATOM   648  O OE1   . GLU A 1 85 ? -5.077  -4.340  -8.524  1.00 44.89  ? 85  GLU A OE1   1 
ATOM   649  O OE2   . GLU A 1 85 ? -4.192  -3.448  -6.706  1.00 42.68  ? 85  GLU A OE2   1 
ATOM   650  N N     . ARG A 1 86 ? -2.350  -0.143  -11.183 1.00 34.38  ? 86  ARG A N     1 
ATOM   651  C CA    . ARG A 1 86 ? -3.410  0.575   -11.922 1.00 36.56  ? 86  ARG A CA    1 
ATOM   652  C C     . ARG A 1 86 ? -4.752  -0.111  -11.768 1.00 37.18  ? 86  ARG A C     1 
ATOM   653  O O     . ARG A 1 86 ? -4.801  -1.300  -11.465 1.00 38.17  ? 86  ARG A O     1 
ATOM   654  C CB    . ARG A 1 86 ? -3.119  0.604   -13.400 1.00 37.02  ? 86  ARG A CB    1 
ATOM   655  C CG    . ARG A 1 86 ? -1.784  1.197   -13.705 1.00 41.59  ? 86  ARG A CG    1 
ATOM   656  C CD    . ARG A 1 86 ? -1.366  0.963   -15.085 1.00 44.23  ? 86  ARG A CD    1 
ATOM   657  N NE    . ARG A 1 86 ? -2.473  1.288   -15.968 1.00 48.54  ? 86  ARG A NE    1 
ATOM   658  C CZ    . ARG A 1 86 ? -2.353  1.397   -17.292 1.00 51.39  ? 86  ARG A CZ    1 
ATOM   659  N NH1   . ARG A 1 86 ? -1.161  1.226   -17.872 1.00 49.89  ? 86  ARG A NH1   1 
ATOM   660  N NH2   . ARG A 1 86 ? -3.417  1.694   -18.033 1.00 51.48  ? 86  ARG A NH2   1 
ATOM   661  N N     . ALA A 1 87 ? -5.848  0.606   -12.008 1.00 37.76  ? 87  ALA A N     1 
ATOM   662  C CA    . ALA A 1 87 ? -7.164  -0.039  -12.013 1.00 37.72  ? 87  ALA A CA    1 
ATOM   663  C C     . ALA A 1 87 ? -7.607  -0.606  -13.398 1.00 35.76  ? 87  ALA A C     1 
ATOM   664  O O     . ALA A 1 87 ? -7.406  0.280   -14.299 1.00 35.76  ? 87  ALA A O     1 
ATOM   665  C CB    . ALA A 1 87 ? -8.186  0.926   -11.380 1.00 37.58  ? 87  ALA A CB    1 
ATOM   666  N N     . MET B 1 1  ? -12.438 -6.000  -5.866  1.00 50.09  ? 1   MET B N     1 
ATOM   667  C CA    . MET B 1 1  ? -12.365 -6.456  -4.438  1.00 50.74  ? 1   MET B CA    1 
ATOM   668  C C     . MET B 1 1  ? -11.960 -5.347  -3.402  1.00 48.30  ? 1   MET B C     1 
ATOM   669  O O     . MET B 1 1  ? -12.554 -5.240  -2.303  1.00 49.25  ? 1   MET B O     1 
ATOM   670  C CB    . MET B 1 1  ? -11.478 -7.694  -4.359  1.00 52.53  ? 1   MET B CB    1 
ATOM   671  C CG    . MET B 1 1  ? -11.204 -8.248  -2.919  1.00 60.14  ? 1   MET B CG    1 
ATOM   672  S SD    . MET B 1 1  ? -12.194 -9.777  -2.433  1.00 75.94  ? 1   MET B SD    1 
ATOM   673  C CE    . MET B 1 1  ? -10.894 -10.964 -1.692  1.00 71.19  ? 1   MET B CE    1 
ATOM   674  N N     . PHE B 1 2  ? -10.991 -4.509  -3.761  1.00 44.12  ? 2   PHE B N     1 
ATOM   675  C CA    . PHE B 1 2  ? -10.641 -3.329  -2.947  1.00 40.47  ? 2   PHE B CA    1 
ATOM   676  C C     . PHE B 1 2  ? -10.985 -2.033  -3.695  1.00 39.34  ? 2   PHE B C     1 
ATOM   677  O O     . PHE B 1 2  ? -10.904 -1.952  -4.936  1.00 38.33  ? 2   PHE B O     1 
ATOM   678  C CB    . PHE B 1 2  ? -9.138  -3.346  -2.580  1.00 39.30  ? 2   PHE B CB    1 
ATOM   679  C CG    . PHE B 1 2  ? -8.741  -4.553  -1.827  1.00 37.31  ? 2   PHE B CG    1 
ATOM   680  C CD1   . PHE B 1 2  ? -8.145  -5.645  -2.473  1.00 36.37  ? 2   PHE B CD1   1 
ATOM   681  C CD2   . PHE B 1 2  ? -9.031  -4.659  -0.492  1.00 36.59  ? 2   PHE B CD2   1 
ATOM   682  C CE1   . PHE B 1 2  ? -7.808  -6.805  -1.795  1.00 34.31  ? 2   PHE B CE1   1 
ATOM   683  C CE2   . PHE B 1 2  ? -8.690  -5.807  0.198   1.00 37.16  ? 2   PHE B CE2   1 
ATOM   684  C CZ    . PHE B 1 2  ? -8.058  -6.895  -0.465  1.00 33.37  ? 2   PHE B CZ    1 
ATOM   685  N N     . THR B 1 3  ? -11.345 -1.027  -2.915  1.00 37.62  ? 3   THR B N     1 
ATOM   686  C CA    . THR B 1 3  ? -11.706 0.275   -3.419  1.00 36.90  ? 3   THR B CA    1 
ATOM   687  C C     . THR B 1 3  ? -10.513 1.262   -3.455  1.00 37.12  ? 3   THR B C     1 
ATOM   688  O O     . THR B 1 3  ? -10.550 2.264   -4.195  1.00 37.78  ? 3   THR B O     1 
ATOM   689  C CB    . THR B 1 3  ? -12.884 0.887   -2.576  1.00 36.89  ? 3   THR B CB    1 
ATOM   690  O OG1   . THR B 1 3  ? -12.435 1.228   -1.264  1.00 37.93  ? 3   THR B OG1   1 
ATOM   691  C CG2   . THR B 1 3  ? -14.015 -0.117  -2.273  1.00 36.13  ? 3   THR B CG2   1 
ATOM   692  N N     . GLY B 1 4  ? -9.455  0.977   -2.678  1.00 36.15  ? 4   GLY B N     1 
ATOM   693  C CA    . GLY B 1 4  ? -8.352  1.924   -2.485  1.00 34.74  ? 4   GLY B CA    1 
ATOM   694  C C     . GLY B 1 4  ? -8.659  3.102   -1.568  1.00 33.69  ? 4   GLY B C     1 
ATOM   695  O O     . GLY B 1 4  ? -7.881  4.036   -1.442  1.00 32.74  ? 4   GLY B O     1 
ATOM   696  N N     . ILE B 1 5  ? -9.831  3.062   -0.949  1.00 33.54  ? 5   ILE B N     1 
ATOM   697  C CA    . ILE B 1 5  ? -10.084 3.896   0.197   1.00 33.80  ? 5   ILE B CA    1 
ATOM   698  C C     . ILE B 1 5  ? -9.530  3.176   1.453   1.00 33.88  ? 5   ILE B C     1 
ATOM   699  O O     . ILE B 1 5  ? -10.168 2.295   2.051   1.00 34.49  ? 5   ILE B O     1 
ATOM   700  C CB    . ILE B 1 5  ? -11.563 4.275   0.303   1.00 33.56  ? 5   ILE B CB    1 
ATOM   701  C CG1   . ILE B 1 5  ? -11.990 5.084   -0.922  1.00 34.81  ? 5   ILE B CG1   1 
ATOM   702  C CG2   . ILE B 1 5  ? -11.821 5.096   1.557   1.00 32.44  ? 5   ILE B CG2   1 
ATOM   703  C CD1   . ILE B 1 5  ? -13.336 4.656   -1.436  1.00 36.99  ? 5   ILE B CD1   1 
ATOM   704  N N     . VAL B 1 6  ? -8.323  3.581   1.815   1.00 33.58  ? 6   VAL B N     1 
ATOM   705  C CA    . VAL B 1 6  ? -7.636  3.055   2.977   1.00 34.14  ? 6   VAL B CA    1 
ATOM   706  C C     . VAL B 1 6  ? -8.444  3.325   4.249   1.00 35.11  ? 6   VAL B C     1 
ATOM   707  O O     . VAL B 1 6  ? -8.897  4.446   4.474   1.00 34.88  ? 6   VAL B O     1 
ATOM   708  C CB    . VAL B 1 6  ? -6.192  3.596   3.060   1.00 33.45  ? 6   VAL B CB    1 
ATOM   709  C CG1   . VAL B 1 6  ? -5.492  3.142   4.348   1.00 30.30  ? 6   VAL B CG1   1 
ATOM   710  C CG2   . VAL B 1 6  ? -5.425  3.191   1.817   1.00 31.49  ? 6   VAL B CG2   1 
ATOM   711  N N     . GLN B 1 7  ? -8.650  2.284   5.053   1.00 35.91  ? 7   GLN B N     1 
ATOM   712  C CA    . GLN B 1 7  ? -9.471  2.442   6.236   1.00 37.40  ? 7   GLN B CA    1 
ATOM   713  C C     . GLN B 1 7  ? -8.637  2.884   7.452   1.00 37.77  ? 7   GLN B C     1 
ATOM   714  O O     . GLN B 1 7  ? -9.169  3.444   8.391   1.00 39.00  ? 7   GLN B O     1 
ATOM   715  C CB    . GLN B 1 7  ? -10.215 1.164   6.538   1.00 37.94  ? 7   GLN B CB    1 
ATOM   716  C CG    . GLN B 1 7  ? -11.087 0.674   5.410   1.00 40.83  ? 7   GLN B CG    1 
ATOM   717  C CD    . GLN B 1 7  ? -11.557 -0.717  5.649   1.00 45.52  ? 7   GLN B CD    1 
ATOM   718  O OE1   . GLN B 1 7  ? -11.615 -1.152  6.774   1.00 52.80  ? 7   GLN B OE1   1 
ATOM   719  N NE2   . GLN B 1 7  ? -11.887 -1.413  4.614   1.00 48.95  ? 7   GLN B NE2   1 
ATOM   720  N N     . GLY B 1 8  ? -7.337  2.636   7.429   1.00 37.34  ? 8   GLY B N     1 
ATOM   721  C CA    . GLY B 1 8  ? -6.440  3.171   8.420   1.00 36.21  ? 8   GLY B CA    1 
ATOM   722  C C     . GLY B 1 8  ? -5.083  2.528   8.296   1.00 35.96  ? 8   GLY B C     1 
ATOM   723  O O     . GLY B 1 8  ? -4.859  1.786   7.337   1.00 36.97  ? 8   GLY B O     1 
ATOM   724  N N     . THR B 1 9  ? -4.192  2.791   9.257   1.00 35.66  ? 9   THR B N     1 
ATOM   725  C CA    . THR B 1 9  ? -2.865  2.167   9.309   1.00 35.81  ? 9   THR B CA    1 
ATOM   726  C C     . THR B 1 9  ? -2.742  1.106   10.418  1.00 35.48  ? 9   THR B C     1 
ATOM   727  O O     . THR B 1 9  ? -3.501  1.092   11.374  1.00 36.84  ? 9   THR B O     1 
ATOM   728  C CB    . THR B 1 9  ? -1.760  3.222   9.426   1.00 36.06  ? 9   THR B CB    1 
ATOM   729  O OG1   . THR B 1 9  ? -1.974  3.962   10.615  1.00 37.57  ? 9   THR B OG1   1 
ATOM   730  C CG2   . THR B 1 9  ? -1.878  4.288   8.342   1.00 34.69  ? 9   THR B CG2   1 
ATOM   731  N N     . ALA B 1 10 ? -1.826  0.168   10.263  1.00 34.84  ? 10  ALA B N     1 
ATOM   732  C CA    . ALA B 1 10 ? -1.651  -0.895  11.236  1.00 33.39  ? 10  ALA B CA    1 
ATOM   733  C C     . ALA B 1 10 ? -0.156  -1.025  11.490  1.00 33.60  ? 10  ALA B C     1 
ATOM   734  O O     . ALA B 1 10 ? 0.665   -1.023  10.557  1.00 32.61  ? 10  ALA B O     1 
ATOM   735  C CB    . ALA B 1 10 ? -2.236  -2.185  10.730  1.00 32.11  ? 10  ALA B CB    1 
ATOM   736  N N     . LYS B 1 11 ? 0.209   -1.117  12.768  1.00 34.30  ? 11  LYS B N     1 
ATOM   737  C CA    . LYS B 1 11 ? 1.611   -1.302  13.136  1.00 34.12  ? 11  LYS B CA    1 
ATOM   738  C C     . LYS B 1 11 ? 2.067   -2.710  12.859  1.00 33.50  ? 11  LYS B C     1 
ATOM   739  O O     . LYS B 1 11 ? 1.366   -3.669  13.257  1.00 34.01  ? 11  LYS B O     1 
ATOM   740  C CB    . LYS B 1 11 ? 1.779   -0.989  14.606  1.00 34.53  ? 11  LYS B CB    1 
ATOM   741  C CG    . LYS B 1 11 ? 3.212   -0.758  15.065  1.00 38.51  ? 11  LYS B CG    1 
ATOM   742  C CD    . LYS B 1 11 ? 3.253   -0.647  16.605  1.00 46.44  ? 11  LYS B CD    1 
ATOM   743  C CE    . LYS B 1 11 ? 3.123   0.816   17.087  1.00 50.70  ? 11  LYS B CE    1 
ATOM   744  N NZ    . LYS B 1 11 ? 4.244   1.290   17.999  1.00 55.60  ? 11  LYS B NZ    1 
ATOM   745  N N     . LEU B 1 12 ? 3.198   -2.866  12.165  1.00 32.81  ? 12  LEU B N     1 
ATOM   746  C CA    . LEU B 1 12 ? 3.804   -4.200  12.047  1.00 33.76  ? 12  LEU B CA    1 
ATOM   747  C C     . LEU B 1 12 ? 4.443   -4.563  13.426  1.00 35.01  ? 12  LEU B C     1 
ATOM   748  O O     . LEU B 1 12 ? 5.414   -3.897  13.884  1.00 34.09  ? 12  LEU B O     1 
ATOM   749  C CB    . LEU B 1 12 ? 4.886   -4.186  10.983  1.00 32.93  ? 12  LEU B CB    1 
ATOM   750  C CG    . LEU B 1 12 ? 5.104   -5.402  10.094  1.00 33.07  ? 12  LEU B CG    1 
ATOM   751  C CD1   . LEU B 1 12 ? 6.550   -5.527  9.777   1.00 33.41  ? 12  LEU B CD1   1 
ATOM   752  C CD2   . LEU B 1 12 ? 4.548   -6.719  10.584  1.00 31.28  ? 12  LEU B CD2   1 
ATOM   753  N N     . VAL B 1 13 ? 3.893   -5.564  14.111  1.00 36.13  ? 13  VAL B N     1 
ATOM   754  C CA    . VAL B 1 13 ? 4.349   -5.791  15.489  1.00 38.01  ? 13  VAL B CA    1 
ATOM   755  C C     . VAL B 1 13 ? 5.334   -6.927  15.584  1.00 39.73  ? 13  VAL B C     1 
ATOM   756  O O     . VAL B 1 13 ? 6.023   -7.049  16.582  1.00 41.90  ? 13  VAL B O     1 
ATOM   757  C CB    . VAL B 1 13 ? 3.206   -5.953  16.556  1.00 37.93  ? 13  VAL B CB    1 
ATOM   758  C CG1   . VAL B 1 13 ? 2.498   -4.607  16.859  1.00 37.09  ? 13  VAL B CG1   1 
ATOM   759  C CG2   . VAL B 1 13 ? 2.232   -7.078  16.186  1.00 38.59  ? 13  VAL B CG2   1 
ATOM   760  N N     . SER B 1 14 ? 5.451   -7.708  14.515  1.00 41.00  ? 14  SER B N     1 
ATOM   761  C CA    . SER B 1 14 ? 6.201   -8.940  14.509  1.00 40.88  ? 14  SER B CA    1 
ATOM   762  C C     . SER B 1 14 ? 6.409   -9.469  13.072  1.00 41.33  ? 14  SER B C     1 
ATOM   763  O O     . SER B 1 14 ? 5.488   -9.438  12.242  1.00 41.30  ? 14  SER B O     1 
ATOM   764  C CB    . SER B 1 14 ? 5.426   -9.969  15.333  1.00 40.19  ? 14  SER B CB    1 
ATOM   765  O OG    . SER B 1 14 ? 6.212   -11.113 15.504  1.00 42.41  ? 14  SER B OG    1 
ATOM   766  N N     . ILE B 1 15 ? 7.616   -9.973  12.808  1.00 42.16  ? 15  ILE B N     1 
ATOM   767  C CA    . ILE B 1 15 ? 7.983   -10.594 11.544  1.00 42.91  ? 15  ILE B CA    1 
ATOM   768  C C     . ILE B 1 15 ? 8.639   -11.911 11.921  1.00 44.89  ? 15  ILE B C     1 
ATOM   769  O O     . ILE B 1 15 ? 9.604   -11.924 12.656  1.00 44.55  ? 15  ILE B O     1 
ATOM   770  C CB    . ILE B 1 15 ? 8.981   -9.723  10.767  1.00 42.28  ? 15  ILE B CB    1 
ATOM   771  C CG1   . ILE B 1 15 ? 8.412   -8.337  10.490  1.00 40.90  ? 15  ILE B CG1   1 
ATOM   772  C CG2   . ILE B 1 15 ? 9.418   -10.427 9.451   1.00 41.46  ? 15  ILE B CG2   1 
ATOM   773  C CD1   . ILE B 1 15 ? 9.470   -7.379  9.931   1.00 38.15  ? 15  ILE B CD1   1 
ATOM   774  N N     . ASP B 1 16 ? 8.108   -13.017 11.435  1.00 47.70  ? 16  ASP B N     1 
ATOM   775  C CA    . ASP B 1 16 ? 8.619   -14.323 11.767  1.00 50.46  ? 16  ASP B CA    1 
ATOM   776  C C     . ASP B 1 16 ? 9.074   -14.953 10.428  1.00 51.50  ? 16  ASP B C     1 
ATOM   777  O O     . ASP B 1 16 ? 8.257   -15.391 9.621   1.00 51.24  ? 16  ASP B O     1 
ATOM   778  C CB    . ASP B 1 16 ? 7.526   -15.072 12.545  1.00 51.10  ? 16  ASP B CB    1 
ATOM   779  C CG    . ASP B 1 16 ? 7.905   -16.542 12.922  1.00 57.75  ? 16  ASP B CG    1 
ATOM   780  O OD1   . ASP B 1 16 ? 9.080   -17.011 12.732  1.00 62.33  ? 16  ASP B OD1   1 
ATOM   781  O OD2   . ASP B 1 16 ? 7.040   -17.316 13.417  1.00 62.26  ? 16  ASP B OD2   1 
ATOM   782  N N     . GLU B 1 17 ? 10.385  -14.910 10.168  1.00 53.95  ? 17  GLU B N     1 
ATOM   783  C CA    . GLU B 1 17 ? 10.990  -15.544 8.983   1.00 56.77  ? 17  GLU B CA    1 
ATOM   784  C C     . GLU B 1 17 ? 11.048  -17.057 9.079   1.00 57.65  ? 17  GLU B C     1 
ATOM   785  O O     . GLU B 1 17 ? 11.472  -17.590 10.091  1.00 58.36  ? 17  GLU B O     1 
ATOM   786  C CB    . GLU B 1 17 ? 12.392  -15.005 8.720   1.00 57.47  ? 17  GLU B CB    1 
ATOM   787  C CG    . GLU B 1 17 ? 12.436  -14.006 7.565   1.00 62.41  ? 17  GLU B CG    1 
ATOM   788  C CD    . GLU B 1 17 ? 13.454  -12.914 7.805   1.00 70.50  ? 17  GLU B CD    1 
ATOM   789  O OE1   . GLU B 1 17 ? 13.111  -11.910 8.485   1.00 71.16  ? 17  GLU B OE1   1 
ATOM   790  O OE2   . GLU B 1 17 ? 14.618  -13.074 7.331   1.00 75.50  ? 17  GLU B OE2   1 
ATOM   791  N N     . LYS B 1 18 ? 10.602  -17.739 8.024   1.00 61.27  ? 18  LYS B N     1 
ATOM   792  C CA    . LYS B 1 18 ? 10.753  -19.191 7.885   1.00 63.92  ? 18  LYS B CA    1 
ATOM   793  C C     . LYS B 1 18 ? 11.369  -19.584 6.478   1.00 65.64  ? 18  LYS B C     1 
ATOM   794  O O     . LYS B 1 18 ? 12.025  -18.717 5.825   1.00 65.21  ? 18  LYS B O     1 
ATOM   795  C CB    . LYS B 1 18 ? 9.415   -19.873 8.180   1.00 64.01  ? 18  LYS B CB    1 
ATOM   796  C CG    . LYS B 1 18 ? 8.886   -19.682 9.591   1.00 66.42  ? 18  LYS B CG    1 
ATOM   797  C CD    . LYS B 1 18 ? 7.341   -19.668 9.556   1.00 70.80  ? 18  LYS B CD    1 
ATOM   798  C CE    . LYS B 1 18 ? 6.677   -19.628 10.952  1.00 73.57  ? 18  LYS B CE    1 
ATOM   799  N NZ    . LYS B 1 18 ? 5.363   -18.853 10.948  1.00 72.50  ? 18  LYS B NZ    1 
ATOM   800  N N     . PRO B 1 19 ? 11.178  -20.857 6.031   1.00 67.47  ? 19  PRO B N     1 
ATOM   801  C CA    . PRO B 1 19 ? 11.558  -21.306 4.664   1.00 68.10  ? 19  PRO B CA    1 
ATOM   802  C C     . PRO B 1 19 ? 11.105  -20.409 3.486   1.00 68.31  ? 19  PRO B C     1 
ATOM   803  O O     . PRO B 1 19 ? 11.951  -19.778 2.826   1.00 68.24  ? 19  PRO B O     1 
ATOM   804  C CB    . PRO B 1 19 ? 10.845  -22.677 4.538   1.00 68.79  ? 19  PRO B CB    1 
ATOM   805  C CG    . PRO B 1 19 ? 9.815   -22.691 5.683   1.00 68.55  ? 19  PRO B CG    1 
ATOM   806  C CD    . PRO B 1 19 ? 10.582  -21.980 6.805   1.00 67.49  ? 19  PRO B CD    1 
ATOM   807  N N     . ASN B 1 20 ? 10.248  -20.130 3.741   0.00 64.07  ? 20  ASN B N     1 
ATOM   808  C CA    . ASN B 1 20 ? 10.212  -19.512 2.451   0.00 62.01  ? 20  ASN B CA    1 
ATOM   809  C C     . ASN B 1 20 ? 9.390   -18.348 2.473   0.00 63.08  ? 20  ASN B C     1 
ATOM   810  O O     . ASN B 1 20 ? 9.455   -17.393 1.679   0.00 64.90  ? 20  ASN B O     1 
ATOM   811  C CB    . ASN B 1 20 ? 9.781   -20.575 1.513   0.00 62.28  ? 20  ASN B CB    1 
ATOM   812  C CG    . ASN B 1 20 ? 10.266  -21.835 2.191   0.00 100.00 ? 20  ASN B CG    1 
ATOM   813  O OD1   . ASN B 1 20 ? 11.356  -22.297 1.892   0.00 100.00 ? 20  ASN B OD1   1 
ATOM   814  N ND2   . ASN B 1 20 ? 9.476   -22.377 3.114   0.00 100.00 ? 20  ASN B ND2   1 
ATOM   815  N N     . PHE B 1 21 ? 8.795   -18.683 3.466   1.00 53.25  ? 21  PHE B N     1 
ATOM   816  C CA    . PHE B 1 21 ? 7.839   -17.606 3.699   1.00 52.39  ? 21  PHE B CA    1 
ATOM   817  C C     . PHE B 1 21 ? 8.080   -16.803 4.989   1.00 51.20  ? 21  PHE B C     1 
ATOM   818  O O     . PHE B 1 21 ? 8.953   -17.136 5.798   1.00 51.27  ? 21  PHE B O     1 
ATOM   819  C CB    . PHE B 1 21 ? 6.388   -18.129 3.647   1.00 52.78  ? 21  PHE B CB    1 
ATOM   820  C CG    . PHE B 1 21 ? 5.964   -18.993 4.843   1.00 53.77  ? 21  PHE B CG    1 
ATOM   821  C CD1   . PHE B 1 21 ? 6.271   -20.355 4.894   1.00 55.07  ? 21  PHE B CD1   1 
ATOM   822  C CD2   . PHE B 1 21 ? 5.205   -18.441 5.899   1.00 55.10  ? 21  PHE B CD2   1 
ATOM   823  C CE1   . PHE B 1 21 ? 5.855   -21.166 5.984   1.00 56.08  ? 21  PHE B CE1   1 
ATOM   824  C CE2   . PHE B 1 21 ? 4.780   -19.236 6.996   1.00 54.83  ? 21  PHE B CE2   1 
ATOM   825  C CZ    . PHE B 1 21 ? 5.105   -20.608 7.028   1.00 55.48  ? 21  PHE B CZ    1 
ATOM   826  N N     . ARG B 1 22 ? 7.266   -15.767 5.180   1.00 48.42  ? 22  ARG B N     1 
ATOM   827  C CA    . ARG B 1 22 ? 7.462   -14.817 6.257   1.00 45.93  ? 22  ARG B CA    1 
ATOM   828  C C     . ARG B 1 22 ? 6.096   -14.466 6.804   1.00 43.40  ? 22  ARG B C     1 
ATOM   829  O O     . ARG B 1 22 ? 5.219   -14.140 6.042   1.00 44.03  ? 22  ARG B O     1 
ATOM   830  C CB    . ARG B 1 22 ? 8.098   -13.598 5.657   1.00 46.19  ? 22  ARG B CB    1 
ATOM   831  C CG    . ARG B 1 22 ? 8.818   -12.716 6.573   1.00 48.54  ? 22  ARG B CG    1 
ATOM   832  C CD    . ARG B 1 22 ? 9.667   -11.721 5.786   1.00 55.15  ? 22  ARG B CD    1 
ATOM   833  N NE    . ARG B 1 22 ? 9.277   -10.329 6.027   1.00 61.62  ? 22  ARG B NE    1 
ATOM   834  C CZ    . ARG B 1 22 ? 10.152  -9.314  6.128   1.00 63.84  ? 22  ARG B CZ    1 
ATOM   835  N NH1   . ARG B 1 22 ? 11.451  -9.575  6.005   1.00 66.23  ? 22  ARG B NH1   1 
ATOM   836  N NH2   . ARG B 1 22 ? 9.746   -8.055  6.352   1.00 60.31  ? 22  ARG B NH2   1 
ATOM   837  N N     . THR B 1 23 ? 5.920   -14.538 8.114   1.00 40.31  ? 23  THR B N     1 
ATOM   838  C CA    . THR B 1 23 ? 4.663   -14.172 8.758   1.00 37.18  ? 23  THR B CA    1 
ATOM   839  C C     . THR B 1 23 ? 4.737   -12.752 9.218   1.00 36.50  ? 23  THR B C     1 
ATOM   840  O O     . THR B 1 23 ? 5.697   -12.363 9.877   1.00 36.89  ? 23  THR B O     1 
ATOM   841  C CB    . THR B 1 23 ? 4.370   -15.066 9.987   1.00 36.88  ? 23  THR B CB    1 
ATOM   842  O OG1   . THR B 1 23 ? 4.120   -16.406 9.557   1.00 35.32  ? 23  THR B OG1   1 
ATOM   843  C CG2   . THR B 1 23 ? 3.051   -14.697 10.646  1.00 34.22  ? 23  THR B CG2   1 
ATOM   844  N N     . HIS B 1 24 ? 3.717   -11.968 8.902   1.00 34.79  ? 24  HIS B N     1 
ATOM   845  C CA    . HIS B 1 24 ? 3.660   -10.606 9.413   1.00 33.09  ? 24  HIS B CA    1 
ATOM   846  C C     . HIS B 1 24 ? 2.520   -10.558 10.390  1.00 32.85  ? 24  HIS B C     1 
ATOM   847  O O     . HIS B 1 24 ? 1.415   -11.031 10.073  1.00 32.69  ? 24  HIS B O     1 
ATOM   848  C CB    . HIS B 1 24 ? 3.372   -9.635  8.275   1.00 32.76  ? 24  HIS B CB    1 
ATOM   849  C CG    . HIS B 1 24 ? 4.597   -9.168  7.585   1.00 32.96  ? 24  HIS B CG    1 
ATOM   850  N ND1   . HIS B 1 24 ? 4.641   -7.997  6.865   1.00 32.01  ? 24  HIS B ND1   1 
ATOM   851  C CD2   . HIS B 1 24 ? 5.848   -9.690  7.550   1.00 31.72  ? 24  HIS B CD2   1 
ATOM   852  C CE1   . HIS B 1 24 ? 5.868   -7.821  6.393   1.00 32.29  ? 24  HIS B CE1   1 
ATOM   853  N NE2   . HIS B 1 24 ? 6.622   -8.828  6.804   1.00 31.68  ? 24  HIS B NE2   1 
ATOM   854  N N     . VAL B 1 25 ? 2.770   -10.009 11.577  1.00 31.70  ? 25  VAL B N     1 
ATOM   855  C CA    . VAL B 1 25 ? 1.685   -9.819  12.507  1.00 30.71  ? 25  VAL B CA    1 
ATOM   856  C C     . VAL B 1 25 ? 1.469   -8.344  12.582  1.00 31.21  ? 25  VAL B C     1 
ATOM   857  O O     . VAL B 1 25 ? 2.435   -7.613  12.865  1.00 31.66  ? 25  VAL B O     1 
ATOM   858  C CB    . VAL B 1 25 ? 1.932   -10.415 13.941  1.00 30.47  ? 25  VAL B CB    1 
ATOM   859  C CG1   . VAL B 1 25 ? 0.778   -10.011 14.835  1.00 29.07  ? 25  VAL B CG1   1 
ATOM   860  C CG2   . VAL B 1 25 ? 1.993   -11.930 13.915  1.00 28.66  ? 25  VAL B CG2   1 
ATOM   861  N N     . VAL B 1 26 ? 0.221   -7.901  12.360  1.00 31.06  ? 26  VAL B N     1 
ATOM   862  C CA    . VAL B 1 26 ? -0.091  -6.472  12.408  1.00 31.48  ? 26  VAL B CA    1 
ATOM   863  C C     . VAL B 1 26 ? -1.173  -6.218  13.441  1.00 32.42  ? 26  VAL B C     1 
ATOM   864  O O     . VAL B 1 26 ? -2.028  -7.071  13.680  1.00 32.08  ? 26  VAL B O     1 
ATOM   865  C CB    . VAL B 1 26 ? -0.538  -5.853  10.966  1.00 31.99  ? 26  VAL B CB    1 
ATOM   866  C CG1   . VAL B 1 26 ? 0.549   -6.028  9.906   1.00 28.70  ? 26  VAL B CG1   1 
ATOM   867  C CG2   . VAL B 1 26 ? -1.898  -6.436  10.493  1.00 29.74  ? 26  VAL B CG2   1 
ATOM   868  N N     . GLU B 1 27 ? -1.107  -5.035  14.031  1.00 33.59  ? 27  GLU B N     1 
ATOM   869  C CA    . GLU B 1 27 ? -2.074  -4.571  14.987  1.00 35.54  ? 27  GLU B CA    1 
ATOM   870  C C     . GLU B 1 27 ? -3.136  -3.737  14.242  1.00 34.90  ? 27  GLU B C     1 
ATOM   871  O O     . GLU B 1 27 ? -2.918  -2.591  13.886  1.00 32.70  ? 27  GLU B O     1 
ATOM   872  C CB    . GLU B 1 27 ? -1.334  -3.735  16.047  1.00 36.71  ? 27  GLU B CB    1 
ATOM   873  C CG    . GLU B 1 27 ? -2.045  -3.514  17.371  1.00 42.14  ? 27  GLU B CG    1 
ATOM   874  C CD    . GLU B 1 27 ? -1.197  -2.665  18.335  1.00 51.97  ? 27  GLU B CD    1 
ATOM   875  O OE1   . GLU B 1 27 ? -0.222  -3.157  19.010  1.00 56.79  ? 27  GLU B OE1   1 
ATOM   876  O OE2   . GLU B 1 27 ? -1.503  -1.477  18.407  1.00 56.52  ? 27  GLU B OE2   1 
ATOM   877  N N     . LEU B 1 28 ? -4.277  -4.360  13.987  1.00 36.59  ? 28  LEU B N     1 
ATOM   878  C CA    . LEU B 1 28 ? -5.412  -3.700  13.322  1.00 38.97  ? 28  LEU B CA    1 
ATOM   879  C C     . LEU B 1 28 ? -6.156  -2.719  14.237  1.00 40.94  ? 28  LEU B C     1 
ATOM   880  O O     . LEU B 1 28 ? -6.350  -3.014  15.420  1.00 42.01  ? 28  LEU B O     1 
ATOM   881  C CB    . LEU B 1 28 ? -6.400  -4.739  12.817  1.00 37.50  ? 28  LEU B CB    1 
ATOM   882  C CG    . LEU B 1 28 ? -6.156  -5.433  11.484  1.00 39.17  ? 28  LEU B CG    1 
ATOM   883  C CD1   . LEU B 1 28 ? -7.503  -5.917  10.925  1.00 37.56  ? 28  LEU B CD1   1 
ATOM   884  C CD2   . LEU B 1 28 ? -5.364  -4.570  10.426  1.00 37.08  ? 28  LEU B CD2   1 
ATOM   885  N N     . PRO B 1 29 ? -6.579  -1.565  13.707  1.00 42.74  ? 29  PRO B N     1 
ATOM   886  C CA    . PRO B 1 29 ? -7.511  -0.660  14.441  1.00 43.52  ? 29  PRO B CA    1 
ATOM   887  C C     . PRO B 1 29 ? -8.784  -1.396  14.873  1.00 44.16  ? 29  PRO B C     1 
ATOM   888  O O     . PRO B 1 29 ? -9.262  -2.254  14.160  1.00 43.55  ? 29  PRO B O     1 
ATOM   889  C CB    . PRO B 1 29 ? -7.856  0.429   13.412  1.00 43.42  ? 29  PRO B CB    1 
ATOM   890  C CG    . PRO B 1 29 ? -6.717  0.384   12.388  1.00 44.25  ? 29  PRO B CG    1 
ATOM   891  C CD    . PRO B 1 29 ? -6.195  -1.037  12.380  1.00 42.59  ? 29  PRO B CD    1 
ATOM   892  N N     . ASP B 1 30 ? -9.318  -1.058  16.040  1.00 46.52  ? 30  ASP B N     1 
ATOM   893  C CA    . ASP B 1 30 ? -10.539 -1.691  16.556  1.00 48.72  ? 30  ASP B CA    1 
ATOM   894  C C     . ASP B 1 30 ? -11.687 -1.783  15.555  1.00 48.76  ? 30  ASP B C     1 
ATOM   895  O O     . ASP B 1 30 ? -12.310 -2.847  15.395  1.00 49.04  ? 30  ASP B O     1 
ATOM   896  C CB    . ASP B 1 30 ? -11.018 -0.980  17.827  1.00 49.69  ? 30  ASP B CB    1 
ATOM   897  C CG    . ASP B 1 30 ? -10.125 -1.271  19.031  1.00 56.11  ? 30  ASP B CG    1 
ATOM   898  O OD1   . ASP B 1 30 ? -9.863  -2.485  19.320  1.00 64.01  ? 30  ASP B OD1   1 
ATOM   899  O OD2   . ASP B 1 30 ? -9.618  -0.356  19.736  1.00 61.13  ? 30  ASP B OD2   1 
ATOM   900  N N     . HIS B 1 31 ? -11.974 -0.683  14.867  1.00 48.59  ? 31  HIS B N     1 
ATOM   901  C CA    . HIS B 1 31 ? -13.056 -0.718  13.873  1.00 49.19  ? 31  HIS B CA    1 
ATOM   902  C C     . HIS B 1 31 ? -12.896 -1.691  12.676  1.00 49.29  ? 31  HIS B C     1 
ATOM   903  O O     . HIS B 1 31 ? -13.810 -1.814  11.866  1.00 49.64  ? 31  HIS B O     1 
ATOM   904  C CB    . HIS B 1 31 ? -13.330 0.687   13.351  1.00 49.05  ? 31  HIS B CB    1 
ATOM   905  C CG    . HIS B 1 31 ? -12.262 1.207   12.435  1.00 49.55  ? 31  HIS B CG    1 
ATOM   906  N ND1   . HIS B 1 31 ? -11.149 1.895   12.894  1.00 48.85  ? 31  HIS B ND1   1 
ATOM   907  C CD2   . HIS B 1 31 ? -12.150 1.163   11.086  1.00 47.02  ? 31  HIS B CD2   1 
ATOM   908  C CE1   . HIS B 1 31 ? -10.409 2.267   11.861  1.00 46.37  ? 31  HIS B CE1   1 
ATOM   909  N NE2   . HIS B 1 31 ? -10.996 1.839   10.757  1.00 46.68  ? 31  HIS B NE2   1 
ATOM   910  N N     . MET B 1 32 ? -11.754 -2.369  12.565  1.00 48.82  ? 32  MET B N     1 
ATOM   911  C CA    . MET B 1 32 ? -11.531 -3.346  11.500  1.00 48.16  ? 32  MET B CA    1 
ATOM   912  C C     . MET B 1 32 ? -11.664 -4.816  11.919  1.00 48.23  ? 32  MET B C     1 
ATOM   913  O O     . MET B 1 32 ? -11.784 -5.716  11.083  1.00 47.22  ? 32  MET B O     1 
ATOM   914  C CB    . MET B 1 32 ? -10.187 -3.092  10.869  1.00 48.12  ? 32  MET B CB    1 
ATOM   915  C CG    . MET B 1 32 ? -10.225 -1.827  10.015  1.00 47.56  ? 32  MET B CG    1 
ATOM   916  S SD    . MET B 1 32 ? -8.680  -1.462  9.192   1.00 48.77  ? 32  MET B SD    1 
ATOM   917  C CE    . MET B 1 32 ? -8.608  -2.821  8.035   1.00 45.35  ? 32  MET B CE    1 
ATOM   918  N N     . LEU B 1 33 ? -11.659 -5.035  13.229  1.00 48.48  ? 33  LEU B N     1 
ATOM   919  C CA    . LEU B 1 33 ? -11.844 -6.344  13.826  1.00 48.58  ? 33  LEU B CA    1 
ATOM   920  C C     . LEU B 1 33 ? -13.252 -6.952  13.739  1.00 49.35  ? 33  LEU B C     1 
ATOM   921  O O     . LEU B 1 33 ? -13.369 -8.173  13.870  1.00 49.97  ? 33  LEU B O     1 
ATOM   922  C CB    . LEU B 1 33 ? -11.423 -6.304  15.295  1.00 48.21  ? 33  LEU B CB    1 
ATOM   923  C CG    . LEU B 1 33 ? -9.954  -6.559  15.604  1.00 46.44  ? 33  LEU B CG    1 
ATOM   924  C CD1   . LEU B 1 33 ? -9.225  -7.338  14.508  1.00 44.45  ? 33  LEU B CD1   1 
ATOM   925  C CD2   . LEU B 1 33 ? -9.288  -5.256  15.835  1.00 45.80  ? 33  LEU B CD2   1 
ATOM   926  N N     . ASP B 1 34 ? -14.306 -6.152  13.522  1.00 49.59  ? 34  ASP B N     1 
ATOM   927  C CA    . ASP B 1 34 ? -15.668 -6.701  13.610  1.00 50.30  ? 34  ASP B CA    1 
ATOM   928  C C     . ASP B 1 34 ? -16.029 -7.545  12.410  1.00 50.01  ? 34  ASP B C     1 
ATOM   929  O O     . ASP B 1 34 ? -16.136 -7.032  11.306  1.00 50.82  ? 34  ASP B O     1 
ATOM   930  C CB    . ASP B 1 34 ? -16.761 -5.629  13.894  1.00 50.91  ? 34  ASP B CB    1 
ATOM   931  C CG    . ASP B 1 34 ? -16.530 -4.871  15.250  1.00 53.43  ? 34  ASP B CG    1 
ATOM   932  O OD1   . ASP B 1 34 ? -16.665 -5.233  16.274  0.00 91.77  ? 34  ASP B OD1   1 
ATOM   933  O OD2   . ASP B 1 34 ? -15.904 -3.627  14.992  0.00 100.00 ? 34  ASP B OD2   1 
ATOM   934  N N     . GLY B 1 35 ? -16.215 -8.846  12.625  1.00 49.50  ? 35  GLY B N     1 
ATOM   935  C CA    . GLY B 1 35 ? -16.599 -9.764  11.567  1.00 47.86  ? 35  GLY B CA    1 
ATOM   936  C C     . GLY B 1 35 ? -15.407 -10.303 10.821  1.00 47.33  ? 35  GLY B C     1 
ATOM   937  O O     . GLY B 1 35 ? -15.584 -10.988 9.805   1.00 47.52  ? 35  GLY B O     1 
ATOM   938  N N     . LEU B 1 36 ? -14.197 -9.976  11.292  1.00 45.92  ? 36  LEU B N     1 
ATOM   939  C CA    . LEU B 1 36 ? -12.965 -10.436 10.642  1.00 44.99  ? 36  LEU B CA    1 
ATOM   940  C C     . LEU B 1 36 ? -12.687 -11.890 11.005  1.00 45.42  ? 36  LEU B C     1 
ATOM   941  O O     . LEU B 1 36 ? -12.701 -12.227 12.201  1.00 45.81  ? 36  LEU B O     1 
ATOM   942  C CB    . LEU B 1 36 ? -11.786 -9.557  10.992  1.00 43.35  ? 36  LEU B CB    1 
ATOM   943  C CG    . LEU B 1 36 ? -10.544 -9.903  10.176  1.00 40.97  ? 36  LEU B CG    1 
ATOM   944  C CD1   . LEU B 1 36 ? -10.666 -9.528  8.648   1.00 35.69  ? 36  LEU B CD1   1 
ATOM   945  C CD2   . LEU B 1 36 ? -9.304  -9.246  10.859  1.00 38.87  ? 36  LEU B CD2   1 
ATOM   946  N N     . GLU B 1 37 ? -12.475 -12.739 9.984   1.00 44.73  ? 37  GLU B N     1 
ATOM   947  C CA    . GLU B 1 37 ? -12.394 -14.200 10.148  1.00 44.38  ? 37  GLU B CA    1 
ATOM   948  C C     . GLU B 1 37 ? -11.141 -14.709 9.430   1.00 43.36  ? 37  GLU B C     1 
ATOM   949  O O     . GLU B 1 37 ? -10.670 -14.069 8.483   1.00 43.67  ? 37  GLU B O     1 
ATOM   950  C CB    . GLU B 1 37 ? -13.668 -14.856 9.578   1.00 44.80  ? 37  GLU B CB    1 
ATOM   951  C CG    . GLU B 1 37 ? -14.381 -15.863 10.509  1.00 50.23  ? 37  GLU B CG    1 
ATOM   952  C CD    . GLU B 1 37 ? -15.887 -15.631 10.651  1.00 51.90  ? 37  GLU B CD    1 
ATOM   953  O OE1   . GLU B 1 37 ? -16.623 -16.367 10.314  0.00 77.34  ? 37  GLU B OE1   1 
ATOM   954  O OE2   . GLU B 1 37 ? -16.060 -14.772 11.713  0.00 77.14  ? 37  GLU B OE2   1 
ATOM   955  N N     . THR B 1 38 ? -10.559 -15.825 9.868   1.00 41.98  ? 38  THR B N     1 
ATOM   956  C CA    . THR B 1 38 ? -9.430  -16.369 9.123   1.00 40.91  ? 38  THR B CA    1 
ATOM   957  C C     . THR B 1 38 ? -9.873  -16.794 7.690   1.00 39.75  ? 38  THR B C     1 
ATOM   958  O O     . THR B 1 38 ? -10.983 -17.288 7.507   1.00 39.97  ? 38  THR B O     1 
ATOM   959  C CB    . THR B 1 38 ? -8.659  -17.496 9.882   1.00 41.53  ? 38  THR B CB    1 
ATOM   960  O OG1   . THR B 1 38 ? -9.419  -18.704 9.885   1.00 44.66  ? 38  THR B OG1   1 
ATOM   961  C CG2   . THR B 1 38 ? -8.465  -17.193 11.343  1.00 41.50  ? 38  THR B CG2   1 
ATOM   962  N N     . GLY B 1 39 ? -9.015  -16.583 6.681   1.00 37.78  ? 39  GLY B N     1 
ATOM   963  C CA    . GLY B 1 39 ? -9.413  -16.722 5.286   1.00 35.23  ? 39  GLY B CA    1 
ATOM   964  C C     . GLY B 1 39 ? -9.856  -15.412 4.643   1.00 34.12  ? 39  GLY B C     1 
ATOM   965  O O     . GLY B 1 39 ? -9.885  -15.351 3.427   1.00 35.00  ? 39  GLY B O     1 
ATOM   966  N N     . ALA B 1 40 ? -10.211 -14.397 5.442   1.00 32.27  ? 40  ALA B N     1 
ATOM   967  C CA    . ALA B 1 40 ? -10.526 -13.057 4.955   1.00 31.49  ? 40  ALA B CA    1 
ATOM   968  C C     . ALA B 1 40 ? -9.294  -12.387 4.283   1.00 31.08  ? 40  ALA B C     1 
ATOM   969  O O     . ALA B 1 40 ? -8.155  -12.654 4.662   1.00 30.90  ? 40  ALA B O     1 
ATOM   970  C CB    . ALA B 1 40 ? -11.079 -12.171 6.117   1.00 29.84  ? 40  ALA B CB    1 
ATOM   971  N N     . SER B 1 41 ? -9.551  -11.505 3.319   1.00 30.58  ? 41  SER B N     1 
ATOM   972  C CA    . SER B 1 41 ? -8.524  -10.775 2.587   1.00 29.99  ? 41  SER B CA    1 
ATOM   973  C C     . SER B 1 41 ? -8.339  -9.344  3.106   1.00 29.95  ? 41  SER B C     1 
ATOM   974  O O     . SER B 1 41 ? -9.313  -8.642  3.265   1.00 30.54  ? 41  SER B O     1 
ATOM   975  C CB    . SER B 1 41 ? -8.938  -10.725 1.109   1.00 30.25  ? 41  SER B CB    1 
ATOM   976  O OG    . SER B 1 41 ? -8.796  -12.024 0.527   1.00 31.18  ? 41  SER B OG    1 
ATOM   977  N N     . VAL B 1 42 ? -7.106  -8.895  3.343   1.00 28.85  ? 42  VAL B N     1 
ATOM   978  C CA    . VAL B 1 42 ? -6.869  -7.524  3.749   1.00 27.56  ? 42  VAL B CA    1 
ATOM   979  C C     . VAL B 1 42 ? -5.704  -7.098  2.884   1.00 28.47  ? 42  VAL B C     1 
ATOM   980  O O     . VAL B 1 42 ? -4.761  -7.894  2.604   1.00 28.85  ? 42  VAL B O     1 
ATOM   981  C CB    . VAL B 1 42 ? -6.478  -7.453  5.259   1.00 28.38  ? 42  VAL B CB    1 
ATOM   982  C CG1   . VAL B 1 42 ? -6.043  -6.091  5.686   1.00 26.17  ? 42  VAL B CG1   1 
ATOM   983  C CG2   . VAL B 1 42 ? -7.655  -7.932  6.176   1.00 28.56  ? 42  VAL B CG2   1 
ATOM   984  N N     . ALA B 1 43 ? -5.758  -5.867  2.397   1.00 27.77  ? 43  ALA B N     1 
ATOM   985  C CA    . ALA B 1 43 ? -4.706  -5.377  1.582   1.00 27.58  ? 43  ALA B CA    1 
ATOM   986  C C     . ALA B 1 43 ? -3.736  -4.639  2.535   1.00 28.61  ? 43  ALA B C     1 
ATOM   987  O O     . ALA B 1 43 ? -4.175  -3.793  3.337   1.00 28.13  ? 43  ALA B O     1 
ATOM   988  C CB    . ALA B 1 43 ? -5.277  -4.452  0.549   1.00 26.95  ? 43  ALA B CB    1 
ATOM   989  N N     . HIS B 1 44 ? -2.437  -4.964  2.449   1.00 28.77  ? 44  HIS B N     1 
ATOM   990  C CA    . HIS B 1 44 ? -1.422  -4.359  3.288   1.00 29.16  ? 44  HIS B CA    1 
ATOM   991  C C     . HIS B 1 44 ? -0.618  -3.536  2.367   1.00 29.62  ? 44  HIS B C     1 
ATOM   992  O O     . HIS B 1 44 ? 0.122   -4.109  1.550   1.00 29.21  ? 44  HIS B O     1 
ATOM   993  C CB    . HIS B 1 44 ? -0.434  -5.400  3.720   1.00 29.53  ? 44  HIS B CB    1 
ATOM   994  C CG    . HIS B 1 44 ? -0.927  -6.254  4.806   1.00 31.97  ? 44  HIS B CG    1 
ATOM   995  N ND1   . HIS B 1 44 ? -0.184  -6.498  5.944   1.00 34.43  ? 44  HIS B ND1   1 
ATOM   996  C CD2   . HIS B 1 44 ? -2.099  -6.917  4.950   1.00 33.00  ? 44  HIS B CD2   1 
ATOM   997  C CE1   . HIS B 1 44 ? -0.879  -7.301  6.737   1.00 37.38  ? 44  HIS B CE1   1 
ATOM   998  N NE2   . HIS B 1 44 ? -2.040  -7.575  6.156   1.00 35.39  ? 44  HIS B NE2   1 
ATOM   999  N N     . ASN B 1 45 ? -0.690  -2.215  2.500   1.00 29.43  ? 45  ASN B N     1 
ATOM   1000 C CA    . ASN B 1 45 ? -0.020  -1.392  1.535   1.00 29.18  ? 45  ASN B CA    1 
ATOM   1001 C C     . ASN B 1 45 ? -0.424  -1.787  0.130   1.00 28.59  ? 45  ASN B C     1 
ATOM   1002 O O     . ASN B 1 45 ? 0.424   -1.753  -0.727  1.00 28.68  ? 45  ASN B O     1 
ATOM   1003 C CB    . ASN B 1 45 ? 1.489   -1.592  1.657   1.00 28.78  ? 45  ASN B CB    1 
ATOM   1004 C CG    . ASN B 1 45 ? 2.167   -0.597  2.619   1.00 30.26  ? 45  ASN B CG    1 
ATOM   1005 O OD1   . ASN B 1 45 ? 1.531   0.288   3.245   1.00 29.86  ? 45  ASN B OD1   1 
ATOM   1006 N ND2   . ASN B 1 45 ? 3.490   -0.746  2.729   1.00 27.67  ? 45  ASN B ND2   1 
ATOM   1007 N N     . GLY B 1 46 ? -1.688  -2.182  -0.094  1.00 28.02  ? 46  GLY B N     1 
ATOM   1008 C CA    . GLY B 1 46 ? -2.191  -2.413  -1.431  1.00 27.16  ? 46  GLY B CA    1 
ATOM   1009 C C     . GLY B 1 46 ? -1.978  -3.842  -1.838  1.00 27.99  ? 46  GLY B C     1 
ATOM   1010 O O     . GLY B 1 46 ? -2.371  -4.270  -2.907  1.00 28.59  ? 46  GLY B O     1 
ATOM   1011 N N     . CYS B 1 47 ? -1.329  -4.620  -0.987  1.00 28.13  ? 47  CYS B N     1 
ATOM   1012 C CA    . CYS B 1 47 ? -1.056  -6.034  -1.317  1.00 27.08  ? 47  CYS B CA    1 
ATOM   1013 C C     . CYS B 1 47 ? -2.042  -6.940  -0.584  1.00 26.56  ? 47  CYS B C     1 
ATOM   1014 O O     . CYS B 1 47 ? -2.077  -6.965  0.654   1.00 27.59  ? 47  CYS B O     1 
ATOM   1015 C CB    . CYS B 1 47 ? 0.368   -6.378  -0.943  1.00 25.77  ? 47  CYS B CB    1 
ATOM   1016 S SG    . CYS B 1 47 ? 0.685   -8.148  -1.143  1.00 32.41  ? 47  CYS B SG    1 
ATOM   1017 N N     . CYS B 1 48 ? -2.861  -7.661  -1.335  1.00 26.21  ? 48  CYS B N     1 
ATOM   1018 C CA    . CYS B 1 48 ? -3.849  -8.548  -0.794  1.00 25.89  ? 48  CYS B CA    1 
ATOM   1019 C C     . CYS B 1 48 ? -3.159  -9.738  -0.101  1.00 26.30  ? 48  CYS B C     1 
ATOM   1020 O O     . CYS B 1 48 ? -2.313  -10.429 -0.700  1.00 25.88  ? 48  CYS B O     1 
ATOM   1021 C CB    . CYS B 1 48 ? -4.776  -8.995  -1.914  1.00 25.62  ? 48  CYS B CB    1 
ATOM   1022 S SG    . CYS B 1 48 ? -6.170  -10.004 -1.374  1.00 29.96  ? 48  CYS B SG    1 
ATOM   1023 N N     . LEU B 1 49 ? -3.499  -9.950  1.188   1.00 26.89  ? 49  LEU B N     1 
ATOM   1024 C CA    . LEU B 1 49 ? -2.979  -11.087 1.994   1.00 26.21  ? 49  LEU B CA    1 
ATOM   1025 C C     . LEU B 1 49 ? -4.131  -11.759 2.663   1.00 26.59  ? 49  LEU B C     1 
ATOM   1026 O O     . LEU B 1 49 ? -5.174  -11.129 2.892   1.00 27.24  ? 49  LEU B O     1 
ATOM   1027 C CB    . LEU B 1 49 ? -1.950  -10.612 3.037   1.00 25.01  ? 49  LEU B CB    1 
ATOM   1028 C CG    . LEU B 1 49 ? -0.691  -9.918  2.509   1.00 25.31  ? 49  LEU B CG    1 
ATOM   1029 C CD1   . LEU B 1 49 ? 0.167   -9.424  3.671   1.00 24.64  ? 49  LEU B CD1   1 
ATOM   1030 C CD2   . LEU B 1 49 ? 0.112   -10.849 1.601   1.00 24.02  ? 49  LEU B CD2   1 
ATOM   1031 N N     . THR B 1 50 ? -3.967  -13.040 2.979   1.00 27.79  ? 50  THR B N     1 
ATOM   1032 C CA    . THR B 1 50 ? -5.038  -13.810 3.645   1.00 28.69  ? 50  THR B CA    1 
ATOM   1033 C C     . THR B 1 50 ? -4.862  -13.903 5.150   1.00 29.27  ? 50  THR B C     1 
ATOM   1034 O O     . THR B 1 50 ? -3.795  -14.325 5.599   1.00 30.02  ? 50  THR B O     1 
ATOM   1035 C CB    . THR B 1 50 ? -5.065  -15.228 3.059   1.00 28.60  ? 50  THR B CB    1 
ATOM   1036 O OG1   . THR B 1 50 ? -5.204  -15.109 1.641   1.00 28.59  ? 50  THR B OG1   1 
ATOM   1037 C CG2   . THR B 1 50 ? -6.301  -15.998 3.516   1.00 26.67  ? 50  THR B CG2   1 
ATOM   1038 N N     . VAL B 1 51 ? -5.876  -13.523 5.921   1.00 29.79  ? 51  VAL B N     1 
ATOM   1039 C CA    . VAL B 1 51 ? -5.818  -13.678 7.385   1.00 30.25  ? 51  VAL B CA    1 
ATOM   1040 C C     . VAL B 1 51 ? -5.560  -15.143 7.778   1.00 31.61  ? 51  VAL B C     1 
ATOM   1041 O O     . VAL B 1 51 ? -6.396  -16.043 7.489   1.00 30.04  ? 51  VAL B O     1 
ATOM   1042 C CB    . VAL B 1 51 ? -7.077  -13.124 8.115   1.00 29.93  ? 51  VAL B CB    1 
ATOM   1043 C CG1   . VAL B 1 51 ? -7.009  -13.442 9.636   1.00 28.02  ? 51  VAL B CG1   1 
ATOM   1044 C CG2   . VAL B 1 51 ? -7.174  -11.655 7.922   1.00 27.97  ? 51  VAL B CG2   1 
ATOM   1045 N N     . THR B 1 52 ? -4.417  -15.393 8.441   1.00 33.50  ? 52  THR B N     1 
ATOM   1046 C CA    . THR B 1 52 ? -4.168  -16.767 8.916   1.00 35.94  ? 52  THR B CA    1 
ATOM   1047 C C     . THR B 1 52 ? -4.518  -16.938 10.372  1.00 38.27  ? 52  THR B C     1 
ATOM   1048 O O     . THR B 1 52 ? -4.837  -18.034 10.790  1.00 38.95  ? 52  THR B O     1 
ATOM   1049 C CB    . THR B 1 52 ? -2.723  -17.247 8.703   1.00 36.11  ? 52  THR B CB    1 
ATOM   1050 O OG1   . THR B 1 52 ? -1.837  -16.513 9.558   1.00 35.41  ? 52  THR B OG1   1 
ATOM   1051 C CG2   . THR B 1 52 ? -2.227  -17.003 7.287   1.00 34.46  ? 52  THR B CG2   1 
ATOM   1052 N N     . GLU B 1 53 ? -4.482  -15.858 11.142  1.00 41.43  ? 53  GLU B N     1 
ATOM   1053 C CA    . GLU B 1 53 ? -4.739  -15.941 12.582  1.00 44.33  ? 53  GLU B CA    1 
ATOM   1054 C C     . GLU B 1 53 ? -5.186  -14.636 13.198  1.00 43.21  ? 53  GLU B C     1 
ATOM   1055 O O     . GLU B 1 53 ? -4.691  -13.608 12.813  1.00 43.27  ? 53  GLU B O     1 
ATOM   1056 C CB    . GLU B 1 53 ? -3.498  -16.410 13.314  1.00 45.35  ? 53  GLU B CB    1 
ATOM   1057 C CG    . GLU B 1 53 ? -3.870  -17.007 14.652  1.00 54.83  ? 53  GLU B CG    1 
ATOM   1058 C CD    . GLU B 1 53 ? -2.689  -17.599 15.359  1.00 64.70  ? 53  GLU B CD    1 
ATOM   1059 O OE1   . GLU B 1 53 ? -1.910  -18.327 14.716  1.00 68.33  ? 53  GLU B OE1   1 
ATOM   1060 O OE2   . GLU B 1 53 ? -2.557  -17.318 16.557  1.00 69.27  ? 53  GLU B OE2   1 
ATOM   1061 N N     . ILE B 1 54 ? -6.106  -14.706 14.149  1.00 43.07  ? 54  ILE B N     1 
ATOM   1062 C CA    . ILE B 1 54 ? -6.577  -13.537 14.917  1.00 43.77  ? 54  ILE B CA    1 
ATOM   1063 C C     . ILE B 1 54 ? -6.474  -13.732 16.461  1.00 43.58  ? 54  ILE B C     1 
ATOM   1064 O O     . ILE B 1 54 ? -7.115  -14.607 17.015  1.00 43.15  ? 54  ILE B O     1 
ATOM   1065 C CB    . ILE B 1 54 ? -8.066  -13.146 14.561  1.00 43.56  ? 54  ILE B CB    1 
ATOM   1066 C CG1   . ILE B 1 54 ? -8.338  -13.339 13.058  1.00 43.17  ? 54  ILE B CG1   1 
ATOM   1067 C CG2   . ILE B 1 54 ? -8.383  -11.721 15.073  1.00 43.13  ? 54  ILE B CG2   1 
ATOM   1068 C CD1   . ILE B 1 54 ? -9.658  -12.844 12.549  1.00 38.53  ? 54  ILE B CD1   1 
ATOM   1069 N N     . ASN B 1 55 ? -5.684  -12.895 17.104  1.00 42.92  ? 55  ASN B N     1 
ATOM   1070 C CA    . ASN B 1 55 ? -5.576  -12.887 18.522  1.00 43.93  ? 55  ASN B CA    1 
ATOM   1071 C C     . ASN B 1 55 ? -5.735  -11.444 19.007  1.00 44.52  ? 55  ASN B C     1 
ATOM   1072 O O     . ASN B 1 55 ? -4.816  -10.604 18.940  1.00 43.65  ? 55  ASN B O     1 
ATOM   1073 C CB    . ASN B 1 55 ? -4.249  -13.510 18.993  1.00 43.52  ? 55  ASN B CB    1 
ATOM   1074 C CG    . ASN B 1 55 ? -4.108  -14.925 18.569  1.00 43.16  ? 55  ASN B CG    1 
ATOM   1075 O OD1   . ASN B 1 55 ? -4.745  -15.833 19.120  1.00 44.54  ? 55  ASN B OD1   1 
ATOM   1076 N ND2   . ASN B 1 55 ? -3.319  -15.136 17.539  1.00 44.41  ? 55  ASN B ND2   1 
ATOM   1077 N N     . GLY B 1 56 ? -6.926  -11.171 19.509  1.00 44.80  ? 56  GLY B N     1 
ATOM   1078 C CA    . GLY B 1 56 ? -7.251  -9.823  19.873  1.00 45.47  ? 56  GLY B CA    1 
ATOM   1079 C C     . GLY B 1 56 ? -7.162  -8.978  18.611  1.00 46.09  ? 56  GLY B C     1 
ATOM   1080 O O     . GLY B 1 56 ? -7.766  -9.316  17.575  1.00 46.45  ? 56  GLY B O     1 
ATOM   1081 N N     . ASN B 1 57 ? -6.399  -7.901  18.730  1.00 45.26  ? 57  ASN B N     1 
ATOM   1082 C CA    . ASN B 1 57 ? -6.134  -6.945  17.704  1.00 45.10  ? 57  ASN B CA    1 
ATOM   1083 C C     . ASN B 1 57 ? -5.028  -7.419  16.744  1.00 43.80  ? 57  ASN B C     1 
ATOM   1084 O O     . ASN B 1 57 ? -4.722  -6.712  15.781  1.00 44.04  ? 57  ASN B O     1 
ATOM   1085 C CB    . ASN B 1 57 ? -5.611  -5.676  18.417  1.00 45.70  ? 57  ASN B CB    1 
ATOM   1086 C CG    . ASN B 1 57 ? -6.729  -4.711  18.810  1.00 51.62  ? 57  ASN B CG    1 
ATOM   1087 O OD1   . ASN B 1 57 ? -6.850  -3.610  18.257  1.00 56.27  ? 57  ASN B OD1   1 
ATOM   1088 N ND2   . ASN B 1 57 ? -7.561  -5.115  19.784  1.00 57.49  ? 57  ASN B ND2   1 
ATOM   1089 N N     . HIS B 1 58 ? -4.368  -8.541  17.043  1.00 41.30  ? 58  HIS B N     1 
ATOM   1090 C CA    . HIS B 1 58 ? -3.168  -8.974  16.334  1.00 38.99  ? 58  HIS B CA    1 
ATOM   1091 C C     . HIS B 1 58 ? -3.537  -9.963  15.238  1.00 37.42  ? 58  HIS B C     1 
ATOM   1092 O O     . HIS B 1 58 ? -3.984  -11.109 15.474  1.00 36.84  ? 58  HIS B O     1 
ATOM   1093 C CB    . HIS B 1 58 ? -2.091  -9.552  17.290  1.00 38.73  ? 58  HIS B CB    1 
ATOM   1094 C CG    . HIS B 1 58 ? -1.323  -8.502  18.048  1.00 40.82  ? 58  HIS B CG    1 
ATOM   1095 N ND1   . HIS B 1 58 ? -0.053  -8.712  18.541  1.00 39.56  ? 58  HIS B ND1   1 
ATOM   1096 C CD2   . HIS B 1 58 ? -1.646  -7.226  18.384  1.00 41.47  ? 58  HIS B CD2   1 
ATOM   1097 C CE1   . HIS B 1 58 ? 0.372   -7.619  19.151  1.00 39.66  ? 58  HIS B CE1   1 
ATOM   1098 N NE2   . HIS B 1 58 ? -0.568  -6.698  19.063  1.00 40.66  ? 58  HIS B NE2   1 
ATOM   1099 N N     . VAL B 1 59 ? -3.360  -9.509  14.010  1.00 35.49  ? 59  VAL B N     1 
ATOM   1100 C CA    . VAL B 1 59 ? -3.793  -10.301 12.866  1.00 34.06  ? 59  VAL B CA    1 
ATOM   1101 C C     . VAL B 1 59 ? -2.591  -10.791 12.074  1.00 33.80  ? 59  VAL B C     1 
ATOM   1102 O O     . VAL B 1 59 ? -1.730  -9.984  11.735  1.00 34.99  ? 59  VAL B O     1 
ATOM   1103 C CB    . VAL B 1 59 ? -4.761  -9.482  12.015  1.00 33.86  ? 59  VAL B CB    1 
ATOM   1104 C CG1   . VAL B 1 59 ? -5.429  -10.350 10.984  1.00 33.53  ? 59  VAL B CG1   1 
ATOM   1105 C CG2   . VAL B 1 59 ? -5.810  -8.841  12.922  1.00 31.83  ? 59  VAL B CG2   1 
ATOM   1106 N N     . SER B 1 60 ? -2.504  -12.095 11.821  1.00 33.11  ? 60  SER B N     1 
ATOM   1107 C CA    . SER B 1 60 ? -1.348  -12.706 11.136  1.00 32.71  ? 60  SER B CA    1 
ATOM   1108 C C     . SER B 1 60 ? -1.602  -12.942 9.615   1.00 32.44  ? 60  SER B C     1 
ATOM   1109 O O     . SER B 1 60 ? -2.733  -13.294 9.195   1.00 32.50  ? 60  SER B O     1 
ATOM   1110 C CB    . SER B 1 60 ? -0.960  -14.068 11.772  1.00 32.34  ? 60  SER B CB    1 
ATOM   1111 O OG    . SER B 1 60 ? -0.574  -13.987 13.147  1.00 35.08  ? 60  SER B OG    1 
ATOM   1112 N N     . PHE B 1 61 ? -0.541  -12.804 8.815   1.00 31.28  ? 61  PHE B N     1 
ATOM   1113 C CA    . PHE B 1 61 ? -0.547  -13.123 7.391   1.00 31.36  ? 61  PHE B CA    1 
ATOM   1114 C C     . PHE B 1 61 ? 0.734   -13.878 7.036   1.00 32.10  ? 61  PHE B C     1 
ATOM   1115 O O     . PHE B 1 61 ? 1.797   -13.594 7.625   1.00 32.57  ? 61  PHE B O     1 
ATOM   1116 C CB    . PHE B 1 61 ? -0.641  -11.836 6.570   1.00 30.32  ? 61  PHE B CB    1 
ATOM   1117 C CG    . PHE B 1 61 ? -1.855  -11.016 6.911   1.00 31.80  ? 61  PHE B CG    1 
ATOM   1118 C CD1   . PHE B 1 61 ? -1.854  -10.179 8.057   1.00 30.68  ? 61  PHE B CD1   1 
ATOM   1119 C CD2   . PHE B 1 61 ? -3.027  -11.113 6.152   1.00 27.69  ? 61  PHE B CD2   1 
ATOM   1120 C CE1   . PHE B 1 61 ? -2.988  -9.438  8.411   1.00 30.67  ? 61  PHE B CE1   1 
ATOM   1121 C CE2   . PHE B 1 61 ? -4.148  -10.362 6.486   1.00 28.88  ? 61  PHE B CE2   1 
ATOM   1122 C CZ    . PHE B 1 61 ? -4.148  -9.530  7.627   1.00 29.10  ? 61  PHE B CZ    1 
ATOM   1123 N N     . ASP B 1 62 ? 0.666   -14.803 6.079   1.00 31.55  ? 62  ASP B N     1 
ATOM   1124 C CA    . ASP B 1 62 ? 1.874   -15.427 5.587   1.00 32.29  ? 62  ASP B CA    1 
ATOM   1125 C C     . ASP B 1 62 ? 2.251   -14.871 4.219   1.00 32.79  ? 62  ASP B C     1 
ATOM   1126 O O     . ASP B 1 62 ? 1.437   -14.933 3.258   1.00 34.46  ? 62  ASP B O     1 
ATOM   1127 C CB    . ASP B 1 62 ? 1.670   -16.929 5.490   1.00 32.32  ? 62  ASP B CB    1 
ATOM   1128 C CG    . ASP B 1 62 ? 1.708   -17.596 6.845   1.00 35.53  ? 62  ASP B CG    1 
ATOM   1129 O OD1   . ASP B 1 62 ? 1.210   -18.746 6.999   1.00 39.09  ? 62  ASP B OD1   1 
ATOM   1130 O OD2   . ASP B 1 62 ? 2.206   -17.016 7.837   1.00 38.15  ? 62  ASP B OD2   1 
ATOM   1131 N N     . LEU B 1 63 ? 3.458   -14.354 4.109   1.00 31.80  ? 63  LEU B N     1 
ATOM   1132 C CA    . LEU B 1 63 ? 3.905   -13.677 2.923   1.00 32.71  ? 63  LEU B CA    1 
ATOM   1133 C C     . LEU B 1 63 ? 4.857   -14.525 2.138   1.00 34.14  ? 63  LEU B C     1 
ATOM   1134 O O     . LEU B 1 63 ? 5.976   -14.737 2.580   1.00 35.02  ? 63  LEU B O     1 
ATOM   1135 C CB    . LEU B 1 63 ? 4.621   -12.391 3.306   1.00 32.27  ? 63  LEU B CB    1 
ATOM   1136 C CG    . LEU B 1 63 ? 3.733   -11.234 3.752   1.00 30.74  ? 63  LEU B CG    1 
ATOM   1137 C CD1   . LEU B 1 63 ? 3.233   -11.439 5.169   1.00 29.53  ? 63  LEU B CD1   1 
ATOM   1138 C CD2   . LEU B 1 63 ? 4.569   -9.981  3.705   1.00 29.30  ? 63  LEU B CD2   1 
ATOM   1139 N N     . MET B 1 64 ? 4.434   -14.960 0.945   1.00 35.53  ? 64  MET B N     1 
ATOM   1140 C CA    . MET B 1 64 ? 5.236   -15.857 0.091   1.00 35.68  ? 64  MET B CA    1 
ATOM   1141 C C     . MET B 1 64 ? 6.405   -15.175 -0.614  1.00 35.98  ? 64  MET B C     1 
ATOM   1142 O O     . MET B 1 64 ? 6.465   -13.967 -0.690  1.00 36.06  ? 64  MET B O     1 
ATOM   1143 C CB    . MET B 1 64 ? 4.353   -16.554 -0.914  1.00 35.19  ? 64  MET B CB    1 
ATOM   1144 C CG    . MET B 1 64 ? 3.282   -17.385 -0.269  1.00 37.30  ? 64  MET B CG    1 
ATOM   1145 S SD    . MET B 1 64 ? 3.749   -18.397 1.186   1.00 37.86  ? 64  MET B SD    1 
ATOM   1146 C CE    . MET B 1 64 ? 2.137   -18.588 1.964   1.00 32.43  ? 64  MET B CE    1 
ATOM   1147 N N     . LYS B 1 65 ? 7.337   -15.962 -1.126  1.00 37.51  ? 65  LYS B N     1 
ATOM   1148 C CA    . LYS B 1 65 ? 8.550   -15.419 -1.747  1.00 39.72  ? 65  LYS B CA    1 
ATOM   1149 C C     . LYS B 1 65 ? 8.275   -14.365 -2.877  1.00 39.89  ? 65  LYS B C     1 
ATOM   1150 O O     . LYS B 1 65 ? 8.922   -13.310 -2.936  1.00 39.23  ? 65  LYS B O     1 
ATOM   1151 C CB    . LYS B 1 65 ? 9.471   -16.596 -2.175  1.00 40.24  ? 65  LYS B CB    1 
ATOM   1152 C CG    . LYS B 1 65 ? 10.424  -16.360 -3.414  1.00 45.08  ? 65  LYS B CG    1 
ATOM   1153 C CD    . LYS B 1 65 ? 11.616  -17.372 -3.453  1.00 51.12  ? 65  LYS B CD    1 
ATOM   1154 C CE    . LYS B 1 65 ? 12.633  -16.434 -4.156  0.00 91.12  ? 65  LYS B CE    1 
ATOM   1155 N NZ    . LYS B 1 65 ? 13.403  -17.439 -4.939  0.00 83.47  ? 65  LYS B NZ    1 
ATOM   1156 N N     . GLU B 1 66 ? 7.293   -14.652 -3.748  1.00 41.30  ? 66  GLU B N     1 
ATOM   1157 C CA    . GLU B 1 66 ? 6.923   -13.780 -4.895  1.00 41.84  ? 66  GLU B CA    1 
ATOM   1158 C C     . GLU B 1 66 ? 6.359   -12.475 -4.455  1.00 40.45  ? 66  GLU B C     1 
ATOM   1159 O O     . GLU B 1 66 ? 6.664   -11.450 -5.060  1.00 39.65  ? 66  GLU B O     1 
ATOM   1160 C CB    . GLU B 1 66 ? 5.837   -14.416 -5.755  1.00 43.13  ? 66  GLU B CB    1 
ATOM   1161 C CG    . GLU B 1 66 ? 6.254   -14.959 -7.110  1.00 48.77  ? 66  GLU B CG    1 
ATOM   1162 C CD    . GLU B 1 66 ? 7.682   -14.589 -7.548  1.00 56.62  ? 66  GLU B CD    1 
ATOM   1163 O OE1   . GLU B 1 66 ? 8.658   -15.349 -7.180  1.00 57.08  ? 66  GLU B OE1   1 
ATOM   1164 O OE2   . GLU B 1 66 ? 7.801   -13.564 -8.313  1.00 57.49  ? 66  GLU B OE2   1 
ATOM   1165 N N     . THR B 1 67 ? 5.506   -12.532 -3.421  1.00 39.26  ? 67  THR B N     1 
ATOM   1166 C CA    . THR B 1 67 ? 4.954   -11.340 -2.802  1.00 38.02  ? 67  THR B CA    1 
ATOM   1167 C C     . THR B 1 67 ? 6.093   -10.492 -2.245  1.00 38.54  ? 67  THR B C     1 
ATOM   1168 O O     . THR B 1 67 ? 6.103   -9.261  -2.486  1.00 38.49  ? 67  THR B O     1 
ATOM   1169 C CB    . THR B 1 67 ? 3.956   -11.751 -1.736  1.00 38.23  ? 67  THR B CB    1 
ATOM   1170 O OG1   . THR B 1 67 ? 2.762   -12.206 -2.390  1.00 38.51  ? 67  THR B OG1   1 
ATOM   1171 C CG2   . THR B 1 67 ? 3.522   -10.589 -0.833  1.00 34.03  ? 67  THR B CG2   1 
ATOM   1172 N N     . LEU B 1 68 ? 7.066   -11.112 -1.542  1.00 37.98  ? 68  LEU B N     1 
ATOM   1173 C CA    . LEU B 1 68 ? 8.213   -10.344 -1.011  1.00 38.68  ? 68  LEU B CA    1 
ATOM   1174 C C     . LEU B 1 68 ? 9.079   -9.718  -2.104  1.00 38.45  ? 68  LEU B C     1 
ATOM   1175 O O     . LEU B 1 68 ? 9.520   -8.583  -1.991  1.00 39.44  ? 68  LEU B O     1 
ATOM   1176 C CB    . LEU B 1 68 ? 9.060   -11.162 -0.020  1.00 38.58  ? 68  LEU B CB    1 
ATOM   1177 C CG    . LEU B 1 68 ? 8.300   -11.662 1.209   1.00 38.74  ? 68  LEU B CG    1 
ATOM   1178 C CD1   . LEU B 1 68 ? 8.983   -12.908 1.804   1.00 37.87  ? 68  LEU B CD1   1 
ATOM   1179 C CD2   . LEU B 1 68 ? 8.113   -10.564 2.232   1.00 37.98  ? 68  LEU B CD2   1 
ATOM   1180 N N     . ARG B 1 69 ? 9.277   -10.468 -3.166  1.00 38.84  ? 69  ARG B N     1 
ATOM   1181 C CA    . ARG B 1 69 ? 9.961   -9.990  -4.358  1.00 40.22  ? 69  ARG B CA    1 
ATOM   1182 C C     . ARG B 1 69 ? 9.245   -8.833  -5.108  1.00 38.83  ? 69  ARG B C     1 
ATOM   1183 O O     . ARG B 1 69 ? 9.871   -7.882  -5.459  1.00 39.48  ? 69  ARG B O     1 
ATOM   1184 C CB    . ARG B 1 69 ? 10.258  -11.184 -5.285  1.00 41.34  ? 69  ARG B CB    1 
ATOM   1185 C CG    . ARG B 1 69 ? 11.087  -10.883 -6.554  1.00 48.33  ? 69  ARG B CG    1 
ATOM   1186 C CD    . ARG B 1 69 ? 10.859  -11.879 -7.769  1.00 58.02  ? 69  ARG B CD    1 
ATOM   1187 N NE    . ARG B 1 69 ? 10.528  -11.103 -8.989  1.00 66.29  ? 69  ARG B NE    1 
ATOM   1188 C CZ    . ARG B 1 69 ? 9.514   -11.343 -9.850  1.00 69.80  ? 69  ARG B CZ    1 
ATOM   1189 N NH1   . ARG B 1 69 ? 8.671   -12.367 -9.694  1.00 70.90  ? 69  ARG B NH1   1 
ATOM   1190 N NH2   . ARG B 1 69 ? 9.332   -10.535 -10.890 1.00 71.05  ? 69  ARG B NH2   1 
ATOM   1191 N N     . ILE B 1 70 ? 7.948   -8.911  -5.365  1.00 37.79  ? 70  ILE B N     1 
ATOM   1192 C CA    . ILE B 1 70 ? 7.258   -7.899  -6.189  1.00 36.35  ? 70  ILE B CA    1 
ATOM   1193 C C     . ILE B 1 70 ? 6.931   -6.595  -5.417  1.00 35.42  ? 70  ILE B C     1 
ATOM   1194 O O     . ILE B 1 70 ? 6.979   -5.501  -5.972  1.00 34.90  ? 70  ILE B O     1 
ATOM   1195 C CB    . ILE B 1 70 ? 5.954   -8.485  -6.811  1.00 36.38  ? 70  ILE B CB    1 
ATOM   1196 C CG1   . ILE B 1 70 ? 6.268   -9.512  -7.891  1.00 36.92  ? 70  ILE B CG1   1 
ATOM   1197 C CG2   . ILE B 1 70 ? 5.098   -7.370  -7.430  1.00 35.33  ? 70  ILE B CG2   1 
ATOM   1198 C CD1   . ILE B 1 70 ? 5.089   -10.475 -8.232  1.00 38.11  ? 70  ILE B CD1   1 
ATOM   1199 N N     . THR B 1 71 ? 6.639   -6.731  -4.124  1.00 34.31  ? 71  THR B N     1 
ATOM   1200 C CA    . THR B 1 71 ? 6.177   -5.609  -3.326  1.00 33.47  ? 71  THR B CA    1 
ATOM   1201 C C     . THR B 1 71 ? 7.274   -5.020  -2.442  1.00 33.28  ? 71  THR B C     1 
ATOM   1202 O O     . THR B 1 71 ? 8.373   -5.497  -2.458  1.00 33.36  ? 71  THR B O     1 
ATOM   1203 C CB    . THR B 1 71 ? 4.885   -5.987  -2.507  1.00 33.09  ? 71  THR B CB    1 
ATOM   1204 O OG1   . THR B 1 71 ? 5.205   -6.824  -1.384  1.00 31.31  ? 71  THR B OG1   1 
ATOM   1205 C CG2   . THR B 1 71 ? 3.960   -6.827  -3.324  1.00 27.47  ? 71  THR B CG2   1 
ATOM   1206 N N     . ASN B 1 72 ? 6.935   -3.978  -1.690  1.00 33.50  ? 72  ASN B N     1 
ATOM   1207 C CA    . ASN B 1 72 ? 7.832   -3.379  -0.689  1.00 32.99  ? 72  ASN B CA    1 
ATOM   1208 C C     . ASN B 1 72 ? 7.674   -4.043  0.681   1.00 33.39  ? 72  ASN B C     1 
ATOM   1209 O O     . ASN B 1 72 ? 8.290   -3.602  1.634   1.00 33.87  ? 72  ASN B O     1 
ATOM   1210 C CB    . ASN B 1 72 ? 7.628   -1.845  -0.566  1.00 32.76  ? 72  ASN B CB    1 
ATOM   1211 C CG    . ASN B 1 72 ? 6.210   -1.443  -0.043  1.00 31.52  ? 72  ASN B CG    1 
ATOM   1212 O OD1   . ASN B 1 72 ? 5.483   -2.239  0.558   1.00 31.83  ? 72  ASN B OD1   1 
ATOM   1213 N ND2   . ASN B 1 72 ? 5.823   -0.192  -0.302  1.00 29.20  ? 72  ASN B ND2   1 
ATOM   1214 N N     . LEU B 1 73 ? 6.852   -5.078  0.798   1.00 33.28  ? 73  LEU B N     1 
ATOM   1215 C CA    . LEU B 1 73 ? 6.616   -5.677  2.095   1.00 34.58  ? 73  LEU B CA    1 
ATOM   1216 C C     . LEU B 1 73 ? 7.854   -6.414  2.650   1.00 36.55  ? 73  LEU B C     1 
ATOM   1217 O O     . LEU B 1 73 ? 7.978   -6.644  3.829   1.00 36.98  ? 73  LEU B O     1 
ATOM   1218 C CB    . LEU B 1 73 ? 5.396   -6.615  2.036   1.00 34.57  ? 73  LEU B CB    1 
ATOM   1219 C CG    . LEU B 1 73 ? 4.021   -6.038  1.609   1.00 32.73  ? 73  LEU B CG    1 
ATOM   1220 C CD1   . LEU B 1 73 ? 3.006   -7.130  1.678   1.00 29.56  ? 73  LEU B CD1   1 
ATOM   1221 C CD2   . LEU B 1 73 ? 3.607   -4.826  2.427   1.00 29.54  ? 73  LEU B CD2   1 
ATOM   1222 N N     . GLY B 1 74 ? 8.775   -6.795  1.777   1.00 39.02  ? 74  GLY B N     1 
ATOM   1223 C CA    . GLY B 1 74 ? 10.042  -7.336  2.205   1.00 40.36  ? 74  GLY B CA    1 
ATOM   1224 C C     . GLY B 1 74 ? 10.878  -6.336  2.969   1.00 41.38  ? 74  GLY B C     1 
ATOM   1225 O O     . GLY B 1 74 ? 11.636  -6.733  3.798   1.00 42.68  ? 74  GLY B O     1 
ATOM   1226 N N     . ASP B 1 75 ? 10.757  -5.053  2.698   1.00 42.40  ? 75  ASP B N     1 
ATOM   1227 C CA    . ASP B 1 75 ? 11.586  -4.057  3.369   1.00 43.52  ? 75  ASP B CA    1 
ATOM   1228 C C     . ASP B 1 75 ? 11.010  -3.557  4.681   1.00 42.90  ? 75  ASP B C     1 
ATOM   1229 O O     . ASP B 1 75 ? 11.647  -2.744  5.335   1.00 43.00  ? 75  ASP B O     1 
ATOM   1230 C CB    . ASP B 1 75 ? 11.804  -2.851  2.440   1.00 44.46  ? 75  ASP B CB    1 
ATOM   1231 C CG    . ASP B 1 75 ? 12.441  -3.249  1.091   1.00 50.92  ? 75  ASP B CG    1 
ATOM   1232 O OD1   . ASP B 1 75 ? 13.462  -4.013  1.140   1.00 54.01  ? 75  ASP B OD1   1 
ATOM   1233 O OD2   . ASP B 1 75 ? 11.984  -2.859  -0.049  1.00 56.95  ? 75  ASP B OD2   1 
ATOM   1234 N N     . LEU B 1 76 ? 9.788   -3.963  5.039   1.00 42.16  ? 76  LEU B N     1 
ATOM   1235 C CA    . LEU B 1 76 ? 9.193   -3.446  6.263   1.00 41.78  ? 76  LEU B CA    1 
ATOM   1236 C C     . LEU B 1 76 ? 10.008  -3.927  7.472   1.00 42.44  ? 76  LEU B C     1 
ATOM   1237 O O     . LEU B 1 76 ? 10.646  -5.008  7.438   1.00 42.84  ? 76  LEU B O     1 
ATOM   1238 C CB    . LEU B 1 76 ? 7.712   -3.839  6.395   1.00 41.29  ? 76  LEU B CB    1 
ATOM   1239 C CG    . LEU B 1 76 ? 6.780   -3.151  5.386   1.00 39.77  ? 76  LEU B CG    1 
ATOM   1240 C CD1   . LEU B 1 76 ? 5.394   -3.782  5.423   1.00 38.00  ? 76  LEU B CD1   1 
ATOM   1241 C CD2   . LEU B 1 76 ? 6.696   -1.706  5.676   1.00 36.88  ? 76  LEU B CD2   1 
ATOM   1242 N N     . LYS B 1 77 ? 9.995   -3.116  8.525   1.00 42.92  ? 77  LYS B N     1 
ATOM   1243 C CA    . LYS B 1 77 ? 10.606  -3.475  9.820   1.00 43.97  ? 77  LYS B CA    1 
ATOM   1244 C C     . LYS B 1 77 ? 9.511   -3.412  10.892  1.00 43.23  ? 77  LYS B C     1 
ATOM   1245 O O     . LYS B 1 77 ? 8.497   -2.694  10.727  1.00 43.20  ? 77  LYS B O     1 
ATOM   1246 C CB    . LYS B 1 77 ? 11.774  -2.515  10.210  1.00 44.66  ? 77  LYS B CB    1 
ATOM   1247 C CG    . LYS B 1 77 ? 12.992  -2.512  9.204   1.00 49.09  ? 77  LYS B CG    1 
ATOM   1248 C CD    . LYS B 1 77 ? 14.272  -3.262  9.727   1.00 54.27  ? 77  LYS B CD    1 
ATOM   1249 C CE    . LYS B 1 77 ? 15.478  -2.641  9.425   0.00 86.14  ? 77  LYS B CE    1 
ATOM   1250 N NZ    . LYS B 1 77 ? 16.632  -2.888  10.328  0.00 100.00 ? 77  LYS B NZ    1 
ATOM   1251 N N     . VAL B 1 78 ? 9.719   -4.140  11.997  1.00 42.34  ? 78  VAL B N     1 
ATOM   1252 C CA    . VAL B 1 78 ? 8.810   -4.083  13.141  1.00 41.04  ? 78  VAL B CA    1 
ATOM   1253 C C     . VAL B 1 78 ? 8.640   -2.648  13.580  1.00 40.08  ? 78  VAL B C     1 
ATOM   1254 O O     . VAL B 1 78 ? 9.602   -1.927  13.674  1.00 40.66  ? 78  VAL B O     1 
ATOM   1255 C CB    . VAL B 1 78 ? 9.334   -4.970  14.294  1.00 41.28  ? 78  VAL B CB    1 
ATOM   1256 C CG1   . VAL B 1 78 ? 8.522   -4.758  15.602  1.00 40.11  ? 78  VAL B CG1   1 
ATOM   1257 C CG2   . VAL B 1 78 ? 9.237   -6.430  13.855  1.00 40.27  ? 78  VAL B CG2   1 
ATOM   1258 N N     . GLY B 1 79 ? 7.423   -2.202  13.812  1.00 39.20  ? 79  GLY B N     1 
ATOM   1259 C CA    . GLY B 1 79 ? 7.215   -0.790  14.116  1.00 38.10  ? 79  GLY B CA    1 
ATOM   1260 C C     . GLY B 1 79 ? 6.756   0.113   12.972  1.00 37.78  ? 79  GLY B C     1 
ATOM   1261 O O     . GLY B 1 79 ? 6.393   1.254   13.237  1.00 37.33  ? 79  GLY B O     1 
ATOM   1262 N N     . ASP B 1 80 ? 6.798   -0.376  11.712  1.00 37.44  ? 80  ASP B N     1 
ATOM   1263 C CA    . ASP B 1 80 ? 6.322   0.367   10.544  1.00 36.61  ? 80  ASP B CA    1 
ATOM   1264 C C     . ASP B 1 80 ? 4.827   0.345   10.484  1.00 35.84  ? 80  ASP B C     1 
ATOM   1265 O O     . ASP B 1 80 ? 4.176   -0.563  10.998  1.00 35.60  ? 80  ASP B O     1 
ATOM   1266 C CB    . ASP B 1 80 ? 6.867   -0.233  9.269   1.00 37.72  ? 80  ASP B CB    1 
ATOM   1267 C CG    . ASP B 1 80 ? 8.352   0.078   9.082   1.00 39.25  ? 80  ASP B CG    1 
ATOM   1268 O OD1   . ASP B 1 80 ? 9.080   -0.641  8.337   1.00 38.72  ? 80  ASP B OD1   1 
ATOM   1269 O OD2   . ASP B 1 80 ? 8.857   1.043   9.691   1.00 42.66  ? 80  ASP B OD2   1 
ATOM   1270 N N     . TRP B 1 81 ? 4.265   1.369   9.896   1.00 35.36  ? 81  TRP B N     1 
ATOM   1271 C CA    . TRP B 1 81 ? 2.821   1.381   9.695   1.00 35.79  ? 81  TRP B CA    1 
ATOM   1272 C C     . TRP B 1 81 ? 2.460   1.057   8.265   1.00 34.78  ? 81  TRP B C     1 
ATOM   1273 O O     . TRP B 1 81 ? 3.086   1.592   7.343   1.00 35.14  ? 81  TRP B O     1 
ATOM   1274 C CB    . TRP B 1 81 ? 2.294   2.752   9.999   1.00 36.64  ? 81  TRP B CB    1 
ATOM   1275 C CG    . TRP B 1 81 ? 2.505   3.069   11.406  1.00 40.18  ? 81  TRP B CG    1 
ATOM   1276 C CD1   . TRP B 1 81 ? 3.664   3.564   11.986  1.00 40.54  ? 81  TRP B CD1   1 
ATOM   1277 C CD2   . TRP B 1 81 ? 1.559   2.864   12.483  1.00 41.29  ? 81  TRP B CD2   1 
ATOM   1278 N NE1   . TRP B 1 81 ? 3.470   3.685   13.348  1.00 44.43  ? 81  TRP B NE1   1 
ATOM   1279 C CE2   . TRP B 1 81 ? 2.193   3.280   13.684  1.00 43.11  ? 81  TRP B CE2   1 
ATOM   1280 C CE3   . TRP B 1 81 ? 0.240   2.396   12.550  1.00 39.94  ? 81  TRP B CE3   1 
ATOM   1281 C CZ2   . TRP B 1 81 ? 1.532   3.275   14.933  1.00 41.88  ? 81  TRP B CZ2   1 
ATOM   1282 C CZ3   . TRP B 1 81 ? -0.410  2.364   13.796  1.00 42.54  ? 81  TRP B CZ3   1 
ATOM   1283 C CH2   . TRP B 1 81 ? 0.238   2.804   14.971  1.00 41.76  ? 81  TRP B CH2   1 
ATOM   1284 N N     . VAL B 1 82 ? 1.472   0.176   8.093   1.00 33.83  ? 82  VAL B N     1 
ATOM   1285 C CA    . VAL B 1 82 ? 1.003   -0.245  6.767   1.00 32.63  ? 82  VAL B CA    1 
ATOM   1286 C C     . VAL B 1 82 ? -0.413  0.230   6.554   1.00 31.26  ? 82  VAL B C     1 
ATOM   1287 O O     . VAL B 1 82 ? -1.204  0.207   7.487   1.00 30.97  ? 82  VAL B O     1 
ATOM   1288 C CB    . VAL B 1 82 ? 1.142   -1.787  6.546   1.00 32.98  ? 82  VAL B CB    1 
ATOM   1289 C CG1   . VAL B 1 82 ? 2.531   -2.244  6.980   1.00 34.61  ? 82  VAL B CG1   1 
ATOM   1290 C CG2   . VAL B 1 82 ? 0.182   -2.523  7.349   1.00 32.15  ? 82  VAL B CG2   1 
ATOM   1291 N N     . ASN B 1 83 ? -0.727  0.696   5.336   1.00 29.84  ? 83  ASN B N     1 
ATOM   1292 C CA    . ASN B 1 83 ? -2.122  0.940   4.983   1.00 27.58  ? 83  ASN B CA    1 
ATOM   1293 C C     . ASN B 1 83 ? -2.870  -0.389  5.020   1.00 27.55  ? 83  ASN B C     1 
ATOM   1294 O O     . ASN B 1 83 ? -2.338  -1.420  4.592   1.00 27.47  ? 83  ASN B O     1 
ATOM   1295 C CB    . ASN B 1 83 ? -2.212  1.549   3.618   1.00 26.47  ? 83  ASN B CB    1 
ATOM   1296 C CG    . ASN B 1 83 ? -1.547  2.909   3.534   1.00 26.77  ? 83  ASN B CG    1 
ATOM   1297 O OD1   . ASN B 1 83 ? -1.532  3.660   4.501   1.00 24.85  ? 83  ASN B OD1   1 
ATOM   1298 N ND2   . ASN B 1 83 ? -0.989  3.239   2.357   1.00 26.01  ? 83  ASN B ND2   1 
ATOM   1299 N N     . VAL B 1 84 ? -4.068  -0.396  5.600   1.00 27.53  ? 84  VAL B N     1 
ATOM   1300 C CA    . VAL B 1 84 ? -4.893  -1.618  5.616   1.00 27.65  ? 84  VAL B CA    1 
ATOM   1301 C C     . VAL B 1 84 ? -6.321  -1.318  5.132   1.00 29.27  ? 84  VAL B C     1 
ATOM   1302 O O     . VAL B 1 84 ? -6.857  -0.213  5.371   1.00 29.51  ? 84  VAL B O     1 
ATOM   1303 C CB    . VAL B 1 84 ? -4.902  -2.317  7.004   1.00 27.35  ? 84  VAL B CB    1 
ATOM   1304 C CG1   . VAL B 1 84 ? -3.555  -3.011  7.269   1.00 25.08  ? 84  VAL B CG1   1 
ATOM   1305 C CG2   . VAL B 1 84 ? -5.232  -1.304  8.143   1.00 23.61  ? 84  VAL B CG2   1 
ATOM   1306 N N     . GLU B 1 85 ? -6.899  -2.269  4.398   1.00 30.13  ? 85  GLU B N     1 
ATOM   1307 C CA    . GLU B 1 85 ? -8.252  -2.142  3.901   1.00 32.25  ? 85  GLU B CA    1 
ATOM   1308 C C     . GLU B 1 85 ? -8.793  -3.540  3.834   1.00 33.16  ? 85  GLU B C     1 
ATOM   1309 O O     . GLU B 1 85 ? -8.136  -4.388  3.238   1.00 34.25  ? 85  GLU B O     1 
ATOM   1310 C CB    . GLU B 1 85 ? -8.278  -1.503  2.513   1.00 31.71  ? 85  GLU B CB    1 
ATOM   1311 C CG    . GLU B 1 85 ? -9.684  -1.189  1.993   1.00 35.38  ? 85  GLU B CG    1 
ATOM   1312 C CD    . GLU B 1 85 ? -9.816  -1.008  0.453   1.00 42.30  ? 85  GLU B CD    1 
ATOM   1313 O OE1   . GLU B 1 85 ? -10.974 -1.018  -0.063  1.00 44.45  ? 85  GLU B OE1   1 
ATOM   1314 O OE2   . GLU B 1 85 ? -8.794  -0.840  -0.253  1.00 42.42  ? 85  GLU B OE2   1 
ATOM   1315 N N     . ARG B 1 86 ? -9.965  -3.802  4.435   1.00 34.64  ? 86  ARG B N     1 
ATOM   1316 C CA    . ARG B 1 86 ? -10.646 -5.112  4.252   1.00 36.65  ? 86  ARG B CA    1 
ATOM   1317 C C     . ARG B 1 86 ? -11.417 -5.178  2.969   1.00 37.33  ? 86  ARG B C     1 
ATOM   1318 O O     . ARG B 1 86 ? -11.934 -4.165  2.510   1.00 38.52  ? 86  ARG B O     1 
ATOM   1319 C CB    . ARG B 1 86 ? -11.639 -5.381  5.346   1.00 37.04  ? 86  ARG B CB    1 
ATOM   1320 C CG    . ARG B 1 86 ? -10.972 -5.535  6.698   1.00 41.85  ? 86  ARG B CG    1 
ATOM   1321 C CD    . ARG B 1 86 ? -11.913 -5.607  7.806   1.00 44.57  ? 86  ARG B CD    1 
ATOM   1322 N NE    . ARG B 1 86 ? -12.873 -6.657  7.529   1.00 48.15  ? 86  ARG B NE    1 
ATOM   1323 C CZ    . ARG B 1 86 ? -13.857 -6.955  8.332   1.00 50.75  ? 86  ARG B CZ    1 
ATOM   1324 N NH1   . ARG B 1 86 ? -14.010 -6.305  9.490   1.00 49.88  ? 86  ARG B NH1   1 
ATOM   1325 N NH2   . ARG B 1 86 ? -14.668 -7.926  7.995   1.00 51.18  ? 86  ARG B NH2   1 
ATOM   1326 N N     . ALA B 1 87 ? -11.525 -6.353  2.367   1.00 37.77  ? 87  ALA B N     1 
ATOM   1327 C CA    . ALA B 1 87 ? -12.507 -6.519  1.281   1.00 38.17  ? 87  ALA B CA    1 
ATOM   1328 C C     . ALA B 1 87 ? -13.986 -6.630  1.767   1.00 36.13  ? 87  ALA B C     1 
ATOM   1329 O O     . ALA B 1 87 ? -14.209 -7.382  2.682   1.00 36.13  ? 87  ALA B O     1 
ATOM   1330 C CB    . ALA B 1 87 ? -12.091 -7.703  0.400   1.00 37.75  ? 87  ALA B CB    1 
HETATM 1331 N N1    . RBF C 2 .  ? -7.173  11.128  -2.487  1.00 27.27  ? 100 RBF A N1    1 
HETATM 1332 C C2    . RBF C 2 .  ? -6.171  12.033  -2.728  1.00 29.18  ? 100 RBF A C2    1 
HETATM 1333 O O2    . RBF C 2 .  ? -5.604  12.615  -1.734  1.00 25.75  ? 100 RBF A O2    1 
HETATM 1334 N N3    . RBF C 2 .  ? -5.783  12.328  -4.000  1.00 28.04  ? 100 RBF A N3    1 
HETATM 1335 C C4    . RBF C 2 .  ? -6.311  11.769  -5.093  1.00 28.12  ? 100 RBF A C4    1 
HETATM 1336 O O4    . RBF C 2 .  ? -5.855  12.061  -6.234  1.00 29.62  ? 100 RBF A O4    1 
HETATM 1337 C C4A   . RBF C 2 .  ? -7.387  10.772  -4.904  1.00 26.26  ? 100 RBF A C4A   1 
HETATM 1338 N N5    . RBF C 2 .  ? -8.018  10.159  -5.925  1.00 23.47  ? 100 RBF A N5    1 
HETATM 1339 C C5A   . RBF C 2 .  ? -8.999  9.291   -5.695  1.00 24.29  ? 100 RBF A C5A   1 
HETATM 1340 C C6    . RBF C 2 .  ? -9.631  8.682   -6.770  1.00 26.49  ? 100 RBF A C6    1 
HETATM 1341 C C7    . RBF C 2 .  ? -10.664 7.772   -6.568  1.00 25.87  ? 100 RBF A C7    1 
HETATM 1342 C C7M   . RBF C 2 .  ? -11.312 7.143   -7.753  1.00 22.96  ? 100 RBF A C7M   1 
HETATM 1343 C C8    . RBF C 2 .  ? -11.070 7.396   -5.165  1.00 29.20  ? 100 RBF A C8    1 
HETATM 1344 C C8M   . RBF C 2 .  ? -12.184 6.406   -4.868  1.00 29.01  ? 100 RBF A C8M   1 
HETATM 1345 C C9    . RBF C 2 .  ? -10.424 8.027   -4.078  1.00 28.45  ? 100 RBF A C9    1 
HETATM 1346 C C9A   . RBF C 2 .  ? -9.413  8.949   -4.305  1.00 25.52  ? 100 RBF A C9A   1 
HETATM 1347 N N10   . RBF C 2 .  ? -8.798  9.598   -3.218  1.00 26.96  ? 100 RBF A N10   1 
HETATM 1348 C C10   . RBF C 2 .  ? -7.783  10.520  -3.496  1.00 27.19  ? 100 RBF A C10   1 
HETATM 1349 C "C1'" . RBF C 2 .  ? -9.146  9.369   -1.832  1.00 24.22  ? 100 RBF A "C1'" 1 
HETATM 1350 C "C2'" . RBF C 2 .  ? -8.077  8.553   -1.166  1.00 23.56  ? 100 RBF A "C2'" 1 
HETATM 1351 O "O2'" . RBF C 2 .  ? -7.992  7.269   -1.832  1.00 23.35  ? 100 RBF A "O2'" 1 
HETATM 1352 C "C3'" . RBF C 2 .  ? -8.502  8.378   0.300   1.00 23.97  ? 100 RBF A "C3'" 1 
HETATM 1353 O "O3'" . RBF C 2 .  ? -8.568  9.648   0.917   1.00 24.97  ? 100 RBF A "O3'" 1 
HETATM 1354 C "C4'" . RBF C 2 .  ? -7.512  7.512   1.123   1.00 23.80  ? 100 RBF A "C4'" 1 
HETATM 1355 O "O4'" . RBF C 2 .  ? -7.498  6.143   0.666   1.00 22.41  ? 100 RBF A "O4'" 1 
HETATM 1356 C "C5'" . RBF C 2 .  ? -7.875  7.624   2.598   1.00 23.29  ? 100 RBF A "C5'" 1 
HETATM 1357 O "O5'" . RBF C 2 .  ? -9.095  6.874   2.785   1.00 28.04  ? 100 RBF A "O5'" 1 
HETATM 1358 N N1    . RBF D 2 .  ? 0.250   -13.371 -1.327  1.00 27.46  ? 101 RBF B N1    1 
HETATM 1359 C C2    . RBF D 2 .  ? 0.864   -13.798 -0.180  1.00 28.78  ? 101 RBF B C2    1 
HETATM 1360 O O2    . RBF D 2 .  ? 2.126   -13.779 -0.044  1.00 26.24  ? 101 RBF B O2    1 
HETATM 1361 N N3    . RBF D 2 .  ? 0.180   -14.272 0.862   1.00 27.98  ? 101 RBF B N3    1 
HETATM 1362 C C4    . RBF D 2 .  ? -1.165  -14.366 0.886   1.00 28.36  ? 101 RBF B C4    1 
HETATM 1363 O O4    . RBF D 2 .  ? -1.772  -14.789 1.928   1.00 29.56  ? 101 RBF B O4    1 
HETATM 1364 C C4A   . RBF D 2 .  ? -1.904  -13.920 -0.313  1.00 26.13  ? 101 RBF B C4A   1 
HETATM 1365 N N5    . RBF D 2 .  ? -3.263  -14.011 -0.398  1.00 24.91  ? 101 RBF B N5    1 
HETATM 1366 C C5A   . RBF D 2 .  ? -3.906  -13.578 -1.540  1.00 25.44  ? 101 RBF B C5A   1 
HETATM 1367 C C6    . RBF D 2 .  ? -5.295  -13.595 -1.603  1.00 26.92  ? 101 RBF B C6    1 
HETATM 1368 C C7    . RBF D 2 .  ? -5.998  -13.170 -2.727  1.00 25.79  ? 101 RBF B C7    1 
HETATM 1369 C C7M   . RBF D 2 .  ? -7.521  -13.240 -2.748  1.00 22.91  ? 101 RBF B C7M   1 
HETATM 1370 C C8    . RBF D 2 .  ? -5.200  -12.632 -3.858  1.00 29.27  ? 101 RBF B C8    1 
HETATM 1371 C C8M   . RBF D 2 .  ? -5.849  -12.118 -5.116  1.00 30.47  ? 101 RBF B C8M   1 
HETATM 1372 C C9    . RBF D 2 .  ? -3.806  -12.569 -3.823  1.00 28.77  ? 101 RBF B C9    1 
HETATM 1373 C C9A   . RBF D 2 .  ? -3.140  -13.028 -2.700  1.00 25.49  ? 101 RBF B C9A   1 
HETATM 1374 N N10   . RBF D 2 .  ? -1.756  -12.940 -2.634  1.00 26.06  ? 101 RBF B N10   1 
HETATM 1375 C C10   . RBF D 2 .  ? -1.104  -13.391 -1.443  1.00 27.10  ? 101 RBF B C10   1 
HETATM 1376 C "C1'" . RBF D 2 .  ? -0.970  -12.465 -3.764  1.00 23.62  ? 101 RBF B "C1'" 1 
HETATM 1377 C "C2'" . RBF D 2 .  ? -0.361  -11.138 -3.463  1.00 23.23  ? 101 RBF B "C2'" 1 
HETATM 1378 O "O2'" . RBF D 2 .  ? -1.424  -10.211 -3.296  1.00 23.01  ? 101 RBF B "O2'" 1 
HETATM 1379 C "C3'" . RBF D 2 .  ? 0.507   -10.769 -4.640  1.00 23.31  ? 101 RBF B "C3'" 1 
HETATM 1380 O "O3'" . RBF D 2 .  ? 1.555   -11.713 -4.813  1.00 25.31  ? 101 RBF B "O3'" 1 
HETATM 1381 C "C4'" . RBF D 2 .  ? 1.156   -9.418  -4.442  1.00 23.59  ? 101 RBF B "C4'" 1 
HETATM 1382 O "O4'" . RBF D 2 .  ? 0.101   -8.461  -4.414  1.00 23.23  ? 101 RBF B "O4'" 1 
HETATM 1383 C "C5'" . RBF D 2 .  ? 2.166   -9.122  -5.575  1.00 23.62  ? 101 RBF B "C5'" 1 
HETATM 1384 O "O5'" . RBF D 2 .  ? 1.450   -9.105  -6.847  1.00 29.05  ? 101 RBF B "O5'" 1 
HETATM 1385 O O     . HOH E 3 .  ? -4.311  13.610  -7.845  1.00 27.84  ? 101 HOH A O     1 
HETATM 1386 O O     . HOH E 3 .  ? 3.176   8.036   -3.203  1.00 22.79  ? 102 HOH A O     1 
HETATM 1387 O O     . HOH E 3 .  ? -5.807  -0.586  0.070   1.00 24.32  ? 103 HOH A O     1 
HETATM 1388 O O     . HOH E 3 .  ? -0.055  17.578  -9.998  1.00 39.73  ? 104 HOH A O     1 
HETATM 1389 O O     . HOH E 3 .  ? -9.162  8.527   -10.317 1.00 29.05  ? 105 HOH A O     1 
HETATM 1390 O O     . HOH E 3 .  ? -0.859  -0.382  -4.112  1.00 27.50  ? 106 HOH A O     1 
HETATM 1391 O O     . HOH E 3 .  ? -5.263  5.098   -18.189 1.00 37.57  ? 107 HOH A O     1 
HETATM 1392 O O     . HOH E 3 .  ? -2.152  12.133  -20.311 1.00 49.11  ? 108 HOH A O     1 
HETATM 1393 O O     . HOH E 3 .  ? 4.228   12.898  1.726   1.00 36.19  ? 109 HOH A O     1 
HETATM 1394 O O     . HOH E 3 .  ? -0.818  8.904   8.763   1.00 36.33  ? 110 HOH A O     1 
HETATM 1395 O O     . HOH E 3 .  ? 1.752   6.733   9.152   1.00 41.88  ? 111 HOH A O     1 
HETATM 1396 O O     . HOH E 3 .  ? 4.932   13.957  -13.943 1.00 36.59  ? 112 HOH A O     1 
HETATM 1397 O O     . HOH E 3 .  ? -13.926 14.073  3.738   1.00 45.60  ? 113 HOH A O     1 
HETATM 1398 O O     . HOH E 3 .  ? -10.657 9.261   2.343   1.00 51.67  ? 114 HOH A O     1 
HETATM 1399 O O     . HOH E 3 .  ? 10.748  2.362   0.695   1.00 50.59  ? 115 HOH A O     1 
HETATM 1400 O O     . HOH E 3 .  ? -4.988  3.049   -16.631 1.00 45.04  ? 116 HOH A O     1 
HETATM 1401 O O     . HOH E 3 .  ? -2.882  24.506  -2.744  1.00 53.34  ? 117 HOH A O     1 
HETATM 1402 O O     . HOH E 3 .  ? -10.727 3.816   -9.695  1.00 64.57  ? 118 HOH A O     1 
HETATM 1403 O O     . HOH E 3 .  ? -7.637  14.105  0.876   1.00 71.30  ? 119 HOH A O     1 
HETATM 1404 O O     . HOH E 3 .  ? -2.997  19.430  2.543   1.00 77.25  ? 120 HOH A O     1 
HETATM 1405 O O     . HOH F 3 .  ? 1.194   -11.738 -7.635  1.00 34.47  ? 102 HOH B O     1 
HETATM 1406 O O     . HOH F 3 .  ? -1.393  -15.465 4.537   1.00 27.65  ? 103 HOH B O     1 
HETATM 1407 O O     . HOH F 3 .  ? 2.217   -6.238  6.115   1.00 22.90  ? 104 HOH B O     1 
HETATM 1408 O O     . HOH F 3 .  ? -2.803  -2.189  -4.564  1.00 23.72  ? 105 HOH B O     1 
HETATM 1409 O O     . HOH F 3 .  ? 0.610   -17.536 10.255  1.00 39.84  ? 106 HOH B O     1 
HETATM 1410 O O     . HOH F 3 .  ? -7.912  -14.803 0.777   1.00 31.50  ? 107 HOH B O     1 
HETATM 1411 O O     . HOH F 3 .  ? -3.862  -1.302  1.894   1.00 26.44  ? 108 HOH B O     1 
HETATM 1412 O O     . HOH F 3 .  ? -14.044 -12.085 7.528   1.00 36.61  ? 109 HOH B O     1 
HETATM 1413 O O     . HOH F 3 .  ? -10.415 -10.199 18.021  1.00 35.88  ? 110 HOH B O     1 
HETATM 1414 O O     . HOH F 3 .  ? -9.838  -20.375 7.726   1.00 38.96  ? 111 HOH B O     1 
HETATM 1415 O O     . HOH F 3 .  ? -7.474  -17.495 14.546  1.00 37.98  ? 112 HOH B O     1 
HETATM 1416 O O     . HOH F 3 .  ? -12.105 -5.714  -8.516  1.00 40.76  ? 113 HOH B O     1 
HETATM 1417 O O     . HOH F 3 .  ? 13.271  -10.173 10.497  1.00 45.16  ? 114 HOH B O     1 
HETATM 1418 O O     . HOH F 3 .  ? 12.188  -5.568  12.063  1.00 47.14  ? 115 HOH B O     1 
HETATM 1419 O O     . HOH F 3 .  ? 0.997   -11.592 18.011  1.00 50.37  ? 116 HOH B O     1 
HETATM 1420 O O     . HOH F 3 .  ? 12.411  -15.587 5.232   1.00 55.33  ? 117 HOH B O     1 
HETATM 1421 O O     . HOH F 3 .  ? 9.031   -10.236 15.663  1.00 56.63  ? 118 HOH B O     1 
# 
loop_
_pdbx_poly_seq_scheme.asym_id 
_pdbx_poly_seq_scheme.entity_id 
_pdbx_poly_seq_scheme.seq_id 
_pdbx_poly_seq_scheme.mon_id 
_pdbx_poly_seq_scheme.ndb_seq_num 
_pdbx_poly_seq_scheme.pdb_seq_num 
_pdbx_poly_seq_scheme.auth_seq_num 
_pdbx_poly_seq_scheme.pdb_mon_id 
_pdbx_poly_seq_scheme.auth_mon_id 
_pdbx_poly_seq_scheme.pdb_strand_id 
_pdbx_poly_seq_scheme.pdb_ins_code 
_pdbx_poly_seq_scheme.hetero 
A 1 1  MET 1  1  1  MET MET A . n 
A 1 2  PHE 2  2  2  PHE PHE A . n 
A 1 3  THR 3  3  3  THR THR A . n 
A 1 4  GLY 4  4  4  GLY GLY A . n 
A 1 5  ILE 5  5  5  ILE ILE A . n 
A 1 6  VAL 6  6  6  VAL VAL A . n 
A 1 7  GLN 7  7  7  GLN GLN A . n 
A 1 8  GLY 8  8  8  GLY GLY A . n 
A 1 9  THR 9  9  9  THR THR A . n 
A 1 10 ALA 10 10 10 ALA ALA A . n 
A 1 11 LYS 11 11 11 LYS LYS A . n 
A 1 12 LEU 12 12 12 LEU LEU A . n 
A 1 13 VAL 13 13 13 VAL VAL A . n 
A 1 14 SER 14 14 14 SER SER A . n 
A 1 15 ILE 15 15 15 ILE ILE A . n 
A 1 16 ASP 16 16 16 ASP ASP A . n 
A 1 17 GLU 17 17 17 GLU GLU A . n 
A 1 18 LYS 18 18 18 LYS LYS A . n 
A 1 19 PRO 19 19 19 PRO PRO A . n 
A 1 20 ASN 20 20 20 ASN ASN A . n 
A 1 21 PHE 21 21 21 PHE PHE A . n 
A 1 22 ARG 22 22 22 ARG ARG A . n 
A 1 23 THR 23 23 23 THR THR A . n 
A 1 24 HIS 24 24 24 HIS HIS A . n 
A 1 25 VAL 25 25 25 VAL VAL A . n 
A 1 26 VAL 26 26 26 VAL VAL A . n 
A 1 27 GLU 27 27 27 GLU GLU A . n 
A 1 28 LEU 28 28 28 LEU LEU A . n 
A 1 29 PRO 29 29 29 PRO PRO A . n 
A 1 30 ASP 30 30 30 ASP ASP A . n 
A 1 31 HIS 31 31 31 HIS HIS A . n 
A 1 32 MET 32 32 32 MET MET A . n 
A 1 33 LEU 33 33 33 LEU LEU A . n 
A 1 34 ASP 34 34 34 ASP ASP A . n 
A 1 35 GLY 35 35 35 GLY GLY A . n 
A 1 36 LEU 36 36 36 LEU LEU A . n 
A 1 37 GLU 37 37 37 GLU GLU A . n 
A 1 38 THR 38 38 38 THR THR A . n 
A 1 39 GLY 39 39 39 GLY GLY A . n 
A 1 40 ALA 40 40 40 ALA ALA A . n 
A 1 41 SER 41 41 41 SER SER A . n 
A 1 42 VAL 42 42 42 VAL VAL A . n 
A 1 43 ALA 43 43 43 ALA ALA A . n 
A 1 44 HIS 44 44 44 HIS HIS A . n 
A 1 45 ASN 45 45 45 ASN ASN A . n 
A 1 46 GLY 46 46 46 GLY GLY A . n 
A 1 47 CYS 47 47 47 CYS CYS A . n 
A 1 48 CYS 48 48 48 CYS CYS A . n 
A 1 49 LEU 49 49 49 LEU LEU A . n 
A 1 50 THR 50 50 50 THR THR A . n 
A 1 51 VAL 51 51 51 VAL VAL A . n 
A 1 52 THR 52 52 52 THR THR A . n 
A 1 53 GLU 53 53 53 GLU GLU A . n 
A 1 54 ILE 54 54 54 ILE ILE A . n 
A 1 55 ASN 55 55 55 ASN ASN A . n 
A 1 56 GLY 56 56 56 GLY GLY A . n 
A 1 57 ASN 57 57 57 ASN ASN A . n 
A 1 58 HIS 58 58 58 HIS HIS A . n 
A 1 59 VAL 59 59 59 VAL VAL A . n 
A 1 60 SER 60 60 60 SER SER A . n 
A 1 61 PHE 61 61 61 PHE PHE A . n 
A 1 62 ASP 62 62 62 ASP ASP A . n 
A 1 63 LEU 63 63 63 LEU LEU A . n 
A 1 64 MET 64 64 64 MET MET A . n 
A 1 65 LYS 65 65 65 LYS LYS A . n 
A 1 66 GLU 66 66 66 GLU GLU A . n 
A 1 67 THR 67 67 67 THR THR A . n 
A 1 68 LEU 68 68 68 LEU LEU A . n 
A 1 69 ARG 69 69 69 ARG ARG A . n 
A 1 70 ILE 70 70 70 ILE ILE A . n 
A 1 71 THR 71 71 71 THR THR A . n 
A 1 72 ASN 72 72 72 ASN ASN A . n 
A 1 73 LEU 73 73 73 LEU LEU A . n 
A 1 74 GLY 74 74 74 GLY GLY A . n 
A 1 75 ASP 75 75 75 ASP ASP A . n 
A 1 76 LEU 76 76 76 LEU LEU A . n 
A 1 77 LYS 77 77 77 LYS LYS A . n 
A 1 78 VAL 78 78 78 VAL VAL A . n 
A 1 79 GLY 79 79 79 GLY GLY A . n 
A 1 80 ASP 80 80 80 ASP ASP A . n 
A 1 81 TRP 81 81 81 TRP TRP A . n 
A 1 82 VAL 82 82 82 VAL VAL A . n 
A 1 83 ASN 83 83 83 ASN ASN A . n 
A 1 84 VAL 84 84 84 VAL VAL A . n 
A 1 85 GLU 85 85 85 GLU GLU A . n 
A 1 86 ARG 86 86 86 ARG ARG A . n 
A 1 87 ALA 87 87 87 ALA ALA A . n 
A 1 88 ALA 88 88 ?  ?   ?   A . n 
A 1 89 LYS 89 89 ?  ?   ?   A . n 
A 1 90 PHE 90 90 ?  ?   ?   A . n 
A 1 91 SER 91 91 ?  ?   ?   A . n 
A 1 92 ASP 92 92 ?  ?   ?   A . n 
A 1 93 GLU 93 93 ?  ?   ?   A . n 
A 1 94 ILE 94 94 ?  ?   ?   A . n 
A 1 95 GLY 95 95 ?  ?   ?   A . n 
A 1 96 GLY 96 96 ?  ?   ?   A . n 
A 1 97 HIS 97 97 ?  ?   ?   A . n 
B 1 1  MET 1  1  1  MET MET B . n 
B 1 2  PHE 2  2  2  PHE PHE B . n 
B 1 3  THR 3  3  3  THR THR B . n 
B 1 4  GLY 4  4  4  GLY GLY B . n 
B 1 5  ILE 5  5  5  ILE ILE B . n 
B 1 6  VAL 6  6  6  VAL VAL B . n 
B 1 7  GLN 7  7  7  GLN GLN B . n 
B 1 8  GLY 8  8  8  GLY GLY B . n 
B 1 9  THR 9  9  9  THR THR B . n 
B 1 10 ALA 10 10 10 ALA ALA B . n 
B 1 11 LYS 11 11 11 LYS LYS B . n 
B 1 12 LEU 12 12 12 LEU LEU B . n 
B 1 13 VAL 13 13 13 VAL VAL B . n 
B 1 14 SER 14 14 14 SER SER B . n 
B 1 15 ILE 15 15 15 ILE ILE B . n 
B 1 16 ASP 16 16 16 ASP ASP B . n 
B 1 17 GLU 17 17 17 GLU GLU B . n 
B 1 18 LYS 18 18 18 LYS LYS B . n 
B 1 19 PRO 19 19 19 PRO PRO B . n 
B 1 20 ASN 20 20 20 ASN ASN B . n 
B 1 21 PHE 21 21 21 PHE PHE B . n 
B 1 22 ARG 22 22 22 ARG ARG B . n 
B 1 23 THR 23 23 23 THR THR B . n 
B 1 24 HIS 24 24 24 HIS HIS B . n 
B 1 25 VAL 25 25 25 VAL VAL B . n 
B 1 26 VAL 26 26 26 VAL VAL B . n 
B 1 27 GLU 27 27 27 GLU GLU B . n 
B 1 28 LEU 28 28 28 LEU LEU B . n 
B 1 29 PRO 29 29 29 PRO PRO B . n 
B 1 30 ASP 30 30 30 ASP ASP B . n 
B 1 31 HIS 31 31 31 HIS HIS B . n 
B 1 32 MET 32 32 32 MET MET B . n 
B 1 33 LEU 33 33 33 LEU LEU B . n 
B 1 34 ASP 34 34 34 ASP ASP B . n 
B 1 35 GLY 35 35 35 GLY GLY B . n 
B 1 36 LEU 36 36 36 LEU LEU B . n 
B 1 37 GLU 37 37 37 GLU GLU B . n 
B 1 38 THR 38 38 38 THR THR B . n 
B 1 39 GLY 39 39 39 GLY GLY B . n 
B 1 40 ALA 40 40 40 ALA ALA B . n 
B 1 41 SER 41 41 41 SER SER B . n 
B 1 42 VAL 42 42 42 VAL VAL B . n 
B 1 43 ALA 43 43 43 ALA ALA B . n 
B 1 44 HIS 44 44 44 HIS HIS B . n 
B 1 45 ASN 45 45 45 ASN ASN B . n 
B 1 46 GLY 46 46 46 GLY GLY B . n 
B 1 47 CYS 47 47 47 CYS CYS B . n 
B 1 48 CYS 48 48 48 CYS CYS B . n 
B 1 49 LEU 49 49 49 LEU LEU B . n 
B 1 50 THR 50 50 50 THR THR B . n 
B 1 51 VAL 51 51 51 VAL VAL B . n 
B 1 52 THR 52 52 52 THR THR B . n 
B 1 53 GLU 53 53 53 GLU GLU B . n 
B 1 54 ILE 54 54 54 ILE ILE B . n 
B 1 55 ASN 55 55 55 ASN ASN B . n 
B 1 56 GLY 56 56 56 GLY GLY B . n 
B 1 57 ASN 57 57 57 ASN ASN B . n 
B 1 58 HIS 58 58 58 HIS HIS B . n 
B 1 59 VAL 59 59 59 VAL VAL B . n 
B 1 60 SER 60 60 60 SER SER B . n 
B 1 61 PHE 61 61 61 PHE PHE B . n 
B 1 62 ASP 62 62 62 ASP ASP B . n 
B 1 63 LEU 63 63 63 LEU LEU B . n 
B 1 64 MET 64 64 64 MET MET B . n 
B 1 65 LYS 65 65 65 LYS LYS B . n 
B 1 66 GLU 66 66 66 GLU GLU B . n 
B 1 67 THR 67 67 67 THR THR B . n 
B 1 68 LEU 68 68 68 LEU LEU B . n 
B 1 69 ARG 69 69 69 ARG ARG B . n 
B 1 70 ILE 70 70 70 ILE ILE B . n 
B 1 71 THR 71 71 71 THR THR B . n 
B 1 72 ASN 72 72 72 ASN ASN B . n 
B 1 73 LEU 73 73 73 LEU LEU B . n 
B 1 74 GLY 74 74 74 GLY GLY B . n 
B 1 75 ASP 75 75 75 ASP ASP B . n 
B 1 76 LEU 76 76 76 LEU LEU B . n 
B 1 77 LYS 77 77 77 LYS LYS B . n 
B 1 78 VAL 78 78 78 VAL VAL B . n 
B 1 79 GLY 79 79 79 GLY GLY B . n 
B 1 80 ASP 80 80 80 ASP ASP B . n 
B 1 81 TRP 81 81 81 TRP TRP B . n 
B 1 82 VAL 82 82 82 VAL VAL B . n 
B 1 83 ASN 83 83 83 ASN ASN B . n 
B 1 84 VAL 84 84 84 VAL VAL B . n 
B 1 85 GLU 85 85 85 GLU GLU B . n 
B 1 86 ARG 86 86 86 ARG ARG B . n 
B 1 87 ALA 87 87 87 ALA ALA B . n 
B 1 88 ALA 88 88 ?  ?   ?   B . n 
B 1 89 LYS 89 89 ?  ?   ?   B . n 
B 1 90 PHE 90 90 ?  ?   ?   B . n 
B 1 91 SER 91 91 ?  ?   ?   B . n 
B 1 92 ASP 92 92 ?  ?   ?   B . n 
B 1 93 GLU 93 93 ?  ?   ?   B . n 
B 1 94 ILE 94 94 ?  ?   ?   B . n 
B 1 95 GLY 95 95 ?  ?   ?   B . n 
B 1 96 GLY 96 96 ?  ?   ?   B . n 
B 1 97 HIS 97 97 ?  ?   ?   B . n 
# 
loop_
_pdbx_nonpoly_scheme.asym_id 
_pdbx_nonpoly_scheme.entity_id 
_pdbx_nonpoly_scheme.mon_id 
_pdbx_nonpoly_scheme.ndb_seq_num 
_pdbx_nonpoly_scheme.pdb_seq_num 
_pdbx_nonpoly_scheme.auth_seq_num 
_pdbx_nonpoly_scheme.pdb_mon_id 
_pdbx_nonpoly_scheme.auth_mon_id 
_pdbx_nonpoly_scheme.pdb_strand_id 
_pdbx_nonpoly_scheme.pdb_ins_code 
C 2 RBF 1  100 100 RBF RBF A . 
D 2 RBF 1  101 101 RBF RBF B . 
E 3 HOH 1  101 1   HOH HOH A . 
E 3 HOH 2  102 2   HOH HOH A . 
E 3 HOH 3  103 3   HOH HOH A . 
E 3 HOH 4  104 4   HOH HOH A . 
E 3 HOH 5  105 5   HOH HOH A . 
E 3 HOH 6  106 6   HOH HOH A . 
E 3 HOH 7  107 7   HOH HOH A . 
E 3 HOH 8  108 8   HOH HOH A . 
E 3 HOH 9  109 9   HOH HOH A . 
E 3 HOH 10 110 11  HOH HOH A . 
E 3 HOH 11 111 12  HOH HOH A . 
E 3 HOH 12 112 13  HOH HOH A . 
E 3 HOH 13 113 14  HOH HOH A . 
E 3 HOH 14 114 15  HOH HOH A . 
E 3 HOH 15 115 16  HOH HOH A . 
E 3 HOH 16 116 17  HOH HOH A . 
E 3 HOH 17 117 32  HOH HOH A . 
E 3 HOH 18 118 34  HOH HOH A . 
E 3 HOH 19 119 36  HOH HOH A . 
E 3 HOH 20 120 37  HOH HOH A . 
F 3 HOH 1  102 10  HOH HOH B . 
F 3 HOH 2  103 18  HOH HOH B . 
F 3 HOH 3  104 19  HOH HOH B . 
F 3 HOH 4  105 20  HOH HOH B . 
F 3 HOH 5  106 21  HOH HOH B . 
F 3 HOH 6  107 22  HOH HOH B . 
F 3 HOH 7  108 23  HOH HOH B . 
F 3 HOH 8  109 24  HOH HOH B . 
F 3 HOH 9  110 25  HOH HOH B . 
F 3 HOH 10 111 26  HOH HOH B . 
F 3 HOH 11 112 27  HOH HOH B . 
F 3 HOH 12 113 28  HOH HOH B . 
F 3 HOH 13 114 29  HOH HOH B . 
F 3 HOH 14 115 30  HOH HOH B . 
F 3 HOH 15 116 31  HOH HOH B . 
F 3 HOH 16 117 33  HOH HOH B . 
F 3 HOH 17 118 35  HOH HOH B . 
# 
_pdbx_struct_assembly.id                   1 
_pdbx_struct_assembly.details              author_and_software_defined_assembly 
_pdbx_struct_assembly.method_details       PISA 
_pdbx_struct_assembly.oligomeric_details   dimeric 
_pdbx_struct_assembly.oligomeric_count     2 
# 
_pdbx_struct_assembly_gen.assembly_id       1 
_pdbx_struct_assembly_gen.oper_expression   1 
_pdbx_struct_assembly_gen.asym_id_list      A,B,C,D,E,F 
# 
loop_
_pdbx_struct_assembly_prop.biol_id 
_pdbx_struct_assembly_prop.type 
_pdbx_struct_assembly_prop.value 
_pdbx_struct_assembly_prop.details 
1 'ABSA (A^2)' 2640 ? 
1 MORE         -9   ? 
1 'SSA (A^2)'  8540 ? 
# 
_pdbx_struct_oper_list.id                   1 
_pdbx_struct_oper_list.type                 'identity operation' 
_pdbx_struct_oper_list.name                 1_555 
_pdbx_struct_oper_list.symmetry_operation   x,y,z 
_pdbx_struct_oper_list.matrix[1][1]         1.0000000000 
_pdbx_struct_oper_list.matrix[1][2]         0.0000000000 
_pdbx_struct_oper_list.matrix[1][3]         0.0000000000 
_pdbx_struct_oper_list.vector[1]            0.0000000000 
_pdbx_struct_oper_list.matrix[2][1]         0.0000000000 
_pdbx_struct_oper_list.matrix[2][2]         1.0000000000 
_pdbx_struct_oper_list.matrix[2][3]         0.0000000000 
_pdbx_struct_oper_list.vector[2]            0.0000000000 
_pdbx_struct_oper_list.matrix[3][1]         0.0000000000 
_pdbx_struct_oper_list.matrix[3][2]         0.0000000000 
_pdbx_struct_oper_list.matrix[3][3]         1.0000000000 
_pdbx_struct_oper_list.vector[3]            0.0000000000 
# 
loop_
_pdbx_audit_revision_history.ordinal 
_pdbx_audit_revision_history.data_content_type 
_pdbx_audit_revision_history.major_revision 
_pdbx_audit_revision_history.minor_revision 
_pdbx_audit_revision_history.revision_date 
1 'Structure model' 1 0 2004-06-08 
2 'Structure model' 1 1 2008-04-29 
3 'Structure model' 1 2 2011-07-13 
4 'Structure model' 1 3 2023-08-16 
# 
_pdbx_audit_revision_details.ordinal             1 
_pdbx_audit_revision_details.revision_ordinal    1 
_pdbx_audit_revision_details.data_content_type   'Structure model' 
_pdbx_audit_revision_details.provider            repository 
_pdbx_audit_revision_details.type                'Initial release' 
_pdbx_audit_revision_details.description         ? 
_pdbx_audit_revision_details.details             ? 
# 
loop_
_pdbx_audit_revision_group.ordinal 
_pdbx_audit_revision_group.revision_ordinal 
_pdbx_audit_revision_group.data_content_type 
_pdbx_audit_revision_group.group 
1 2 'Structure model' 'Version format compliance' 
2 3 'Structure model' 'Non-polymer description'   
3 3 'Structure model' 'Version format compliance' 
4 4 'Structure model' 'Data collection'           
5 4 'Structure model' 'Database references'       
6 4 'Structure model' 'Derived calculations'      
7 4 'Structure model' 'Refinement description'    
# 
loop_
_pdbx_audit_revision_category.ordinal 
_pdbx_audit_revision_category.revision_ordinal 
_pdbx_audit_revision_category.data_content_type 
_pdbx_audit_revision_category.category 
1 4 'Structure model' chem_comp_atom                
2 4 'Structure model' chem_comp_bond                
3 4 'Structure model' database_2                    
4 4 'Structure model' diffrn_source                 
5 4 'Structure model' pdbx_initial_refinement_model 
6 4 'Structure model' struct_ncs_dom_lim            
7 4 'Structure model' struct_site                   
# 
loop_
_pdbx_audit_revision_item.ordinal 
_pdbx_audit_revision_item.revision_ordinal 
_pdbx_audit_revision_item.data_content_type 
_pdbx_audit_revision_item.item 
1 4 'Structure model' '_database_2.pdbx_DOI'                 
2 4 'Structure model' '_database_2.pdbx_database_accession'  
3 4 'Structure model' '_diffrn_source.pdbx_synchrotron_site' 
4 4 'Structure model' '_struct_ncs_dom_lim.beg_auth_comp_id' 
5 4 'Structure model' '_struct_ncs_dom_lim.end_auth_comp_id' 
6 4 'Structure model' '_struct_site.pdbx_auth_asym_id'       
7 4 'Structure model' '_struct_site.pdbx_auth_comp_id'       
8 4 'Structure model' '_struct_site.pdbx_auth_seq_id'        
# 
loop_
_software.name 
_software.classification 
_software.version 
_software.citation_id 
_software.pdbx_ordinal 
REFMAC    refinement       5.1.24 ? 1 
DENZO     'data reduction' .      ? 2 
SCALEPACK 'data scaling'   .      ? 3 
AMoRE     phasing          .      ? 4 
# 
loop_
_pdbx_validate_close_contact.id 
_pdbx_validate_close_contact.PDB_model_num 
_pdbx_validate_close_contact.auth_atom_id_1 
_pdbx_validate_close_contact.auth_asym_id_1 
_pdbx_validate_close_contact.auth_comp_id_1 
_pdbx_validate_close_contact.auth_seq_id_1 
_pdbx_validate_close_contact.PDB_ins_code_1 
_pdbx_validate_close_contact.label_alt_id_1 
_pdbx_validate_close_contact.auth_atom_id_2 
_pdbx_validate_close_contact.auth_asym_id_2 
_pdbx_validate_close_contact.auth_comp_id_2 
_pdbx_validate_close_contact.auth_seq_id_2 
_pdbx_validate_close_contact.PDB_ins_code_2 
_pdbx_validate_close_contact.label_alt_id_2 
_pdbx_validate_close_contact.dist 
1 1 C   B PRO 19 ? ? CA  B ASN 20 ? ? 1.63 
2 1 O   B PRO 19 ? ? CA  B ASN 20 ? ? 1.80 
3 1 OE2 B GLU 66 ? ? NH1 B ARG 69 ? ? 2.02 
# 
loop_
_pdbx_validate_rmsd_bond.id 
_pdbx_validate_rmsd_bond.PDB_model_num 
_pdbx_validate_rmsd_bond.auth_atom_id_1 
_pdbx_validate_rmsd_bond.auth_asym_id_1 
_pdbx_validate_rmsd_bond.auth_comp_id_1 
_pdbx_validate_rmsd_bond.auth_seq_id_1 
_pdbx_validate_rmsd_bond.PDB_ins_code_1 
_pdbx_validate_rmsd_bond.label_alt_id_1 
_pdbx_validate_rmsd_bond.auth_atom_id_2 
_pdbx_validate_rmsd_bond.auth_asym_id_2 
_pdbx_validate_rmsd_bond.auth_comp_id_2 
_pdbx_validate_rmsd_bond.auth_seq_id_2 
_pdbx_validate_rmsd_bond.PDB_ins_code_2 
_pdbx_validate_rmsd_bond.label_alt_id_2 
_pdbx_validate_rmsd_bond.bond_value 
_pdbx_validate_rmsd_bond.bond_target_value 
_pdbx_validate_rmsd_bond.bond_deviation 
_pdbx_validate_rmsd_bond.bond_standard_deviation 
_pdbx_validate_rmsd_bond.linker_flag 
1  1 CD A LYS 11 ? ? CE  A LYS 11 ? ? 0.994 1.508 -0.514 0.025 N 
2  1 CD A GLU 37 ? ? OE1 A GLU 37 ? ? 1.357 1.252 0.105  0.011 N 
3  1 CD A GLU 37 ? ? OE2 A GLU 37 ? ? 1.148 1.252 -0.104 0.011 N 
4  1 NE A ARG 69 ? ? CZ  A ARG 69 ? ? 1.064 1.326 -0.262 0.013 N 
5  1 CD A LYS 77 ? ? CE  A LYS 77 ? ? 1.770 1.508 0.262  0.025 N 
6  1 C  B PRO 19 ? ? N   B ASN 20 ? ? 0.937 1.336 -0.399 0.023 Y 
7  1 CG B ASP 34 ? ? OD1 B ASP 34 ? ? 1.095 1.249 -0.154 0.023 N 
8  1 CG B ASP 34 ? ? OD2 B ASP 34 ? ? 1.417 1.249 0.168  0.023 N 
9  1 CD B GLU 37 ? ? OE1 B GLU 37 ? ? 1.094 1.252 -0.158 0.011 N 
10 1 CD B GLU 37 ? ? OE2 B GLU 37 ? ? 1.377 1.252 0.125  0.011 N 
# 
loop_
_pdbx_validate_rmsd_angle.id 
_pdbx_validate_rmsd_angle.PDB_model_num 
_pdbx_validate_rmsd_angle.auth_atom_id_1 
_pdbx_validate_rmsd_angle.auth_asym_id_1 
_pdbx_validate_rmsd_angle.auth_comp_id_1 
_pdbx_validate_rmsd_angle.auth_seq_id_1 
_pdbx_validate_rmsd_angle.PDB_ins_code_1 
_pdbx_validate_rmsd_angle.label_alt_id_1 
_pdbx_validate_rmsd_angle.auth_atom_id_2 
_pdbx_validate_rmsd_angle.auth_asym_id_2 
_pdbx_validate_rmsd_angle.auth_comp_id_2 
_pdbx_validate_rmsd_angle.auth_seq_id_2 
_pdbx_validate_rmsd_angle.PDB_ins_code_2 
_pdbx_validate_rmsd_angle.label_alt_id_2 
_pdbx_validate_rmsd_angle.auth_atom_id_3 
_pdbx_validate_rmsd_angle.auth_asym_id_3 
_pdbx_validate_rmsd_angle.auth_comp_id_3 
_pdbx_validate_rmsd_angle.auth_seq_id_3 
_pdbx_validate_rmsd_angle.PDB_ins_code_3 
_pdbx_validate_rmsd_angle.label_alt_id_3 
_pdbx_validate_rmsd_angle.angle_value 
_pdbx_validate_rmsd_angle.angle_target_value 
_pdbx_validate_rmsd_angle.angle_deviation 
_pdbx_validate_rmsd_angle.angle_standard_deviation 
_pdbx_validate_rmsd_angle.linker_flag 
1  1 CD A LYS 11 ? ? CE A LYS 11 ? ? NZ  A LYS 11 ? ? 147.27 111.70 35.57  2.30 N 
2  1 CG A GLU 37 ? ? CD A GLU 37 ? ? OE1 A GLU 37 ? ? 130.70 118.30 12.40  2.00 N 
3  1 CB A ASP 62 ? ? CG A ASP 62 ? ? OD2 A ASP 62 ? ? 124.51 118.30 6.21   0.90 N 
4  1 CD A ARG 69 ? ? NE A ARG 69 ? ? CZ  A ARG 69 ? ? 139.82 123.60 16.22  1.40 N 
5  1 NE A ARG 69 ? ? CZ A ARG 69 ? ? NH1 A ARG 69 ? ? 107.68 120.30 -12.62 0.50 N 
6  1 NE A ARG 69 ? ? CZ A ARG 69 ? ? NH2 A ARG 69 ? ? 132.40 120.30 12.10  0.50 N 
7  1 CA B PRO 19 ? ? C  B PRO 19 ? ? N   B ASN 20 ? ? 103.49 117.20 -13.71 2.20 Y 
8  1 C  B PRO 19 ? ? N  B ASN 20 ? ? CA  B ASN 20 ? ? 84.61  121.70 -37.09 2.50 Y 
9  1 CA B ASN 20 ? ? C  B ASN 20 ? ? N   B PHE 21 ? ? 94.08  117.20 -23.12 2.20 Y 
10 1 O  B ASN 20 ? ? C  B ASN 20 ? ? N   B PHE 21 ? ? 139.89 122.70 17.19  1.60 Y 
11 1 C  B ASN 20 ? ? N  B PHE 21 ? ? CA  B PHE 21 ? ? 104.51 121.70 -17.19 2.50 Y 
12 1 CB B ASP 34 ? ? CG B ASP 34 ? ? OD1 B ASP 34 ? ? 129.07 118.30 10.77  0.90 N 
13 1 CB B ASP 34 ? ? CG B ASP 34 ? ? OD2 B ASP 34 ? ? 109.39 118.30 -8.91  0.90 N 
# 
loop_
_pdbx_validate_torsion.id 
_pdbx_validate_torsion.PDB_model_num 
_pdbx_validate_torsion.auth_comp_id 
_pdbx_validate_torsion.auth_asym_id 
_pdbx_validate_torsion.auth_seq_id 
_pdbx_validate_torsion.PDB_ins_code 
_pdbx_validate_torsion.label_alt_id 
_pdbx_validate_torsion.phi 
_pdbx_validate_torsion.psi 
1 1 SER A 14 ? ? -173.04 136.77  
2 1 LYS B 18 ? ? -129.73 -159.43 
3 1 ASN B 20 ? ? -150.22 -20.20  
# 
_pdbx_validate_main_chain_plane.id                       1 
_pdbx_validate_main_chain_plane.PDB_model_num            1 
_pdbx_validate_main_chain_plane.auth_comp_id             PRO 
_pdbx_validate_main_chain_plane.auth_asym_id             B 
_pdbx_validate_main_chain_plane.auth_seq_id              19 
_pdbx_validate_main_chain_plane.PDB_ins_code             ? 
_pdbx_validate_main_chain_plane.label_alt_id             ? 
_pdbx_validate_main_chain_plane.improper_torsion_angle   -16.39 
# 
_pdbx_validate_planes.id              1 
_pdbx_validate_planes.PDB_model_num   1 
_pdbx_validate_planes.auth_comp_id    GLU 
_pdbx_validate_planes.auth_asym_id    B 
_pdbx_validate_planes.auth_seq_id     37 
_pdbx_validate_planes.PDB_ins_code    ? 
_pdbx_validate_planes.label_alt_id    ? 
_pdbx_validate_planes.rmsd            0.079 
_pdbx_validate_planes.type            'SIDE CHAIN' 
# 
_pdbx_validate_polymer_linkage.id               1 
_pdbx_validate_polymer_linkage.PDB_model_num    1 
_pdbx_validate_polymer_linkage.auth_atom_id_1   C 
_pdbx_validate_polymer_linkage.auth_asym_id_1   B 
_pdbx_validate_polymer_linkage.auth_comp_id_1   PRO 
_pdbx_validate_polymer_linkage.auth_seq_id_1    19 
_pdbx_validate_polymer_linkage.PDB_ins_code_1   ? 
_pdbx_validate_polymer_linkage.label_alt_id_1   ? 
_pdbx_validate_polymer_linkage.auth_atom_id_2   N 
_pdbx_validate_polymer_linkage.auth_asym_id_2   B 
_pdbx_validate_polymer_linkage.auth_comp_id_2   ASN 
_pdbx_validate_polymer_linkage.auth_seq_id_2    20 
_pdbx_validate_polymer_linkage.PDB_ins_code_2   ? 
_pdbx_validate_polymer_linkage.label_alt_id_2   ? 
_pdbx_validate_polymer_linkage.dist             0.94 
# 
loop_
_pdbx_unobs_or_zero_occ_atoms.id 
_pdbx_unobs_or_zero_occ_atoms.PDB_model_num 
_pdbx_unobs_or_zero_occ_atoms.polymer_flag 
_pdbx_unobs_or_zero_occ_atoms.occupancy_flag 
_pdbx_unobs_or_zero_occ_atoms.auth_asym_id 
_pdbx_unobs_or_zero_occ_atoms.auth_comp_id 
_pdbx_unobs_or_zero_occ_atoms.auth_seq_id 
_pdbx_unobs_or_zero_occ_atoms.PDB_ins_code 
_pdbx_unobs_or_zero_occ_atoms.auth_atom_id 
_pdbx_unobs_or_zero_occ_atoms.label_alt_id 
_pdbx_unobs_or_zero_occ_atoms.label_asym_id 
_pdbx_unobs_or_zero_occ_atoms.label_comp_id 
_pdbx_unobs_or_zero_occ_atoms.label_seq_id 
_pdbx_unobs_or_zero_occ_atoms.label_atom_id 
1  1 Y 0 A MET 1  ? CE  ? A MET 1  CE  
2  1 Y 0 A LYS 11 ? CE  ? A LYS 11 CE  
3  1 Y 0 A LYS 11 ? NZ  ? A LYS 11 NZ  
4  1 Y 0 A GLU 37 ? OE1 ? A GLU 37 OE1 
5  1 Y 0 A GLU 37 ? OE2 ? A GLU 37 OE2 
6  1 Y 0 A ASN 55 ? OD1 ? A ASN 55 OD1 
7  1 Y 0 A ASN 55 ? ND2 ? A ASN 55 ND2 
8  1 Y 0 A LYS 65 ? CD  ? A LYS 65 CD  
9  1 Y 0 A LYS 65 ? CE  ? A LYS 65 CE  
10 1 Y 0 A LYS 65 ? NZ  ? A LYS 65 NZ  
11 1 Y 0 A GLU 66 ? OE1 ? A GLU 66 OE1 
12 1 Y 0 A GLU 66 ? OE2 ? A GLU 66 OE2 
13 1 Y 0 A ARG 69 ? CZ  ? A ARG 69 CZ  
14 1 Y 0 A ARG 69 ? NH1 ? A ARG 69 NH1 
15 1 Y 0 A ARG 69 ? NH2 ? A ARG 69 NH2 
16 1 Y 0 A LYS 77 ? CE  ? A LYS 77 CE  
17 1 Y 0 A LYS 77 ? NZ  ? A LYS 77 NZ  
18 1 Y 0 B ASP 34 ? OD1 ? B ASP 34 OD1 
19 1 Y 0 B ASP 34 ? OD2 ? B ASP 34 OD2 
20 1 Y 0 B GLU 37 ? OE1 ? B GLU 37 OE1 
21 1 Y 0 B GLU 37 ? OE2 ? B GLU 37 OE2 
22 1 Y 0 B LYS 65 ? CE  ? B LYS 65 CE  
23 1 Y 0 B LYS 65 ? NZ  ? B LYS 65 NZ  
24 1 Y 0 B LYS 77 ? CE  ? B LYS 77 CE  
25 1 Y 0 B LYS 77 ? NZ  ? B LYS 77 NZ  
# 
loop_
_pdbx_unobs_or_zero_occ_residues.id 
_pdbx_unobs_or_zero_occ_residues.PDB_model_num 
_pdbx_unobs_or_zero_occ_residues.polymer_flag 
_pdbx_unobs_or_zero_occ_residues.occupancy_flag 
_pdbx_unobs_or_zero_occ_residues.auth_asym_id 
_pdbx_unobs_or_zero_occ_residues.auth_comp_id 
_pdbx_unobs_or_zero_occ_residues.auth_seq_id 
_pdbx_unobs_or_zero_occ_residues.PDB_ins_code 
_pdbx_unobs_or_zero_occ_residues.label_asym_id 
_pdbx_unobs_or_zero_occ_residues.label_comp_id 
_pdbx_unobs_or_zero_occ_residues.label_seq_id 
1  1 Y 1 A ALA 88 ? A ALA 88 
2  1 Y 1 A LYS 89 ? A LYS 89 
3  1 Y 1 A PHE 90 ? A PHE 90 
4  1 Y 1 A SER 91 ? A SER 91 
5  1 Y 1 A ASP 92 ? A ASP 92 
6  1 Y 1 A GLU 93 ? A GLU 93 
7  1 Y 1 A ILE 94 ? A ILE 94 
8  1 Y 1 A GLY 95 ? A GLY 95 
9  1 Y 1 A GLY 96 ? A GLY 96 
10 1 Y 1 A HIS 97 ? A HIS 97 
11 1 Y 0 B ASN 20 ? B ASN 20 
12 1 Y 1 B ALA 88 ? B ALA 88 
13 1 Y 1 B LYS 89 ? B LYS 89 
14 1 Y 1 B PHE 90 ? B PHE 90 
15 1 Y 1 B SER 91 ? B SER 91 
16 1 Y 1 B ASP 92 ? B ASP 92 
17 1 Y 1 B GLU 93 ? B GLU 93 
18 1 Y 1 B ILE 94 ? B ILE 94 
19 1 Y 1 B GLY 95 ? B GLY 95 
20 1 Y 1 B GLY 96 ? B GLY 96 
21 1 Y 1 B HIS 97 ? B HIS 97 
# 
loop_
_chem_comp_atom.comp_id 
_chem_comp_atom.atom_id 
_chem_comp_atom.type_symbol 
_chem_comp_atom.pdbx_aromatic_flag 
_chem_comp_atom.pdbx_stereo_config 
_chem_comp_atom.pdbx_ordinal 
ALA N      N N N 1   
ALA CA     C N S 2   
ALA C      C N N 3   
ALA O      O N N 4   
ALA CB     C N N 5   
ALA OXT    O N N 6   
ALA H      H N N 7   
ALA H2     H N N 8   
ALA HA     H N N 9   
ALA HB1    H N N 10  
ALA HB2    H N N 11  
ALA HB3    H N N 12  
ALA HXT    H N N 13  
ARG N      N N N 14  
ARG CA     C N S 15  
ARG C      C N N 16  
ARG O      O N N 17  
ARG CB     C N N 18  
ARG CG     C N N 19  
ARG CD     C N N 20  
ARG NE     N N N 21  
ARG CZ     C N N 22  
ARG NH1    N N N 23  
ARG NH2    N N N 24  
ARG OXT    O N N 25  
ARG H      H N N 26  
ARG H2     H N N 27  
ARG HA     H N N 28  
ARG HB2    H N N 29  
ARG HB3    H N N 30  
ARG HG2    H N N 31  
ARG HG3    H N N 32  
ARG HD2    H N N 33  
ARG HD3    H N N 34  
ARG HE     H N N 35  
ARG HH11   H N N 36  
ARG HH12   H N N 37  
ARG HH21   H N N 38  
ARG HH22   H N N 39  
ARG HXT    H N N 40  
ASN N      N N N 41  
ASN CA     C N S 42  
ASN C      C N N 43  
ASN O      O N N 44  
ASN CB     C N N 45  
ASN CG     C N N 46  
ASN OD1    O N N 47  
ASN ND2    N N N 48  
ASN OXT    O N N 49  
ASN H      H N N 50  
ASN H2     H N N 51  
ASN HA     H N N 52  
ASN HB2    H N N 53  
ASN HB3    H N N 54  
ASN HD21   H N N 55  
ASN HD22   H N N 56  
ASN HXT    H N N 57  
ASP N      N N N 58  
ASP CA     C N S 59  
ASP C      C N N 60  
ASP O      O N N 61  
ASP CB     C N N 62  
ASP CG     C N N 63  
ASP OD1    O N N 64  
ASP OD2    O N N 65  
ASP OXT    O N N 66  
ASP H      H N N 67  
ASP H2     H N N 68  
ASP HA     H N N 69  
ASP HB2    H N N 70  
ASP HB3    H N N 71  
ASP HD2    H N N 72  
ASP HXT    H N N 73  
CYS N      N N N 74  
CYS CA     C N R 75  
CYS C      C N N 76  
CYS O      O N N 77  
CYS CB     C N N 78  
CYS SG     S N N 79  
CYS OXT    O N N 80  
CYS H      H N N 81  
CYS H2     H N N 82  
CYS HA     H N N 83  
CYS HB2    H N N 84  
CYS HB3    H N N 85  
CYS HG     H N N 86  
CYS HXT    H N N 87  
GLN N      N N N 88  
GLN CA     C N S 89  
GLN C      C N N 90  
GLN O      O N N 91  
GLN CB     C N N 92  
GLN CG     C N N 93  
GLN CD     C N N 94  
GLN OE1    O N N 95  
GLN NE2    N N N 96  
GLN OXT    O N N 97  
GLN H      H N N 98  
GLN H2     H N N 99  
GLN HA     H N N 100 
GLN HB2    H N N 101 
GLN HB3    H N N 102 
GLN HG2    H N N 103 
GLN HG3    H N N 104 
GLN HE21   H N N 105 
GLN HE22   H N N 106 
GLN HXT    H N N 107 
GLU N      N N N 108 
GLU CA     C N S 109 
GLU C      C N N 110 
GLU O      O N N 111 
GLU CB     C N N 112 
GLU CG     C N N 113 
GLU CD     C N N 114 
GLU OE1    O N N 115 
GLU OE2    O N N 116 
GLU OXT    O N N 117 
GLU H      H N N 118 
GLU H2     H N N 119 
GLU HA     H N N 120 
GLU HB2    H N N 121 
GLU HB3    H N N 122 
GLU HG2    H N N 123 
GLU HG3    H N N 124 
GLU HE2    H N N 125 
GLU HXT    H N N 126 
GLY N      N N N 127 
GLY CA     C N N 128 
GLY C      C N N 129 
GLY O      O N N 130 
GLY OXT    O N N 131 
GLY H      H N N 132 
GLY H2     H N N 133 
GLY HA2    H N N 134 
GLY HA3    H N N 135 
GLY HXT    H N N 136 
HIS N      N N N 137 
HIS CA     C N S 138 
HIS C      C N N 139 
HIS O      O N N 140 
HIS CB     C N N 141 
HIS CG     C Y N 142 
HIS ND1    N Y N 143 
HIS CD2    C Y N 144 
HIS CE1    C Y N 145 
HIS NE2    N Y N 146 
HIS OXT    O N N 147 
HIS H      H N N 148 
HIS H2     H N N 149 
HIS HA     H N N 150 
HIS HB2    H N N 151 
HIS HB3    H N N 152 
HIS HD1    H N N 153 
HIS HD2    H N N 154 
HIS HE1    H N N 155 
HIS HE2    H N N 156 
HIS HXT    H N N 157 
HOH O      O N N 158 
HOH H1     H N N 159 
HOH H2     H N N 160 
ILE N      N N N 161 
ILE CA     C N S 162 
ILE C      C N N 163 
ILE O      O N N 164 
ILE CB     C N S 165 
ILE CG1    C N N 166 
ILE CG2    C N N 167 
ILE CD1    C N N 168 
ILE OXT    O N N 169 
ILE H      H N N 170 
ILE H2     H N N 171 
ILE HA     H N N 172 
ILE HB     H N N 173 
ILE HG12   H N N 174 
ILE HG13   H N N 175 
ILE HG21   H N N 176 
ILE HG22   H N N 177 
ILE HG23   H N N 178 
ILE HD11   H N N 179 
ILE HD12   H N N 180 
ILE HD13   H N N 181 
ILE HXT    H N N 182 
LEU N      N N N 183 
LEU CA     C N S 184 
LEU C      C N N 185 
LEU O      O N N 186 
LEU CB     C N N 187 
LEU CG     C N N 188 
LEU CD1    C N N 189 
LEU CD2    C N N 190 
LEU OXT    O N N 191 
LEU H      H N N 192 
LEU H2     H N N 193 
LEU HA     H N N 194 
LEU HB2    H N N 195 
LEU HB3    H N N 196 
LEU HG     H N N 197 
LEU HD11   H N N 198 
LEU HD12   H N N 199 
LEU HD13   H N N 200 
LEU HD21   H N N 201 
LEU HD22   H N N 202 
LEU HD23   H N N 203 
LEU HXT    H N N 204 
LYS N      N N N 205 
LYS CA     C N S 206 
LYS C      C N N 207 
LYS O      O N N 208 
LYS CB     C N N 209 
LYS CG     C N N 210 
LYS CD     C N N 211 
LYS CE     C N N 212 
LYS NZ     N N N 213 
LYS OXT    O N N 214 
LYS H      H N N 215 
LYS H2     H N N 216 
LYS HA     H N N 217 
LYS HB2    H N N 218 
LYS HB3    H N N 219 
LYS HG2    H N N 220 
LYS HG3    H N N 221 
LYS HD2    H N N 222 
LYS HD3    H N N 223 
LYS HE2    H N N 224 
LYS HE3    H N N 225 
LYS HZ1    H N N 226 
LYS HZ2    H N N 227 
LYS HZ3    H N N 228 
LYS HXT    H N N 229 
MET N      N N N 230 
MET CA     C N S 231 
MET C      C N N 232 
MET O      O N N 233 
MET CB     C N N 234 
MET CG     C N N 235 
MET SD     S N N 236 
MET CE     C N N 237 
MET OXT    O N N 238 
MET H      H N N 239 
MET H2     H N N 240 
MET HA     H N N 241 
MET HB2    H N N 242 
MET HB3    H N N 243 
MET HG2    H N N 244 
MET HG3    H N N 245 
MET HE1    H N N 246 
MET HE2    H N N 247 
MET HE3    H N N 248 
MET HXT    H N N 249 
PHE N      N N N 250 
PHE CA     C N S 251 
PHE C      C N N 252 
PHE O      O N N 253 
PHE CB     C N N 254 
PHE CG     C Y N 255 
PHE CD1    C Y N 256 
PHE CD2    C Y N 257 
PHE CE1    C Y N 258 
PHE CE2    C Y N 259 
PHE CZ     C Y N 260 
PHE OXT    O N N 261 
PHE H      H N N 262 
PHE H2     H N N 263 
PHE HA     H N N 264 
PHE HB2    H N N 265 
PHE HB3    H N N 266 
PHE HD1    H N N 267 
PHE HD2    H N N 268 
PHE HE1    H N N 269 
PHE HE2    H N N 270 
PHE HZ     H N N 271 
PHE HXT    H N N 272 
PRO N      N N N 273 
PRO CA     C N S 274 
PRO C      C N N 275 
PRO O      O N N 276 
PRO CB     C N N 277 
PRO CG     C N N 278 
PRO CD     C N N 279 
PRO OXT    O N N 280 
PRO H      H N N 281 
PRO HA     H N N 282 
PRO HB2    H N N 283 
PRO HB3    H N N 284 
PRO HG2    H N N 285 
PRO HG3    H N N 286 
PRO HD2    H N N 287 
PRO HD3    H N N 288 
PRO HXT    H N N 289 
RBF N1     N N N 290 
RBF C2     C N N 291 
RBF O2     O N N 292 
RBF N3     N N N 293 
RBF C4     C N N 294 
RBF O4     O N N 295 
RBF C4A    C N N 296 
RBF N5     N N N 297 
RBF C5A    C Y N 298 
RBF C6     C Y N 299 
RBF C7     C Y N 300 
RBF C7M    C N N 301 
RBF C8     C Y N 302 
RBF C8M    C N N 303 
RBF C9     C Y N 304 
RBF C9A    C Y N 305 
RBF N10    N N N 306 
RBF C10    C N N 307 
RBF "C1'"  C N N 308 
RBF "C2'"  C N S 309 
RBF "O2'"  O N N 310 
RBF "C3'"  C N S 311 
RBF "O3'"  O N N 312 
RBF "C4'"  C N R 313 
RBF "O4'"  O N N 314 
RBF "C5'"  C N N 315 
RBF "O5'"  O N N 316 
RBF HN3    H N N 317 
RBF HC6    H N N 318 
RBF HC71   H N N 319 
RBF HC72   H N N 320 
RBF HC73   H N N 321 
RBF HC81   H N N 322 
RBF HC82   H N N 323 
RBF HC83   H N N 324 
RBF HC9    H N N 325 
RBF HC11   H N N 326 
RBF HC12   H N N 327 
RBF "HC2'" H N N 328 
RBF "HO2'" H N N 329 
RBF "HC3'" H N N 330 
RBF "HO3'" H N N 331 
RBF "HC4'" H N N 332 
RBF "HO4'" H N N 333 
RBF HC51   H N N 334 
RBF HC52   H N N 335 
RBF "HO5'" H N N 336 
SER N      N N N 337 
SER CA     C N S 338 
SER C      C N N 339 
SER O      O N N 340 
SER CB     C N N 341 
SER OG     O N N 342 
SER OXT    O N N 343 
SER H      H N N 344 
SER H2     H N N 345 
SER HA     H N N 346 
SER HB2    H N N 347 
SER HB3    H N N 348 
SER HG     H N N 349 
SER HXT    H N N 350 
THR N      N N N 351 
THR CA     C N S 352 
THR C      C N N 353 
THR O      O N N 354 
THR CB     C N R 355 
THR OG1    O N N 356 
THR CG2    C N N 357 
THR OXT    O N N 358 
THR H      H N N 359 
THR H2     H N N 360 
THR HA     H N N 361 
THR HB     H N N 362 
THR HG1    H N N 363 
THR HG21   H N N 364 
THR HG22   H N N 365 
THR HG23   H N N 366 
THR HXT    H N N 367 
TRP N      N N N 368 
TRP CA     C N S 369 
TRP C      C N N 370 
TRP O      O N N 371 
TRP CB     C N N 372 
TRP CG     C Y N 373 
TRP CD1    C Y N 374 
TRP CD2    C Y N 375 
TRP NE1    N Y N 376 
TRP CE2    C Y N 377 
TRP CE3    C Y N 378 
TRP CZ2    C Y N 379 
TRP CZ3    C Y N 380 
TRP CH2    C Y N 381 
TRP OXT    O N N 382 
TRP H      H N N 383 
TRP H2     H N N 384 
TRP HA     H N N 385 
TRP HB2    H N N 386 
TRP HB3    H N N 387 
TRP HD1    H N N 388 
TRP HE1    H N N 389 
TRP HE3    H N N 390 
TRP HZ2    H N N 391 
TRP HZ3    H N N 392 
TRP HH2    H N N 393 
TRP HXT    H N N 394 
VAL N      N N N 395 
VAL CA     C N S 396 
VAL C      C N N 397 
VAL O      O N N 398 
VAL CB     C N N 399 
VAL CG1    C N N 400 
VAL CG2    C N N 401 
VAL OXT    O N N 402 
VAL H      H N N 403 
VAL H2     H N N 404 
VAL HA     H N N 405 
VAL HB     H N N 406 
VAL HG11   H N N 407 
VAL HG12   H N N 408 
VAL HG13   H N N 409 
VAL HG21   H N N 410 
VAL HG22   H N N 411 
VAL HG23   H N N 412 
VAL HXT    H N N 413 
# 
loop_
_chem_comp_bond.comp_id 
_chem_comp_bond.atom_id_1 
_chem_comp_bond.atom_id_2 
_chem_comp_bond.value_order 
_chem_comp_bond.pdbx_aromatic_flag 
_chem_comp_bond.pdbx_stereo_config 
_chem_comp_bond.pdbx_ordinal 
ALA N     CA     sing N N 1   
ALA N     H      sing N N 2   
ALA N     H2     sing N N 3   
ALA CA    C      sing N N 4   
ALA CA    CB     sing N N 5   
ALA CA    HA     sing N N 6   
ALA C     O      doub N N 7   
ALA C     OXT    sing N N 8   
ALA CB    HB1    sing N N 9   
ALA CB    HB2    sing N N 10  
ALA CB    HB3    sing N N 11  
ALA OXT   HXT    sing N N 12  
ARG N     CA     sing N N 13  
ARG N     H      sing N N 14  
ARG N     H2     sing N N 15  
ARG CA    C      sing N N 16  
ARG CA    CB     sing N N 17  
ARG CA    HA     sing N N 18  
ARG C     O      doub N N 19  
ARG C     OXT    sing N N 20  
ARG CB    CG     sing N N 21  
ARG CB    HB2    sing N N 22  
ARG CB    HB3    sing N N 23  
ARG CG    CD     sing N N 24  
ARG CG    HG2    sing N N 25  
ARG CG    HG3    sing N N 26  
ARG CD    NE     sing N N 27  
ARG CD    HD2    sing N N 28  
ARG CD    HD3    sing N N 29  
ARG NE    CZ     sing N N 30  
ARG NE    HE     sing N N 31  
ARG CZ    NH1    sing N N 32  
ARG CZ    NH2    doub N N 33  
ARG NH1   HH11   sing N N 34  
ARG NH1   HH12   sing N N 35  
ARG NH2   HH21   sing N N 36  
ARG NH2   HH22   sing N N 37  
ARG OXT   HXT    sing N N 38  
ASN N     CA     sing N N 39  
ASN N     H      sing N N 40  
ASN N     H2     sing N N 41  
ASN CA    C      sing N N 42  
ASN CA    CB     sing N N 43  
ASN CA    HA     sing N N 44  
ASN C     O      doub N N 45  
ASN C     OXT    sing N N 46  
ASN CB    CG     sing N N 47  
ASN CB    HB2    sing N N 48  
ASN CB    HB3    sing N N 49  
ASN CG    OD1    doub N N 50  
ASN CG    ND2    sing N N 51  
ASN ND2   HD21   sing N N 52  
ASN ND2   HD22   sing N N 53  
ASN OXT   HXT    sing N N 54  
ASP N     CA     sing N N 55  
ASP N     H      sing N N 56  
ASP N     H2     sing N N 57  
ASP CA    C      sing N N 58  
ASP CA    CB     sing N N 59  
ASP CA    HA     sing N N 60  
ASP C     O      doub N N 61  
ASP C     OXT    sing N N 62  
ASP CB    CG     sing N N 63  
ASP CB    HB2    sing N N 64  
ASP CB    HB3    sing N N 65  
ASP CG    OD1    doub N N 66  
ASP CG    OD2    sing N N 67  
ASP OD2   HD2    sing N N 68  
ASP OXT   HXT    sing N N 69  
CYS N     CA     sing N N 70  
CYS N     H      sing N N 71  
CYS N     H2     sing N N 72  
CYS CA    C      sing N N 73  
CYS CA    CB     sing N N 74  
CYS CA    HA     sing N N 75  
CYS C     O      doub N N 76  
CYS C     OXT    sing N N 77  
CYS CB    SG     sing N N 78  
CYS CB    HB2    sing N N 79  
CYS CB    HB3    sing N N 80  
CYS SG    HG     sing N N 81  
CYS OXT   HXT    sing N N 82  
GLN N     CA     sing N N 83  
GLN N     H      sing N N 84  
GLN N     H2     sing N N 85  
GLN CA    C      sing N N 86  
GLN CA    CB     sing N N 87  
GLN CA    HA     sing N N 88  
GLN C     O      doub N N 89  
GLN C     OXT    sing N N 90  
GLN CB    CG     sing N N 91  
GLN CB    HB2    sing N N 92  
GLN CB    HB3    sing N N 93  
GLN CG    CD     sing N N 94  
GLN CG    HG2    sing N N 95  
GLN CG    HG3    sing N N 96  
GLN CD    OE1    doub N N 97  
GLN CD    NE2    sing N N 98  
GLN NE2   HE21   sing N N 99  
GLN NE2   HE22   sing N N 100 
GLN OXT   HXT    sing N N 101 
GLU N     CA     sing N N 102 
GLU N     H      sing N N 103 
GLU N     H2     sing N N 104 
GLU CA    C      sing N N 105 
GLU CA    CB     sing N N 106 
GLU CA    HA     sing N N 107 
GLU C     O      doub N N 108 
GLU C     OXT    sing N N 109 
GLU CB    CG     sing N N 110 
GLU CB    HB2    sing N N 111 
GLU CB    HB3    sing N N 112 
GLU CG    CD     sing N N 113 
GLU CG    HG2    sing N N 114 
GLU CG    HG3    sing N N 115 
GLU CD    OE1    doub N N 116 
GLU CD    OE2    sing N N 117 
GLU OE2   HE2    sing N N 118 
GLU OXT   HXT    sing N N 119 
GLY N     CA     sing N N 120 
GLY N     H      sing N N 121 
GLY N     H2     sing N N 122 
GLY CA    C      sing N N 123 
GLY CA    HA2    sing N N 124 
GLY CA    HA3    sing N N 125 
GLY C     O      doub N N 126 
GLY C     OXT    sing N N 127 
GLY OXT   HXT    sing N N 128 
HIS N     CA     sing N N 129 
HIS N     H      sing N N 130 
HIS N     H2     sing N N 131 
HIS CA    C      sing N N 132 
HIS CA    CB     sing N N 133 
HIS CA    HA     sing N N 134 
HIS C     O      doub N N 135 
HIS C     OXT    sing N N 136 
HIS CB    CG     sing N N 137 
HIS CB    HB2    sing N N 138 
HIS CB    HB3    sing N N 139 
HIS CG    ND1    sing Y N 140 
HIS CG    CD2    doub Y N 141 
HIS ND1   CE1    doub Y N 142 
HIS ND1   HD1    sing N N 143 
HIS CD2   NE2    sing Y N 144 
HIS CD2   HD2    sing N N 145 
HIS CE1   NE2    sing Y N 146 
HIS CE1   HE1    sing N N 147 
HIS NE2   HE2    sing N N 148 
HIS OXT   HXT    sing N N 149 
HOH O     H1     sing N N 150 
HOH O     H2     sing N N 151 
ILE N     CA     sing N N 152 
ILE N     H      sing N N 153 
ILE N     H2     sing N N 154 
ILE CA    C      sing N N 155 
ILE CA    CB     sing N N 156 
ILE CA    HA     sing N N 157 
ILE C     O      doub N N 158 
ILE C     OXT    sing N N 159 
ILE CB    CG1    sing N N 160 
ILE CB    CG2    sing N N 161 
ILE CB    HB     sing N N 162 
ILE CG1   CD1    sing N N 163 
ILE CG1   HG12   sing N N 164 
ILE CG1   HG13   sing N N 165 
ILE CG2   HG21   sing N N 166 
ILE CG2   HG22   sing N N 167 
ILE CG2   HG23   sing N N 168 
ILE CD1   HD11   sing N N 169 
ILE CD1   HD12   sing N N 170 
ILE CD1   HD13   sing N N 171 
ILE OXT   HXT    sing N N 172 
LEU N     CA     sing N N 173 
LEU N     H      sing N N 174 
LEU N     H2     sing N N 175 
LEU CA    C      sing N N 176 
LEU CA    CB     sing N N 177 
LEU CA    HA     sing N N 178 
LEU C     O      doub N N 179 
LEU C     OXT    sing N N 180 
LEU CB    CG     sing N N 181 
LEU CB    HB2    sing N N 182 
LEU CB    HB3    sing N N 183 
LEU CG    CD1    sing N N 184 
LEU CG    CD2    sing N N 185 
LEU CG    HG     sing N N 186 
LEU CD1   HD11   sing N N 187 
LEU CD1   HD12   sing N N 188 
LEU CD1   HD13   sing N N 189 
LEU CD2   HD21   sing N N 190 
LEU CD2   HD22   sing N N 191 
LEU CD2   HD23   sing N N 192 
LEU OXT   HXT    sing N N 193 
LYS N     CA     sing N N 194 
LYS N     H      sing N N 195 
LYS N     H2     sing N N 196 
LYS CA    C      sing N N 197 
LYS CA    CB     sing N N 198 
LYS CA    HA     sing N N 199 
LYS C     O      doub N N 200 
LYS C     OXT    sing N N 201 
LYS CB    CG     sing N N 202 
LYS CB    HB2    sing N N 203 
LYS CB    HB3    sing N N 204 
LYS CG    CD     sing N N 205 
LYS CG    HG2    sing N N 206 
LYS CG    HG3    sing N N 207 
LYS CD    CE     sing N N 208 
LYS CD    HD2    sing N N 209 
LYS CD    HD3    sing N N 210 
LYS CE    NZ     sing N N 211 
LYS CE    HE2    sing N N 212 
LYS CE    HE3    sing N N 213 
LYS NZ    HZ1    sing N N 214 
LYS NZ    HZ2    sing N N 215 
LYS NZ    HZ3    sing N N 216 
LYS OXT   HXT    sing N N 217 
MET N     CA     sing N N 218 
MET N     H      sing N N 219 
MET N     H2     sing N N 220 
MET CA    C      sing N N 221 
MET CA    CB     sing N N 222 
MET CA    HA     sing N N 223 
MET C     O      doub N N 224 
MET C     OXT    sing N N 225 
MET CB    CG     sing N N 226 
MET CB    HB2    sing N N 227 
MET CB    HB3    sing N N 228 
MET CG    SD     sing N N 229 
MET CG    HG2    sing N N 230 
MET CG    HG3    sing N N 231 
MET SD    CE     sing N N 232 
MET CE    HE1    sing N N 233 
MET CE    HE2    sing N N 234 
MET CE    HE3    sing N N 235 
MET OXT   HXT    sing N N 236 
PHE N     CA     sing N N 237 
PHE N     H      sing N N 238 
PHE N     H2     sing N N 239 
PHE CA    C      sing N N 240 
PHE CA    CB     sing N N 241 
PHE CA    HA     sing N N 242 
PHE C     O      doub N N 243 
PHE C     OXT    sing N N 244 
PHE CB    CG     sing N N 245 
PHE CB    HB2    sing N N 246 
PHE CB    HB3    sing N N 247 
PHE CG    CD1    doub Y N 248 
PHE CG    CD2    sing Y N 249 
PHE CD1   CE1    sing Y N 250 
PHE CD1   HD1    sing N N 251 
PHE CD2   CE2    doub Y N 252 
PHE CD2   HD2    sing N N 253 
PHE CE1   CZ     doub Y N 254 
PHE CE1   HE1    sing N N 255 
PHE CE2   CZ     sing Y N 256 
PHE CE2   HE2    sing N N 257 
PHE CZ    HZ     sing N N 258 
PHE OXT   HXT    sing N N 259 
PRO N     CA     sing N N 260 
PRO N     CD     sing N N 261 
PRO N     H      sing N N 262 
PRO CA    C      sing N N 263 
PRO CA    CB     sing N N 264 
PRO CA    HA     sing N N 265 
PRO C     O      doub N N 266 
PRO C     OXT    sing N N 267 
PRO CB    CG     sing N N 268 
PRO CB    HB2    sing N N 269 
PRO CB    HB3    sing N N 270 
PRO CG    CD     sing N N 271 
PRO CG    HG2    sing N N 272 
PRO CG    HG3    sing N N 273 
PRO CD    HD2    sing N N 274 
PRO CD    HD3    sing N N 275 
PRO OXT   HXT    sing N N 276 
RBF N1    C2     sing N N 277 
RBF N1    C10    doub N N 278 
RBF C2    O2     doub N N 279 
RBF C2    N3     sing N N 280 
RBF N3    C4     sing N N 281 
RBF N3    HN3    sing N N 282 
RBF C4    O4     doub N N 283 
RBF C4    C4A    sing N N 284 
RBF C4A   N5     doub N N 285 
RBF C4A   C10    sing N N 286 
RBF N5    C5A    sing N N 287 
RBF C5A   C6     doub Y N 288 
RBF C5A   C9A    sing Y N 289 
RBF C6    C7     sing Y N 290 
RBF C6    HC6    sing N N 291 
RBF C7    C7M    sing N N 292 
RBF C7    C8     doub Y N 293 
RBF C7M   HC71   sing N N 294 
RBF C7M   HC72   sing N N 295 
RBF C7M   HC73   sing N N 296 
RBF C8    C8M    sing N N 297 
RBF C8    C9     sing Y N 298 
RBF C8M   HC81   sing N N 299 
RBF C8M   HC82   sing N N 300 
RBF C8M   HC83   sing N N 301 
RBF C9    C9A    doub Y N 302 
RBF C9    HC9    sing N N 303 
RBF C9A   N10    sing N N 304 
RBF N10   C10    sing N N 305 
RBF N10   "C1'"  sing N N 306 
RBF "C1'" "C2'"  sing N N 307 
RBF "C1'" HC11   sing N N 308 
RBF "C1'" HC12   sing N N 309 
RBF "C2'" "O2'"  sing N N 310 
RBF "C2'" "C3'"  sing N N 311 
RBF "C2'" "HC2'" sing N N 312 
RBF "O2'" "HO2'" sing N N 313 
RBF "C3'" "O3'"  sing N N 314 
RBF "C3'" "C4'"  sing N N 315 
RBF "C3'" "HC3'" sing N N 316 
RBF "O3'" "HO3'" sing N N 317 
RBF "C4'" "O4'"  sing N N 318 
RBF "C4'" "C5'"  sing N N 319 
RBF "C4'" "HC4'" sing N N 320 
RBF "O4'" "HO4'" sing N N 321 
RBF "C5'" "O5'"  sing N N 322 
RBF "C5'" HC51   sing N N 323 
RBF "C5'" HC52   sing N N 324 
RBF "O5'" "HO5'" sing N N 325 
SER N     CA     sing N N 326 
SER N     H      sing N N 327 
SER N     H2     sing N N 328 
SER CA    C      sing N N 329 
SER CA    CB     sing N N 330 
SER CA    HA     sing N N 331 
SER C     O      doub N N 332 
SER C     OXT    sing N N 333 
SER CB    OG     sing N N 334 
SER CB    HB2    sing N N 335 
SER CB    HB3    sing N N 336 
SER OG    HG     sing N N 337 
SER OXT   HXT    sing N N 338 
THR N     CA     sing N N 339 
THR N     H      sing N N 340 
THR N     H2     sing N N 341 
THR CA    C      sing N N 342 
THR CA    CB     sing N N 343 
THR CA    HA     sing N N 344 
THR C     O      doub N N 345 
THR C     OXT    sing N N 346 
THR CB    OG1    sing N N 347 
THR CB    CG2    sing N N 348 
THR CB    HB     sing N N 349 
THR OG1   HG1    sing N N 350 
THR CG2   HG21   sing N N 351 
THR CG2   HG22   sing N N 352 
THR CG2   HG23   sing N N 353 
THR OXT   HXT    sing N N 354 
TRP N     CA     sing N N 355 
TRP N     H      sing N N 356 
TRP N     H2     sing N N 357 
TRP CA    C      sing N N 358 
TRP CA    CB     sing N N 359 
TRP CA    HA     sing N N 360 
TRP C     O      doub N N 361 
TRP C     OXT    sing N N 362 
TRP CB    CG     sing N N 363 
TRP CB    HB2    sing N N 364 
TRP CB    HB3    sing N N 365 
TRP CG    CD1    doub Y N 366 
TRP CG    CD2    sing Y N 367 
TRP CD1   NE1    sing Y N 368 
TRP CD1   HD1    sing N N 369 
TRP CD2   CE2    doub Y N 370 
TRP CD2   CE3    sing Y N 371 
TRP NE1   CE2    sing Y N 372 
TRP NE1   HE1    sing N N 373 
TRP CE2   CZ2    sing Y N 374 
TRP CE3   CZ3    doub Y N 375 
TRP CE3   HE3    sing N N 376 
TRP CZ2   CH2    doub Y N 377 
TRP CZ2   HZ2    sing N N 378 
TRP CZ3   CH2    sing Y N 379 
TRP CZ3   HZ3    sing N N 380 
TRP CH2   HH2    sing N N 381 
TRP OXT   HXT    sing N N 382 
VAL N     CA     sing N N 383 
VAL N     H      sing N N 384 
VAL N     H2     sing N N 385 
VAL CA    C      sing N N 386 
VAL CA    CB     sing N N 387 
VAL CA    HA     sing N N 388 
VAL C     O      doub N N 389 
VAL C     OXT    sing N N 390 
VAL CB    CG1    sing N N 391 
VAL CB    CG2    sing N N 392 
VAL CB    HB     sing N N 393 
VAL CG1   HG11   sing N N 394 
VAL CG1   HG12   sing N N 395 
VAL CG1   HG13   sing N N 396 
VAL CG2   HG21   sing N N 397 
VAL CG2   HG22   sing N N 398 
VAL CG2   HG23   sing N N 399 
VAL OXT   HXT    sing N N 400 
# 
loop_
_pdbx_entity_nonpoly.entity_id 
_pdbx_entity_nonpoly.name 
_pdbx_entity_nonpoly.comp_id 
2 RIBOFLAVIN RBF 
3 water      HOH 
# 
_pdbx_initial_refinement_model.id               1 
_pdbx_initial_refinement_model.entity_id_list   ? 
_pdbx_initial_refinement_model.type             'experimental model' 
_pdbx_initial_refinement_model.source_name      PDB 
_pdbx_initial_refinement_model.accession_code   1I8D 
_pdbx_initial_refinement_model.details          'PDB entry 1I8D' 
# 
